data_9QJ5
#
_entry.id   9QJ5
#
_cell.length_a   1.00
_cell.length_b   1.00
_cell.length_c   1.00
_cell.angle_alpha   90.00
_cell.angle_beta   90.00
_cell.angle_gamma   90.00
#
_symmetry.space_group_name_H-M   'P 1'
#
loop_
_entity.id
_entity.type
_entity.pdbx_description
1 polymer 'Complement C4-A'
2 polymer 'Complement C2'
3 non-polymer 2-acetamido-2-deoxy-beta-D-glucopyranose
4 non-polymer 'MAGNESIUM ION'
#
loop_
_entity_poly.entity_id
_entity_poly.type
_entity_poly.pdbx_seq_one_letter_code
_entity_poly.pdbx_strand_id
1 'polypeptide(L)'
;MRLLWGLIWASSFFTLSLQKPRLLLFSPSVVHLGVPLSVGVQLQDVPRGQVVKGSVFLRNPSRNNVPCSPKVDFTLSSER
DFALLSLQVPLKDAKSCGLHQLLRGPEVQLVAHSPWLKDSLSRTTNIQGINLLFSSRRGHLFLQTDQPIYNPGQRVRYRV
FALDQKMRPSTDTITVMVENSHGLRVRKKEVYMPSSIFQDDFVIPDISEPGTWKISARFSDGLESNSSTQFEVKKYVLPN
FEVKITPGKPYILTVPGHLDEMQLDIQARYIYGKPVQGVAYVRFGLLDEDGKKTFFRGLESQTKLVNGQSHISLSKAEFQ
DALEKLNMGITDLQGLRLYVAAAIIESPGGEMEEAELTSWYFVSSPFSLDLSKTKRHLVPGAPFLLQALVREMSGSPASG
IPVKVSATVSSPGSVPEVQDIQQNTDGSGQVSIPIIIPQTISELQLSVSAGSPHPAIARLTVAAPPSGGPGFLSIERPDS
RPPRVGDTLNLNLRAVGSGATFSHYYYMILSRGQIVFMNREPKRTLTSVSVFVDHHLAPSFYFVAFYYHGDHPVANSLRV
DVQAGACEGKLELSVDGAKQYRNGESVKLHLETDSLALVALGALDTALYAAGSKSHKPLNMGKVFEAMNSYDLGCGPGGG
DSALQVFQAAGLAFSDGDQWTLSRKRLSCPKEKTTRKKRNVNFQKAINEKLGQYASPTAKRCCQDGVTRLPMMRSCEQRA
ARVQQPDCREPFLSCCQFAESLRKKSRDKGQAGLQRALEILQEEDLIDEDDIPVRSFFPENWLWRVETVDRFQILTLWLP
DSLTTWEIHGLSLSKTKGLCVATPVQLRVFREFHLHLRLPMSVRRFEQLELRPVLYNYLDKNLTVSVHVSPVEGLCLAGG
GGLAQQVLVPAGSARPVAFSVVPTAAAAVSLKVVARGSFEFPVGDAVSKVLQIEKEGAIHREELVYELNPLDHRGRTLEI
PGNSDPNMIPDGDFNSYVRVTASDPLDTLGSEGALSPGGVASLLRLPRGCGEQTMIYLAPTLAASRYLDKTEQWSTLPPE
TKDHAVDLIQKGYMRIQQFRKADGSYAAWLSRDSSTWLTAFVLKVLSLAQEQVGGSPEKLQETSNWLLSQQQADGSFQDP
CPVLDRSMQGGLVGNDETVALTAFVTIALHHGLAVFQDEGAEPLKQRVEASISKANSFLGEKASAGLLGAHAAAITAYAL
TLTKAPVDLLGVAHNNLMAMAQETGDNLYWGSVTGSQSNAVSPTPAPRNPSDPMPQAPALWIETTAYALLHLLLHEGKAE
MADQASAWLTRQGSFQGGFRSTQDTVIALDALSAYWIASHTTEERGLNVTLSSTGRNGFKSHALQLNNRQIRGLEEELQF
SLGSKINVKVGGNSKGTLKVLRTYNVLDMKNTTCQDLQIEVTVKGHVEYTMEANEDYEDYEYDELPAKDDPDAPLQPVTP
LQLFEGRRNRRRREAPKVVEEQESRVHYTVCIWRNGKVGLSGMAIADVTLLSGFHALRADLEKLTSLSDRYVSHFETEGP
HVLLYFDSVPTSRECVGFEAVQEVPVGLVQPASATLYDYYNPERRCSVFYGAPSKSRLLATLCSAEVCQCAEGKCPRQRR
ALERGLQDEDGYRMKFACYYPRVEYGFQVKVLREDSRAAFRLFETKITQVLHFTKDVKAAANQMRNFLVRASCRLRLEPG
KEYLIMGLDGATYDLEGHPQYLLDSNSWIEEMPSERLCRSTRQRAACAQLNDFLQEYGTQGCQV
;
A,C,B
2 'polypeptide(L)'
;MGPLMVLFCLLFLYPGLADSAPSCPQNVNISGGTFTLSHGWAPGSLLTYSCPQGLYPSPASRLCKSSGQWQTPGATRSLS
KAVCKPVRCPAPVSFENGIYTPRLGSYPVGGNVSFECEDGFILRGSPVRQCRPNGMWDGETAVCDNGAGHCPNPGISLGA
VRTGFRFGHGDKVRYRCSSNLVLTGSSERECQGNGVWSGTEPICRQPYSYDFPEDVAPALGTSFSHMLGATNPTQKTKES
LGRKIQIQRSGHLNLYLLLDCSQSVSENDFLIFKESASLMVDRIFSFEINVSVAIITFASEPKVLMSVLNDNSRDMTEVI
SSLENANYKDHENGTGTNTYAALNSVYLMMNNQMRLLGMETMAWQEIRHAIILLTDGKSNMGGSPKTAVDHIREILNINQ
KRNDYLDIYAIGVGKLDVDWRELNELGSKKDGERHAFILQDTKALHQVFEHMLDVSKLTDTICGVGNMSANASDQERTPW
HVTIKPKSQETCRGALISDQWVLTAAHCFRDGNDHSLWRVNVGDPKSQWGKEFLIEKAVISPGFDVFAKKNQGILEFYGD
DIALLKLAQKVKMSTHARPICLPCTMEANLALRRPQGSTCRDHENELLNKQSVPAHFVALNGSKLNINLKMGVEWTSCAE
VVSQEKTMFPNLTDVREVVTDQFLCSGTQEDESPCKGESGGAVFLERRFRFFQVGLVSWGLYNPCLGSADKNSRKRAPRS
KVPPPRDFHINLFRMQPWLRQHLGDVLNFLPL
;
D
#
loop_
_chem_comp.id
_chem_comp.type
_chem_comp.name
_chem_comp.formula
MG non-polymer 'MAGNESIUM ION' 'Mg 2'
NAG D-saccharide, beta linking 2-acetamido-2-deoxy-beta-D-glucopyranose 'C8 H15 N O6'
#
# COMPACT_ATOMS: atom_id res chain seq x y z
N LYS A 20 -37.16 -22.82 60.98
CA LYS A 20 -37.98 -21.72 60.45
C LYS A 20 -37.14 -20.51 60.01
N PRO A 21 -36.25 -19.99 60.86
CA PRO A 21 -35.38 -18.89 60.40
C PRO A 21 -34.45 -19.35 59.30
N ARG A 22 -34.10 -18.42 58.42
CA ARG A 22 -33.29 -18.74 57.25
C ARG A 22 -32.37 -17.58 56.93
N LEU A 23 -31.28 -17.90 56.23
CA LEU A 23 -30.36 -16.90 55.70
C LEU A 23 -30.15 -17.18 54.23
N LEU A 24 -30.38 -16.17 53.40
CA LEU A 24 -30.31 -16.33 51.95
C LEU A 24 -28.99 -15.79 51.42
N LEU A 25 -28.43 -16.49 50.44
CA LEU A 25 -27.16 -16.12 49.82
C LEU A 25 -27.36 -15.99 48.31
N PHE A 26 -27.26 -14.76 47.80
CA PHE A 26 -27.41 -14.48 46.38
C PHE A 26 -26.08 -13.99 45.82
N SER A 27 -25.69 -14.55 44.69
CA SER A 27 -24.45 -14.18 44.02
C SER A 27 -24.46 -14.68 42.58
N PRO A 28 -23.78 -14.01 41.66
CA PRO A 28 -23.72 -14.50 40.27
C PRO A 28 -23.09 -15.88 40.20
N SER A 29 -23.58 -16.68 39.26
CA SER A 29 -23.08 -18.04 39.10
C SER A 29 -21.62 -18.07 38.67
N VAL A 30 -21.11 -17.00 38.07
CA VAL A 30 -19.72 -16.92 37.61
C VAL A 30 -19.08 -15.70 38.24
N VAL A 31 -17.91 -15.90 38.84
CA VAL A 31 -17.16 -14.82 39.48
C VAL A 31 -15.96 -14.49 38.60
N HIS A 32 -15.82 -13.20 38.27
CA HIS A 32 -14.73 -12.74 37.42
C HIS A 32 -13.63 -12.15 38.28
N LEU A 33 -12.38 -12.55 38.02
CA LEU A 33 -11.26 -12.11 38.84
C LEU A 33 -10.91 -10.66 38.56
N GLY A 34 -10.44 -9.97 39.60
CA GLY A 34 -9.99 -8.61 39.48
C GLY A 34 -11.07 -7.56 39.44
N VAL A 35 -12.33 -7.94 39.57
CA VAL A 35 -13.43 -6.99 39.53
C VAL A 35 -14.36 -7.25 40.71
N PRO A 36 -15.04 -6.24 41.25
CA PRO A 36 -15.87 -6.45 42.44
C PRO A 36 -16.99 -7.45 42.18
N LEU A 37 -17.30 -8.25 43.20
CA LEU A 37 -18.39 -9.21 43.16
C LEU A 37 -19.50 -8.74 44.09
N SER A 38 -20.74 -8.78 43.58
CA SER A 38 -21.91 -8.40 44.36
C SER A 38 -22.54 -9.64 44.96
N VAL A 39 -22.74 -9.63 46.27
CA VAL A 39 -23.31 -10.76 47.00
C VAL A 39 -24.57 -10.28 47.72
N GLY A 40 -25.69 -10.97 47.48
CA GLY A 40 -26.93 -10.65 48.15
C GLY A 40 -27.11 -11.53 49.38
N VAL A 41 -27.49 -10.90 50.50
CA VAL A 41 -27.67 -11.58 51.76
C VAL A 41 -29.03 -11.19 52.34
N GLN A 42 -29.66 -12.12 53.04
CA GLN A 42 -31.06 -11.94 53.43
C GLN A 42 -31.39 -12.86 54.60
N LEU A 43 -32.36 -12.42 55.40
CA LEU A 43 -32.92 -13.19 56.50
C LEU A 43 -34.39 -13.50 56.25
N GLN A 44 -35.01 -14.19 57.21
CA GLN A 44 -36.44 -14.46 57.21
C GLN A 44 -36.87 -14.98 58.57
N ASP A 45 -38.10 -14.66 58.95
CA ASP A 45 -38.74 -15.21 60.15
C ASP A 45 -37.87 -15.03 61.38
N VAL A 46 -37.23 -13.87 61.47
CA VAL A 46 -36.32 -13.55 62.57
C VAL A 46 -37.08 -12.66 63.55
N PRO A 47 -36.87 -12.83 64.86
CA PRO A 47 -37.57 -11.98 65.82
C PRO A 47 -37.27 -10.50 65.60
N ARG A 48 -38.25 -9.66 65.92
CA ARG A 48 -38.17 -8.25 65.59
C ARG A 48 -36.96 -7.59 66.25
N GLY A 49 -36.70 -7.91 67.52
CA GLY A 49 -35.54 -7.36 68.21
C GLY A 49 -34.25 -8.09 67.95
N GLN A 50 -34.29 -9.19 67.23
CA GLN A 50 -33.09 -9.99 66.97
C GLN A 50 -32.23 -9.34 65.88
N VAL A 51 -30.91 -9.47 66.05
CA VAL A 51 -29.94 -8.99 65.08
C VAL A 51 -28.92 -10.10 64.83
N VAL A 52 -28.22 -10.00 63.71
CA VAL A 52 -27.22 -10.99 63.34
C VAL A 52 -25.93 -10.30 62.96
N LYS A 53 -24.82 -11.04 63.12
CA LYS A 53 -23.49 -10.59 62.75
C LYS A 53 -22.81 -11.69 61.96
N GLY A 54 -21.92 -11.30 61.06
CA GLY A 54 -21.17 -12.28 60.29
C GLY A 54 -20.35 -11.63 59.22
N SER A 55 -19.62 -12.47 58.49
CA SER A 55 -18.77 -12.04 57.39
C SER A 55 -18.91 -13.03 56.24
N VAL A 56 -18.79 -12.51 55.02
CA VAL A 56 -18.84 -13.31 53.81
C VAL A 56 -17.50 -13.16 53.08
N PHE A 57 -16.94 -14.28 52.64
CA PHE A 57 -15.67 -14.27 51.92
C PHE A 57 -15.60 -15.47 51.00
N LEU A 58 -14.80 -15.32 49.93
CA LEU A 58 -14.55 -16.42 49.00
C LEU A 58 -13.53 -17.37 49.61
N ARG A 59 -13.88 -18.64 49.71
CA ARG A 59 -12.99 -19.66 50.21
C ARG A 59 -12.37 -20.45 49.06
N ASN A 60 -11.36 -21.25 49.41
CA ASN A 60 -10.63 -22.04 48.43
C ASN A 60 -11.53 -23.10 47.81
N PRO A 61 -11.18 -23.61 46.63
CA PRO A 61 -12.03 -24.64 45.98
C PRO A 61 -12.13 -25.95 46.74
N SER A 62 -11.65 -26.00 47.99
CA SER A 62 -11.66 -27.11 48.93
C SER A 62 -10.59 -28.14 48.59
N ARG A 63 -9.83 -27.98 47.51
CA ARG A 63 -8.63 -28.79 47.33
C ARG A 63 -7.61 -28.48 48.41
N ASN A 64 -7.46 -27.19 48.72
CA ASN A 64 -6.81 -26.69 49.94
C ASN A 64 -7.81 -25.77 50.63
N ASN A 65 -7.43 -25.20 51.76
CA ASN A 65 -8.31 -24.30 52.50
C ASN A 65 -7.56 -23.02 52.85
N VAL A 66 -7.65 -22.02 51.99
CA VAL A 66 -7.08 -20.70 52.21
C VAL A 66 -8.10 -19.65 51.75
N PRO A 67 -8.40 -18.64 52.55
CA PRO A 67 -9.31 -17.58 52.09
C PRO A 67 -8.74 -16.87 50.86
N CYS A 68 -9.64 -16.51 49.95
CA CYS A 68 -9.25 -15.91 48.67
C CYS A 68 -9.75 -14.48 48.52
N SER A 69 -10.33 -13.90 49.56
CA SER A 69 -10.85 -12.54 49.48
C SER A 69 -10.92 -11.98 50.89
N PRO A 70 -10.74 -10.66 51.05
CA PRO A 70 -10.88 -10.07 52.38
C PRO A 70 -12.31 -10.19 52.88
N LYS A 71 -12.44 -10.36 54.19
CA LYS A 71 -13.76 -10.51 54.79
C LYS A 71 -14.49 -9.17 54.80
N VAL A 72 -15.78 -9.22 54.51
CA VAL A 72 -16.65 -8.05 54.53
C VAL A 72 -17.81 -8.32 55.46
N ASP A 73 -18.06 -7.42 56.39
CA ASP A 73 -19.08 -7.61 57.40
C ASP A 73 -20.45 -7.21 56.87
N PHE A 74 -21.49 -7.73 57.52
CA PHE A 74 -22.86 -7.33 57.24
C PHE A 74 -23.66 -7.30 58.54
N THR A 75 -24.47 -6.26 58.70
CA THR A 75 -25.26 -6.04 59.91
C THR A 75 -26.71 -5.93 59.50
N LEU A 76 -27.48 -7.00 59.68
CA LEU A 76 -28.84 -7.09 59.19
C LEU A 76 -29.79 -7.43 60.35
N SER A 77 -30.98 -6.85 60.30
CA SER A 77 -31.97 -7.07 61.36
C SER A 77 -33.37 -7.30 60.78
N SER A 78 -34.38 -7.23 61.64
CA SER A 78 -35.76 -7.47 61.18
C SER A 78 -36.24 -6.35 60.27
N GLU A 79 -36.05 -5.09 60.68
CA GLU A 79 -36.54 -3.98 59.87
C GLU A 79 -35.71 -3.81 58.60
N ARG A 80 -34.44 -4.17 58.64
CA ARG A 80 -33.56 -4.15 57.47
C ARG A 80 -33.06 -5.58 57.30
N ASP A 81 -33.77 -6.36 56.49
CA ASP A 81 -33.48 -7.77 56.31
C ASP A 81 -32.75 -8.07 55.01
N PHE A 82 -32.27 -7.05 54.31
CA PHE A 82 -31.54 -7.22 53.06
C PHE A 82 -30.42 -6.19 52.98
N ALA A 83 -29.40 -6.53 52.21
CA ALA A 83 -28.28 -5.63 51.94
C ALA A 83 -27.46 -6.21 50.81
N LEU A 84 -26.92 -5.33 49.97
CA LEU A 84 -26.07 -5.73 48.86
C LEU A 84 -24.61 -5.45 49.24
N LEU A 85 -23.80 -6.50 49.27
CA LEU A 85 -22.40 -6.40 49.65
C LEU A 85 -21.52 -6.45 48.41
N SER A 86 -20.68 -5.43 48.26
CA SER A 86 -19.72 -5.38 47.14
C SER A 86 -18.46 -6.08 47.60
N LEU A 87 -18.43 -7.40 47.44
CA LEU A 87 -17.29 -8.21 47.85
C LEU A 87 -16.19 -8.12 46.79
N GLN A 88 -14.99 -7.74 47.21
CA GLN A 88 -13.87 -7.59 46.30
C GLN A 88 -13.06 -8.88 46.24
N VAL A 89 -12.54 -9.18 45.06
CA VAL A 89 -11.73 -10.38 44.85
C VAL A 89 -10.40 -9.97 44.22
N PRO A 90 -9.43 -9.55 45.03
CA PRO A 90 -8.13 -9.12 44.47
C PRO A 90 -7.40 -10.29 43.82
N LEU A 91 -6.58 -9.95 42.83
CA LEU A 91 -5.87 -10.98 42.07
C LEU A 91 -4.78 -11.63 42.93
N LYS A 92 -4.15 -10.88 43.82
CA LYS A 92 -3.09 -11.42 44.66
C LYS A 92 -3.62 -12.54 45.55
N ASP A 93 -4.77 -12.30 46.20
CA ASP A 93 -5.35 -13.32 47.06
C ASP A 93 -5.76 -14.55 46.28
N ALA A 94 -6.35 -14.35 45.09
CA ALA A 94 -6.76 -15.48 44.27
C ALA A 94 -5.54 -16.32 43.86
N LYS A 95 -4.45 -15.66 43.48
CA LYS A 95 -3.23 -16.39 43.12
C LYS A 95 -2.65 -17.12 44.32
N SER A 96 -2.61 -16.47 45.48
CA SER A 96 -1.94 -17.05 46.64
C SER A 96 -2.72 -18.22 47.22
N CYS A 97 -4.04 -18.07 47.36
CA CYS A 97 -4.84 -19.10 48.02
C CYS A 97 -4.89 -20.40 47.21
N GLY A 98 -4.68 -20.35 45.90
CA GLY A 98 -4.52 -21.57 45.13
C GLY A 98 -5.49 -21.78 43.99
N LEU A 99 -6.18 -20.73 43.55
CA LEU A 99 -7.05 -20.87 42.39
C LEU A 99 -6.27 -21.16 41.12
N HIS A 100 -5.07 -20.57 40.99
CA HIS A 100 -4.24 -20.84 39.84
C HIS A 100 -3.67 -22.26 39.85
N GLN A 101 -3.60 -22.89 41.02
CA GLN A 101 -3.13 -24.27 41.15
C GLN A 101 -4.27 -25.28 41.14
N LEU A 102 -5.46 -24.87 40.69
CA LEU A 102 -6.62 -25.75 40.69
C LEU A 102 -6.51 -26.79 39.58
N LEU A 103 -7.21 -27.90 39.77
CA LEU A 103 -7.23 -29.00 38.81
C LEU A 103 -8.65 -29.23 38.31
N ARG A 104 -8.74 -29.95 37.19
CA ARG A 104 -9.99 -30.25 36.49
C ARG A 104 -10.61 -28.91 36.10
N GLY A 105 -11.89 -28.65 36.41
CA GLY A 105 -12.55 -27.43 36.03
C GLY A 105 -12.22 -26.26 36.94
N PRO A 106 -12.56 -25.05 36.47
CA PRO A 106 -12.39 -23.81 37.26
C PRO A 106 -13.54 -23.46 38.20
N GLU A 107 -13.57 -24.11 39.36
CA GLU A 107 -14.58 -23.82 40.38
C GLU A 107 -13.96 -23.02 41.53
N VAL A 108 -14.85 -22.49 42.37
CA VAL A 108 -14.45 -21.81 43.60
C VAL A 108 -15.67 -21.83 44.53
N GLN A 109 -15.43 -21.62 45.82
CA GLN A 109 -16.49 -21.66 46.82
C GLN A 109 -16.65 -20.30 47.47
N LEU A 110 -17.88 -19.81 47.53
CA LEU A 110 -18.24 -18.63 48.29
C LEU A 110 -19.15 -19.04 49.44
N VAL A 111 -18.74 -18.68 50.66
CA VAL A 111 -19.47 -19.07 51.86
C VAL A 111 -19.68 -17.85 52.73
N ALA A 112 -20.72 -17.91 53.57
CA ALA A 112 -21.01 -16.88 54.55
C ALA A 112 -20.85 -17.48 55.94
N HIS A 113 -20.03 -16.84 56.77
CA HIS A 113 -19.73 -17.33 58.12
C HIS A 113 -20.41 -16.43 59.13
N SER A 114 -21.20 -17.03 60.02
CA SER A 114 -21.92 -16.28 61.04
C SER A 114 -22.32 -17.23 62.15
N PRO A 115 -22.16 -16.85 63.42
CA PRO A 115 -22.61 -17.73 64.52
C PRO A 115 -24.12 -17.82 64.67
N TRP A 116 -24.88 -17.11 63.85
CA TRP A 116 -26.34 -17.15 63.96
C TRP A 116 -26.88 -18.54 63.67
N LEU A 117 -26.27 -19.26 62.73
CA LEU A 117 -26.75 -20.59 62.37
C LEU A 117 -26.72 -21.53 63.56
N LYS A 118 -25.58 -21.63 64.24
CA LYS A 118 -25.46 -22.51 65.40
C LYS A 118 -26.38 -22.05 66.53
N ASP A 119 -26.45 -20.74 66.76
CA ASP A 119 -27.24 -20.22 67.87
C ASP A 119 -28.72 -20.49 67.69
N SER A 120 -29.24 -20.31 66.47
CA SER A 120 -30.68 -20.39 66.23
C SER A 120 -31.10 -21.75 65.66
N LEU A 121 -30.56 -22.13 64.52
CA LEU A 121 -30.95 -23.38 63.87
C LEU A 121 -30.26 -24.59 64.45
N SER A 122 -29.29 -24.40 65.35
CA SER A 122 -28.51 -25.50 65.93
C SER A 122 -27.87 -26.36 64.84
N ARG A 123 -27.38 -25.71 63.79
CA ARG A 123 -26.73 -26.42 62.70
C ARG A 123 -25.35 -26.93 63.13
N THR A 124 -24.93 -28.03 62.50
CA THR A 124 -23.65 -28.62 62.85
C THR A 124 -22.48 -27.70 62.54
N THR A 125 -22.62 -26.84 61.54
CA THR A 125 -21.57 -25.91 61.15
C THR A 125 -22.17 -24.52 60.97
N ASN A 126 -21.33 -23.50 61.18
CA ASN A 126 -21.72 -22.11 60.98
C ASN A 126 -21.35 -21.61 59.59
N ILE A 127 -21.28 -22.49 58.60
CA ILE A 127 -20.86 -22.15 57.25
C ILE A 127 -22.01 -22.49 56.30
N GLN A 128 -22.42 -21.50 55.51
CA GLN A 128 -23.39 -21.68 54.44
C GLN A 128 -22.81 -21.08 53.18
N GLY A 129 -22.81 -21.84 52.08
CA GLY A 129 -22.12 -21.40 50.89
C GLY A 129 -22.72 -21.95 49.62
N ILE A 130 -22.12 -21.52 48.49
CA ILE A 130 -22.55 -21.91 47.17
C ILE A 130 -21.32 -22.30 46.35
N ASN A 131 -21.56 -23.02 45.25
CA ASN A 131 -20.52 -23.42 44.33
C ASN A 131 -20.53 -22.50 43.12
N LEU A 132 -19.37 -21.94 42.78
CA LEU A 132 -19.27 -20.95 41.73
C LEU A 132 -18.12 -21.30 40.78
N LEU A 133 -18.23 -20.82 39.55
CA LEU A 133 -17.18 -20.94 38.56
C LEU A 133 -16.43 -19.62 38.48
N PHE A 134 -15.10 -19.68 38.49
CA PHE A 134 -14.26 -18.50 38.45
C PHE A 134 -13.58 -18.41 37.09
N SER A 135 -13.70 -17.25 36.45
CA SER A 135 -13.12 -17.01 35.14
C SER A 135 -12.33 -15.71 35.17
N SER A 136 -11.17 -15.72 34.52
CA SER A 136 -10.27 -14.56 34.56
C SER A 136 -10.66 -13.47 33.57
N ARG A 137 -11.65 -13.69 32.72
CA ARG A 137 -12.07 -12.68 31.76
C ARG A 137 -12.59 -11.44 32.49
N ARG A 138 -12.11 -10.27 32.07
CA ARG A 138 -12.52 -9.02 32.68
C ARG A 138 -12.29 -7.89 31.69
N GLY A 139 -12.97 -6.77 31.93
CA GLY A 139 -12.78 -5.58 31.12
C GLY A 139 -13.24 -5.72 29.68
N HIS A 140 -13.35 -4.59 28.98
CA HIS A 140 -13.70 -4.58 27.56
C HIS A 140 -12.51 -4.08 26.77
N LEU A 141 -12.13 -4.84 25.74
CA LEU A 141 -11.03 -4.48 24.85
C LEU A 141 -11.57 -4.32 23.43
N PHE A 142 -11.38 -3.14 22.86
CA PHE A 142 -11.75 -2.87 21.48
C PHE A 142 -10.50 -2.48 20.70
N LEU A 143 -10.44 -2.90 19.44
CA LEU A 143 -9.28 -2.60 18.61
C LEU A 143 -9.71 -2.56 17.15
N GLN A 144 -9.16 -1.60 16.41
CA GLN A 144 -9.45 -1.41 15.01
C GLN A 144 -8.16 -1.21 14.23
N THR A 145 -8.17 -1.63 12.97
CA THR A 145 -6.98 -1.61 12.13
C THR A 145 -7.02 -0.42 11.17
N ASP A 146 -5.92 -0.26 10.45
CA ASP A 146 -5.80 0.85 9.50
C ASP A 146 -6.83 0.72 8.37
N GLN A 147 -6.87 -0.44 7.72
CA GLN A 147 -7.77 -0.69 6.61
C GLN A 147 -8.36 -2.07 6.75
N PRO A 148 -9.56 -2.32 6.19
CA PRO A 148 -10.08 -3.69 6.16
C PRO A 148 -9.23 -4.64 5.34
N ILE A 149 -8.59 -4.16 4.27
CA ILE A 149 -7.85 -5.00 3.34
C ILE A 149 -6.50 -4.35 3.04
N TYR A 150 -5.46 -5.19 2.95
CA TYR A 150 -4.11 -4.71 2.65
C TYR A 150 -3.49 -5.57 1.56
N ASN A 151 -2.53 -4.98 0.85
CA ASN A 151 -1.68 -5.72 -0.07
C ASN A 151 -0.52 -6.36 0.70
N PRO A 152 0.06 -7.44 0.18
CA PRO A 152 1.31 -7.95 0.75
C PRO A 152 2.40 -6.90 0.63
N GLY A 153 3.23 -6.82 1.67
CA GLY A 153 4.28 -5.82 1.71
C GLY A 153 3.83 -4.43 2.05
N GLN A 154 2.61 -4.26 2.54
CA GLN A 154 2.05 -2.97 2.89
C GLN A 154 2.03 -2.81 4.40
N ARG A 155 2.43 -1.64 4.88
CA ARG A 155 2.45 -1.40 6.32
C ARG A 155 1.05 -1.43 6.90
N VAL A 156 0.90 -2.11 8.02
CA VAL A 156 -0.38 -2.28 8.70
C VAL A 156 -0.31 -1.54 10.03
N ARG A 157 -1.29 -0.67 10.26
CA ARG A 157 -1.40 0.08 11.51
C ARG A 157 -2.63 -0.36 12.28
N TYR A 158 -2.54 -0.35 13.60
CA TYR A 158 -3.64 -0.75 14.45
C TYR A 158 -3.48 -0.11 15.81
N ARG A 159 -4.56 -0.16 16.59
CA ARG A 159 -4.56 0.36 17.96
C ARG A 159 -5.65 -0.36 18.75
N VAL A 160 -5.42 -0.49 20.06
CA VAL A 160 -6.36 -1.14 20.95
C VAL A 160 -6.75 -0.15 22.05
N PHE A 161 -7.94 -0.32 22.58
CA PHE A 161 -8.44 0.48 23.68
C PHE A 161 -8.71 -0.42 24.88
N ALA A 162 -8.27 0.02 26.05
CA ALA A 162 -8.44 -0.73 27.29
C ALA A 162 -9.53 -0.06 28.12
N LEU A 163 -10.52 -0.85 28.53
CA LEU A 163 -11.65 -0.34 29.29
C LEU A 163 -12.03 -1.34 30.38
N ASP A 164 -12.43 -0.82 31.54
CA ASP A 164 -12.85 -1.67 32.64
C ASP A 164 -14.29 -2.10 32.44
N GLN A 165 -14.92 -2.59 33.51
CA GLN A 165 -16.28 -3.13 33.40
C GLN A 165 -17.27 -2.05 32.98
N LYS A 166 -17.13 -0.84 33.54
CA LYS A 166 -18.03 0.27 33.24
C LYS A 166 -17.62 1.04 31.99
N MET A 167 -16.83 0.42 31.12
CA MET A 167 -16.17 1.08 29.99
C MET A 167 -15.60 2.44 30.37
N ARG A 168 -14.95 2.47 31.50
CA ARG A 168 -14.09 3.63 31.68
C ARG A 168 -12.68 3.27 31.22
N PRO A 169 -11.90 4.24 30.73
CA PRO A 169 -10.54 3.91 30.28
C PRO A 169 -9.74 3.24 31.37
N SER A 170 -9.02 2.18 31.00
CA SER A 170 -8.32 1.34 31.94
C SER A 170 -6.82 1.40 31.68
N THR A 171 -6.04 1.45 32.76
CA THR A 171 -4.60 1.58 32.69
C THR A 171 -3.87 0.25 32.86
N ASP A 172 -4.60 -0.87 32.95
CA ASP A 172 -3.95 -2.16 33.15
C ASP A 172 -3.13 -2.56 31.94
N THR A 173 -1.99 -3.19 32.19
CA THR A 173 -1.10 -3.59 31.11
C THR A 173 -1.70 -4.72 30.29
N ILE A 174 -1.47 -4.68 28.98
CA ILE A 174 -2.05 -5.62 28.04
C ILE A 174 -0.97 -6.18 27.13
N THR A 175 -1.22 -7.38 26.59
CA THR A 175 -0.26 -8.10 25.75
C THR A 175 -0.95 -8.42 24.42
N VAL A 176 -0.70 -7.59 23.40
CA VAL A 176 -1.27 -7.82 22.08
C VAL A 176 -0.46 -8.90 21.36
N MET A 177 -1.02 -9.42 20.28
CA MET A 177 -0.33 -10.39 19.43
C MET A 177 -0.97 -10.36 18.05
N VAL A 178 -0.22 -10.83 17.06
CA VAL A 178 -0.68 -10.87 15.68
C VAL A 178 -0.48 -12.29 15.14
N GLU A 179 -1.54 -12.85 14.58
CA GLU A 179 -1.50 -14.17 13.96
C GLU A 179 -1.80 -14.02 12.48
N ASN A 180 -0.96 -14.61 11.64
CA ASN A 180 -1.08 -14.45 10.20
C ASN A 180 -2.20 -15.33 9.66
N SER A 181 -2.27 -15.45 8.33
CA SER A 181 -3.37 -16.18 7.71
C SER A 181 -3.37 -17.65 8.11
N HIS A 182 -2.17 -18.28 8.15
CA HIS A 182 -2.10 -19.68 8.54
C HIS A 182 -2.42 -19.90 10.01
N GLY A 183 -2.40 -18.85 10.82
CA GLY A 183 -2.63 -18.97 12.24
C GLY A 183 -1.38 -18.92 13.10
N LEU A 184 -0.22 -18.70 12.50
CA LEU A 184 1.03 -18.62 13.25
C LEU A 184 1.25 -17.22 13.79
N ARG A 185 1.68 -17.12 15.04
CA ARG A 185 1.96 -15.82 15.64
C ARG A 185 3.12 -15.15 14.91
N VAL A 186 3.03 -13.83 14.76
CA VAL A 186 4.02 -13.06 14.04
C VAL A 186 4.61 -11.99 14.96
N ARG A 187 3.82 -11.55 15.93
CA ARG A 187 4.23 -10.43 16.77
C ARG A 187 3.63 -10.60 18.16
N LYS A 188 4.22 -9.88 19.13
CA LYS A 188 3.71 -9.85 20.49
C LYS A 188 4.31 -8.67 21.25
N LYS A 189 3.47 -7.88 21.91
CA LYS A 189 3.93 -6.69 22.63
C LYS A 189 3.23 -6.63 23.98
N GLU A 190 4.01 -6.59 25.05
CA GLU A 190 3.50 -6.35 26.40
C GLU A 190 3.69 -4.87 26.69
N VAL A 191 2.59 -4.11 26.69
CA VAL A 191 2.63 -2.66 26.70
C VAL A 191 1.88 -2.15 27.92
N TYR A 192 2.50 -1.20 28.62
CA TYR A 192 1.79 -0.48 29.68
C TYR A 192 0.75 0.45 29.08
N MET A 193 -0.21 0.86 29.91
CA MET A 193 -1.35 1.66 29.49
C MET A 193 -1.35 2.97 30.28
N PRO A 194 -0.67 4.00 29.79
CA PRO A 194 -0.80 5.32 30.40
C PRO A 194 -2.06 6.06 29.95
N SER A 195 -2.43 5.87 28.68
CA SER A 195 -3.53 6.62 28.08
C SER A 195 -4.66 5.73 27.57
N SER A 196 -4.63 4.43 27.89
CA SER A 196 -5.65 3.45 27.51
C SER A 196 -5.73 3.22 26.01
N ILE A 197 -4.78 3.76 25.24
CA ILE A 197 -4.69 3.54 23.80
C ILE A 197 -3.26 3.16 23.47
N PHE A 198 -3.09 2.16 22.60
CA PHE A 198 -1.77 1.66 22.23
C PHE A 198 -1.70 1.55 20.71
N GLN A 199 -1.00 2.50 20.08
CA GLN A 199 -0.81 2.49 18.65
C GLN A 199 0.47 1.72 18.30
N ASP A 200 0.45 1.08 17.13
CA ASP A 200 1.52 0.18 16.74
C ASP A 200 1.38 -0.05 15.25
N ASP A 201 2.49 -0.47 14.62
CA ASP A 201 2.48 -0.74 13.19
C ASP A 201 3.45 -1.88 12.90
N PHE A 202 3.19 -2.59 11.82
CA PHE A 202 4.07 -3.66 11.35
C PHE A 202 3.82 -3.86 9.86
N VAL A 203 4.75 -4.56 9.22
CA VAL A 203 4.75 -4.73 7.77
C VAL A 203 4.42 -6.18 7.45
N ILE A 204 3.43 -6.37 6.58
CA ILE A 204 3.10 -7.72 6.10
C ILE A 204 4.25 -8.23 5.23
N PRO A 205 4.66 -9.50 5.36
CA PRO A 205 5.69 -10.02 4.46
C PRO A 205 5.27 -9.92 3.00
N ASP A 206 6.24 -9.61 2.14
CA ASP A 206 5.98 -9.45 0.72
C ASP A 206 5.63 -10.76 0.02
N ILE A 207 5.85 -11.90 0.68
CA ILE A 207 5.58 -13.20 0.11
C ILE A 207 4.37 -13.87 0.76
N SER A 208 3.60 -13.12 1.54
CA SER A 208 2.45 -13.69 2.23
C SER A 208 1.32 -13.95 1.26
N GLU A 209 0.75 -15.15 1.33
CA GLU A 209 -0.37 -15.54 0.49
C GLU A 209 -1.65 -14.86 0.98
N PRO A 210 -2.66 -14.73 0.11
CA PRO A 210 -3.93 -14.13 0.54
C PRO A 210 -4.55 -14.91 1.70
N GLY A 211 -5.16 -14.16 2.61
CA GLY A 211 -5.78 -14.76 3.78
C GLY A 211 -6.31 -13.69 4.70
N THR A 212 -6.93 -14.16 5.79
CA THR A 212 -7.53 -13.29 6.79
C THR A 212 -6.67 -13.35 8.06
N TRP A 213 -5.85 -12.32 8.26
CA TRP A 213 -5.02 -12.24 9.46
C TRP A 213 -5.89 -11.93 10.68
N LYS A 214 -5.27 -12.00 11.86
CA LYS A 214 -5.98 -11.77 13.10
C LYS A 214 -5.06 -11.09 14.11
N ILE A 215 -5.58 -10.07 14.78
CA ILE A 215 -4.87 -9.36 15.83
C ILE A 215 -5.64 -9.54 17.13
N SER A 216 -4.96 -10.05 18.15
CA SER A 216 -5.58 -10.33 19.43
C SER A 216 -4.95 -9.48 20.52
N ALA A 217 -5.75 -9.10 21.51
CA ALA A 217 -5.29 -8.31 22.64
C ALA A 217 -5.88 -8.88 23.91
N ARG A 218 -5.04 -9.05 24.93
CA ARG A 218 -5.46 -9.57 26.21
C ARG A 218 -4.91 -8.69 27.32
N PHE A 219 -5.61 -8.67 28.45
CA PHE A 219 -5.03 -8.11 29.65
C PHE A 219 -3.94 -9.05 30.16
N SER A 220 -2.88 -8.46 30.70
CA SER A 220 -1.70 -9.27 31.06
C SER A 220 -2.06 -10.32 32.11
N ASP A 221 -2.82 -9.95 33.13
CA ASP A 221 -3.20 -10.88 34.18
C ASP A 221 -4.50 -11.61 33.90
N GLY A 222 -5.21 -11.26 32.82
CA GLY A 222 -6.41 -11.95 32.44
C GLY A 222 -6.17 -12.90 31.29
N LEU A 223 -6.14 -14.21 31.58
CA LEU A 223 -5.78 -15.18 30.55
C LEU A 223 -6.90 -15.33 29.52
N GLU A 224 -8.16 -15.30 29.96
CA GLU A 224 -9.30 -15.57 29.10
C GLU A 224 -9.89 -14.33 28.46
N SER A 225 -9.34 -13.15 28.74
CA SER A 225 -9.92 -11.90 28.24
C SER A 225 -9.27 -11.48 26.92
N ASN A 226 -9.40 -12.34 25.92
CA ASN A 226 -8.83 -12.09 24.60
C ASN A 226 -9.91 -11.54 23.68
N SER A 227 -9.74 -10.30 23.25
CA SER A 227 -10.60 -9.66 22.27
C SER A 227 -9.78 -9.41 21.00
N SER A 228 -10.33 -9.80 19.85
CA SER A 228 -9.56 -9.84 18.61
C SER A 228 -10.31 -9.16 17.48
N THR A 229 -9.55 -8.68 16.50
CA THR A 229 -10.08 -8.16 15.26
C THR A 229 -9.35 -8.83 14.10
N GLN A 230 -9.99 -8.82 12.93
CA GLN A 230 -9.44 -9.50 11.77
C GLN A 230 -9.41 -8.54 10.58
N PHE A 231 -8.37 -8.66 9.77
CA PHE A 231 -8.26 -7.95 8.51
C PHE A 231 -7.82 -8.92 7.42
N GLU A 232 -8.19 -8.61 6.18
CA GLU A 232 -7.93 -9.49 5.05
C GLU A 232 -6.72 -8.98 4.28
N VAL A 233 -5.87 -9.92 3.85
CA VAL A 233 -4.73 -9.64 3.00
C VAL A 233 -4.97 -10.31 1.66
N LYS A 234 -4.81 -9.55 0.58
CA LYS A 234 -5.09 -10.07 -0.75
C LYS A 234 -4.28 -9.28 -1.77
N LYS A 235 -3.78 -9.98 -2.79
CA LYS A 235 -3.08 -9.32 -3.90
C LYS A 235 -4.14 -8.66 -4.78
N TYR A 236 -4.21 -7.33 -4.70
CA TYR A 236 -5.24 -6.58 -5.41
C TYR A 236 -4.69 -5.22 -5.78
N VAL A 237 -5.47 -4.50 -6.58
CA VAL A 237 -5.22 -3.10 -6.90
C VAL A 237 -6.52 -2.34 -6.69
N LEU A 238 -6.41 -1.06 -6.40
CA LEU A 238 -7.58 -0.27 -6.02
C LEU A 238 -8.57 -0.15 -7.17
N PRO A 239 -9.82 -0.56 -7.00
CA PRO A 239 -10.80 -0.40 -8.07
C PRO A 239 -11.23 1.05 -8.23
N ASN A 240 -11.70 1.37 -9.42
CA ASN A 240 -12.20 2.70 -9.71
C ASN A 240 -13.71 2.82 -9.54
N PHE A 241 -14.44 1.71 -9.58
CA PHE A 241 -15.88 1.73 -9.41
C PHE A 241 -16.33 0.41 -8.80
N GLU A 242 -17.51 0.44 -8.19
CA GLU A 242 -18.07 -0.73 -7.54
C GLU A 242 -19.42 -1.09 -8.17
N VAL A 243 -19.71 -2.38 -8.22
CA VAL A 243 -20.92 -2.89 -8.83
C VAL A 243 -21.77 -3.56 -7.74
N LYS A 244 -23.05 -3.21 -7.70
CA LYS A 244 -23.99 -3.78 -6.75
C LYS A 244 -25.15 -4.40 -7.51
N ILE A 245 -25.52 -5.62 -7.13
CA ILE A 245 -26.68 -6.32 -7.70
C ILE A 245 -27.74 -6.38 -6.61
N THR A 246 -28.84 -5.67 -6.83
CA THR A 246 -29.94 -5.63 -5.87
C THR A 246 -31.15 -6.36 -6.44
N PRO A 247 -31.57 -7.48 -5.86
CA PRO A 247 -32.75 -8.17 -6.38
C PRO A 247 -34.01 -7.33 -6.20
N GLY A 248 -34.99 -7.55 -7.08
CA GLY A 248 -36.26 -6.87 -6.93
C GLY A 248 -36.92 -7.18 -5.60
N LYS A 249 -36.89 -8.44 -5.19
CA LYS A 249 -37.34 -8.87 -3.88
C LYS A 249 -36.32 -9.83 -3.31
N PRO A 250 -35.98 -9.72 -2.03
CA PRO A 250 -34.92 -10.56 -1.46
C PRO A 250 -35.36 -12.00 -1.23
N TYR A 251 -36.53 -12.37 -1.74
CA TYR A 251 -37.06 -13.71 -1.58
C TYR A 251 -37.65 -14.18 -2.90
N ILE A 252 -37.72 -15.50 -3.05
CA ILE A 252 -38.34 -16.13 -4.21
C ILE A 252 -39.40 -17.11 -3.69
N LEU A 253 -40.66 -16.87 -4.04
CA LEU A 253 -41.74 -17.73 -3.59
C LEU A 253 -41.77 -18.98 -4.46
N THR A 254 -41.63 -20.14 -3.82
CA THR A 254 -41.53 -21.42 -4.52
C THR A 254 -42.71 -22.34 -4.24
N VAL A 255 -43.83 -21.79 -3.77
CA VAL A 255 -45.02 -22.58 -3.47
C VAL A 255 -45.51 -23.23 -4.77
N PRO A 256 -46.08 -24.44 -4.70
CA PRO A 256 -46.50 -25.12 -5.95
C PRO A 256 -47.51 -24.33 -6.76
N GLY A 257 -48.35 -23.51 -6.11
CA GLY A 257 -49.36 -22.78 -6.84
C GLY A 257 -48.78 -21.78 -7.83
N HIS A 258 -47.77 -21.02 -7.41
CA HIS A 258 -47.20 -19.99 -8.26
C HIS A 258 -45.76 -19.73 -7.84
N LEU A 259 -44.99 -19.18 -8.79
CA LEU A 259 -43.61 -18.80 -8.55
C LEU A 259 -43.43 -17.35 -9.00
N ASP A 260 -43.04 -16.48 -8.07
CA ASP A 260 -42.91 -15.07 -8.38
C ASP A 260 -41.73 -14.84 -9.32
N GLU A 261 -41.84 -13.77 -10.11
CA GLU A 261 -40.83 -13.49 -11.13
C GLU A 261 -39.51 -13.09 -10.48
N MET A 262 -38.43 -13.45 -11.17
CA MET A 262 -37.07 -13.11 -10.73
C MET A 262 -36.58 -11.93 -11.57
N GLN A 263 -36.30 -10.81 -10.91
CA GLN A 263 -35.83 -9.62 -11.59
C GLN A 263 -34.77 -8.93 -10.75
N LEU A 264 -33.72 -8.45 -11.42
CA LEU A 264 -32.60 -7.80 -10.75
C LEU A 264 -32.38 -6.43 -11.38
N ASP A 265 -31.74 -5.55 -10.62
CA ASP A 265 -31.35 -4.23 -11.08
C ASP A 265 -29.84 -4.11 -10.83
N ILE A 266 -29.05 -4.30 -11.88
CA ILE A 266 -27.60 -4.27 -11.79
C ILE A 266 -27.14 -2.84 -12.01
N GLN A 267 -26.42 -2.30 -11.03
CA GLN A 267 -25.92 -0.94 -11.09
C GLN A 267 -24.40 -0.94 -11.00
N ALA A 268 -23.77 -0.04 -11.76
CA ALA A 268 -22.33 0.19 -11.69
C ALA A 268 -22.11 1.69 -11.69
N ARG A 269 -21.45 2.19 -10.65
CA ARG A 269 -21.24 3.62 -10.50
C ARG A 269 -19.79 3.88 -10.10
N TYR A 270 -19.19 4.90 -10.71
CA TYR A 270 -17.88 5.33 -10.26
C TYR A 270 -17.95 5.78 -8.82
N ILE A 271 -16.90 5.48 -8.06
CA ILE A 271 -16.95 5.67 -6.62
C ILE A 271 -17.12 7.14 -6.27
N TYR A 272 -16.51 8.04 -7.05
CA TYR A 272 -16.73 9.47 -6.83
C TYR A 272 -18.14 9.93 -7.22
N GLY A 273 -19.07 9.05 -7.56
CA GLY A 273 -20.46 9.44 -7.73
C GLY A 273 -21.06 9.21 -9.11
N LYS A 274 -20.31 9.49 -10.17
CA LYS A 274 -20.87 9.42 -11.51
C LYS A 274 -21.13 7.97 -11.92
N PRO A 275 -22.13 7.73 -12.77
CA PRO A 275 -22.43 6.37 -13.19
C PRO A 275 -21.41 5.83 -14.17
N VAL A 276 -21.35 4.50 -14.25
CA VAL A 276 -20.41 3.80 -15.13
C VAL A 276 -21.07 3.53 -16.46
N GLN A 277 -20.32 3.75 -17.54
CA GLN A 277 -20.77 3.45 -18.89
C GLN A 277 -19.97 2.25 -19.39
N GLY A 278 -20.67 1.18 -19.74
CA GLY A 278 -20.03 -0.03 -20.21
C GLY A 278 -21.03 -1.12 -20.51
N VAL A 279 -20.63 -2.38 -20.31
CA VAL A 279 -21.51 -3.52 -20.50
C VAL A 279 -21.45 -4.41 -19.28
N ALA A 280 -22.51 -5.17 -19.06
CA ALA A 280 -22.63 -6.06 -17.91
C ALA A 280 -22.81 -7.49 -18.38
N TYR A 281 -22.00 -8.40 -17.84
CA TYR A 281 -22.06 -9.81 -18.17
C TYR A 281 -22.57 -10.58 -16.96
N VAL A 282 -23.76 -11.15 -17.07
CA VAL A 282 -24.45 -11.79 -15.95
C VAL A 282 -24.47 -13.30 -16.20
N ARG A 283 -24.02 -14.05 -15.21
CA ARG A 283 -24.06 -15.51 -15.24
C ARG A 283 -24.89 -16.01 -14.07
N PHE A 284 -25.83 -16.90 -14.35
CA PHE A 284 -26.76 -17.41 -13.36
C PHE A 284 -26.37 -18.81 -12.91
N GLY A 285 -27.00 -19.26 -11.83
CA GLY A 285 -26.76 -20.60 -11.34
C GLY A 285 -27.45 -20.81 -10.02
N LEU A 286 -27.45 -22.08 -9.59
CA LEU A 286 -28.04 -22.50 -8.33
C LEU A 286 -26.93 -22.78 -7.33
N LEU A 287 -27.02 -22.17 -6.16
CA LEU A 287 -26.03 -22.30 -5.11
C LEU A 287 -26.68 -22.91 -3.88
N ASP A 288 -26.11 -24.00 -3.38
CA ASP A 288 -26.70 -24.72 -2.25
C ASP A 288 -26.10 -24.23 -0.93
N GLU A 289 -26.55 -24.85 0.17
CA GLU A 289 -26.08 -24.43 1.48
C GLU A 289 -24.60 -24.70 1.66
N ASP A 290 -24.11 -25.82 1.13
CA ASP A 290 -22.69 -26.14 1.25
C ASP A 290 -21.82 -25.11 0.55
N GLY A 291 -22.23 -24.64 -0.63
CA GLY A 291 -21.48 -23.64 -1.35
C GLY A 291 -21.22 -24.00 -2.80
N LYS A 292 -21.54 -25.24 -3.17
CA LYS A 292 -21.33 -25.68 -4.55
C LYS A 292 -22.36 -25.03 -5.45
N LYS A 293 -21.88 -24.35 -6.49
CA LYS A 293 -22.74 -23.61 -7.40
C LYS A 293 -22.78 -24.30 -8.75
N THR A 294 -23.98 -24.60 -9.23
CA THR A 294 -24.19 -25.22 -10.54
C THR A 294 -24.79 -24.15 -11.45
N PHE A 295 -24.00 -23.73 -12.43
CA PHE A 295 -24.44 -22.66 -13.33
C PHE A 295 -25.43 -23.18 -14.36
N PHE A 296 -26.35 -22.31 -14.75
CA PHE A 296 -27.26 -22.60 -15.86
C PHE A 296 -26.50 -22.40 -17.16
N ARG A 297 -26.29 -23.48 -17.91
CA ARG A 297 -25.69 -23.36 -19.24
C ARG A 297 -26.72 -22.72 -20.18
N GLY A 298 -26.42 -21.52 -20.65
CA GLY A 298 -27.41 -20.67 -21.28
C GLY A 298 -28.01 -19.69 -20.30
N LEU A 299 -28.83 -18.79 -20.85
CA LEU A 299 -29.49 -17.71 -20.12
C LEU A 299 -28.51 -16.65 -19.64
N GLU A 300 -27.25 -16.69 -20.05
CA GLU A 300 -26.33 -15.60 -19.74
C GLU A 300 -26.79 -14.34 -20.45
N SER A 301 -26.89 -13.25 -19.70
CA SER A 301 -27.41 -11.99 -20.20
C SER A 301 -26.30 -10.96 -20.24
N GLN A 302 -26.11 -10.35 -21.42
CA GLN A 302 -25.18 -9.25 -21.60
C GLN A 302 -25.96 -8.04 -22.07
N THR A 303 -25.81 -6.93 -21.34
CA THR A 303 -26.54 -5.71 -21.66
C THR A 303 -25.60 -4.52 -21.57
N LYS A 304 -25.92 -3.48 -22.33
CA LYS A 304 -25.20 -2.22 -22.27
C LYS A 304 -25.78 -1.36 -21.17
N LEU A 305 -24.94 -0.94 -20.24
CA LEU A 305 -25.42 -0.13 -19.12
C LEU A 305 -25.98 1.19 -19.62
N VAL A 306 -27.24 1.45 -19.32
CA VAL A 306 -27.89 2.71 -19.67
C VAL A 306 -28.16 3.46 -18.38
N ASN A 307 -27.48 4.61 -18.23
CA ASN A 307 -27.48 5.39 -16.99
C ASN A 307 -27.07 4.45 -15.86
N GLY A 308 -25.82 3.99 -15.94
CA GLY A 308 -25.19 3.19 -14.89
C GLY A 308 -25.91 1.93 -14.46
N GLN A 309 -27.04 1.61 -15.08
CA GLN A 309 -27.93 0.56 -14.60
C GLN A 309 -28.35 -0.35 -15.73
N SER A 310 -28.56 -1.62 -15.41
CA SER A 310 -29.11 -2.61 -16.32
C SER A 310 -30.16 -3.43 -15.59
N HIS A 311 -31.38 -3.43 -16.10
CA HIS A 311 -32.51 -4.12 -15.47
C HIS A 311 -32.77 -5.40 -16.25
N ILE A 312 -32.29 -6.53 -15.72
CA ILE A 312 -32.50 -7.83 -16.34
C ILE A 312 -33.38 -8.67 -15.43
N SER A 313 -34.01 -9.69 -16.02
CA SER A 313 -34.93 -10.54 -15.29
C SER A 313 -34.91 -11.93 -15.90
N LEU A 314 -35.27 -12.93 -15.08
CA LEU A 314 -35.39 -14.31 -15.53
C LEU A 314 -36.85 -14.62 -15.77
N SER A 315 -37.17 -15.09 -16.97
CA SER A 315 -38.54 -15.34 -17.38
C SER A 315 -39.04 -16.66 -16.78
N LYS A 316 -40.27 -17.02 -17.14
CA LYS A 316 -40.88 -18.24 -16.64
C LYS A 316 -40.37 -19.47 -17.40
N ALA A 317 -40.62 -19.49 -18.71
CA ALA A 317 -40.21 -20.63 -19.52
C ALA A 317 -38.70 -20.80 -19.53
N GLU A 318 -37.96 -19.69 -19.52
CA GLU A 318 -36.51 -19.78 -19.49
C GLU A 318 -36.02 -20.49 -18.22
N PHE A 319 -36.55 -20.10 -17.06
CA PHE A 319 -36.17 -20.74 -15.81
C PHE A 319 -36.62 -22.20 -15.79
N GLN A 320 -37.80 -22.49 -16.31
CA GLN A 320 -38.28 -23.87 -16.35
C GLN A 320 -37.36 -24.74 -17.20
N ASP A 321 -36.95 -24.23 -18.36
CA ASP A 321 -36.02 -24.98 -19.21
C ASP A 321 -34.66 -25.12 -18.54
N ALA A 322 -34.21 -24.10 -17.82
CA ALA A 322 -32.96 -24.20 -17.09
C ALA A 322 -33.01 -25.30 -16.04
N LEU A 323 -34.12 -25.38 -15.30
CA LEU A 323 -34.28 -26.45 -14.32
C LEU A 323 -34.37 -27.81 -15.00
N GLU A 324 -35.04 -27.88 -16.16
CA GLU A 324 -35.16 -29.14 -16.88
C GLU A 324 -33.80 -29.63 -17.36
N LYS A 325 -32.94 -28.72 -17.82
CA LYS A 325 -31.62 -29.13 -18.30
C LYS A 325 -30.80 -29.76 -17.18
N LEU A 326 -30.95 -29.28 -15.96
CA LEU A 326 -30.28 -29.86 -14.80
C LEU A 326 -31.07 -30.99 -14.16
N ASN A 327 -32.24 -31.33 -14.72
CA ASN A 327 -33.11 -32.37 -14.18
C ASN A 327 -33.49 -32.07 -12.73
N MET A 328 -33.98 -30.86 -12.49
CA MET A 328 -34.38 -30.40 -11.17
C MET A 328 -35.82 -29.93 -11.22
N GLY A 329 -36.55 -30.16 -10.13
CA GLY A 329 -37.94 -29.76 -10.04
C GLY A 329 -38.14 -28.58 -9.13
N ILE A 330 -39.25 -27.86 -9.31
CA ILE A 330 -39.55 -26.71 -8.47
C ILE A 330 -39.71 -27.12 -7.01
N THR A 331 -40.38 -28.25 -6.78
CA THR A 331 -40.55 -28.75 -5.42
C THR A 331 -39.23 -29.12 -4.76
N ASP A 332 -38.20 -29.41 -5.56
CA ASP A 332 -36.88 -29.73 -5.02
C ASP A 332 -36.11 -28.50 -4.57
N LEU A 333 -36.53 -27.30 -4.96
CA LEU A 333 -35.82 -26.07 -4.63
C LEU A 333 -36.20 -25.65 -3.20
N GLN A 334 -35.64 -26.36 -2.24
CA GLN A 334 -35.83 -26.05 -0.82
C GLN A 334 -34.46 -25.83 -0.20
N GLY A 335 -34.22 -24.61 0.26
CA GLY A 335 -32.94 -24.26 0.84
C GLY A 335 -31.88 -23.86 -0.17
N LEU A 336 -32.17 -23.95 -1.47
CA LEU A 336 -31.23 -23.54 -2.48
C LEU A 336 -31.21 -22.02 -2.61
N ARG A 337 -30.21 -21.52 -3.33
CA ARG A 337 -30.07 -20.09 -3.57
C ARG A 337 -29.77 -19.86 -5.04
N LEU A 338 -30.47 -18.89 -5.64
CA LEU A 338 -30.21 -18.51 -7.02
C LEU A 338 -28.98 -17.61 -7.04
N TYR A 339 -27.90 -18.10 -7.64
CA TYR A 339 -26.62 -17.42 -7.63
C TYR A 339 -26.48 -16.55 -8.87
N VAL A 340 -26.21 -15.27 -8.66
CA VAL A 340 -26.03 -14.30 -9.74
C VAL A 340 -24.65 -13.69 -9.59
N ALA A 341 -23.86 -13.77 -10.66
CA ALA A 341 -22.54 -13.16 -10.70
C ALA A 341 -22.45 -12.23 -11.89
N ALA A 342 -21.80 -11.09 -11.70
CA ALA A 342 -21.65 -10.08 -12.75
C ALA A 342 -20.18 -9.71 -12.90
N ALA A 343 -19.80 -9.42 -14.15
CA ALA A 343 -18.44 -8.98 -14.47
C ALA A 343 -18.58 -7.84 -15.49
N ILE A 344 -18.61 -6.61 -14.97
CA ILE A 344 -18.89 -5.44 -15.79
C ILE A 344 -17.58 -4.87 -16.32
N ILE A 345 -17.53 -4.61 -17.63
CA ILE A 345 -16.37 -4.02 -18.28
C ILE A 345 -16.69 -2.57 -18.59
N GLU A 346 -15.88 -1.66 -18.05
CA GLU A 346 -16.03 -0.25 -18.38
C GLU A 346 -15.66 -0.03 -19.85
N SER A 347 -16.45 0.81 -20.52
CA SER A 347 -16.23 1.11 -21.93
C SER A 347 -16.18 2.62 -22.12
N PRO A 348 -15.14 3.14 -22.78
CA PRO A 348 -14.00 2.44 -23.37
C PRO A 348 -12.85 2.27 -22.40
N GLY A 349 -13.08 2.43 -21.10
CA GLY A 349 -12.00 2.33 -20.13
C GLY A 349 -11.32 0.97 -20.15
N GLY A 350 -12.10 -0.10 -20.28
CA GLY A 350 -11.56 -1.43 -20.29
C GLY A 350 -11.39 -2.09 -18.93
N GLU A 351 -11.65 -1.34 -17.86
CA GLU A 351 -11.49 -1.89 -16.52
C GLU A 351 -12.57 -2.94 -16.22
N MET A 352 -12.17 -3.95 -15.46
CA MET A 352 -13.06 -5.03 -15.05
C MET A 352 -13.38 -4.91 -13.56
N GLU A 353 -14.66 -5.07 -13.22
CA GLU A 353 -15.09 -5.17 -11.84
C GLU A 353 -16.19 -6.21 -11.73
N GLU A 354 -16.13 -7.01 -10.67
CA GLU A 354 -17.02 -8.15 -10.49
C GLU A 354 -17.88 -7.94 -9.25
N ALA A 355 -19.15 -8.34 -9.37
CA ALA A 355 -20.07 -8.37 -8.23
C ALA A 355 -20.72 -9.75 -8.16
N GLU A 356 -21.01 -10.18 -6.94
CA GLU A 356 -21.56 -11.50 -6.69
C GLU A 356 -22.80 -11.38 -5.82
N LEU A 357 -23.82 -12.16 -6.15
CA LEU A 357 -25.07 -12.20 -5.40
C LEU A 357 -25.25 -13.58 -4.79
N THR A 358 -25.43 -13.63 -3.47
CA THR A 358 -25.67 -14.88 -2.78
C THR A 358 -26.81 -14.79 -1.76
N SER A 359 -27.42 -13.61 -1.59
CA SER A 359 -28.48 -13.45 -0.60
C SER A 359 -29.81 -14.03 -1.07
N TRP A 360 -30.01 -14.15 -2.39
CA TRP A 360 -31.28 -14.63 -2.91
C TRP A 360 -31.57 -16.05 -2.44
N TYR A 361 -32.74 -16.23 -1.83
CA TYR A 361 -33.10 -17.50 -1.21
C TYR A 361 -34.47 -17.94 -1.71
N PHE A 362 -34.60 -19.22 -2.02
CA PHE A 362 -35.90 -19.80 -2.33
C PHE A 362 -36.65 -20.06 -1.03
N VAL A 363 -37.84 -19.48 -0.89
CA VAL A 363 -38.61 -19.57 0.34
C VAL A 363 -40.04 -19.98 0.02
N SER A 364 -40.70 -20.55 1.02
CA SER A 364 -42.11 -20.91 0.92
C SER A 364 -43.03 -19.91 1.60
N SER A 365 -42.48 -18.85 2.20
CA SER A 365 -43.27 -17.85 2.89
C SER A 365 -42.47 -16.57 2.98
N PRO A 366 -43.08 -15.41 2.74
CA PRO A 366 -42.30 -14.17 2.72
C PRO A 366 -42.07 -13.57 4.09
N PHE A 367 -42.31 -14.34 5.15
CA PHE A 367 -42.18 -13.84 6.52
C PHE A 367 -41.46 -14.87 7.37
N SER A 368 -40.87 -14.39 8.46
CA SER A 368 -40.16 -15.24 9.41
C SER A 368 -40.66 -14.94 10.82
N LEU A 369 -40.83 -15.99 11.61
CA LEU A 369 -41.32 -15.88 12.97
C LEU A 369 -40.23 -16.26 13.95
N ASP A 370 -39.98 -15.39 14.94
CA ASP A 370 -39.01 -15.66 16.00
C ASP A 370 -39.76 -15.69 17.33
N LEU A 371 -39.79 -16.86 17.96
CA LEU A 371 -40.52 -17.05 19.21
C LEU A 371 -39.58 -17.18 20.41
N SER A 372 -38.32 -16.76 20.26
CA SER A 372 -37.37 -16.87 21.36
C SER A 372 -37.78 -15.98 22.53
N LYS A 373 -38.49 -14.88 22.28
CA LYS A 373 -38.93 -14.00 23.34
C LYS A 373 -40.09 -14.58 24.15
N THR A 374 -40.73 -15.64 23.67
CA THR A 374 -41.87 -16.21 24.37
C THR A 374 -41.41 -16.94 25.63
N LYS A 375 -41.87 -16.46 26.78
CA LYS A 375 -41.50 -17.08 28.05
C LYS A 375 -42.05 -18.50 28.13
N ARG A 376 -41.25 -19.39 28.68
CA ARG A 376 -41.64 -20.79 28.88
C ARG A 376 -41.88 -21.06 30.36
N HIS A 377 -42.47 -22.22 30.63
CA HIS A 377 -42.77 -22.65 32.00
C HIS A 377 -43.62 -21.61 32.74
N LEU A 378 -44.59 -21.05 32.04
CA LEU A 378 -45.36 -19.94 32.61
C LEU A 378 -46.37 -20.44 33.63
N VAL A 379 -46.71 -19.55 34.55
CA VAL A 379 -47.55 -19.87 35.72
C VAL A 379 -48.98 -20.16 35.26
N PRO A 380 -49.64 -21.17 35.83
CA PRO A 380 -51.08 -21.31 35.60
C PRO A 380 -51.87 -20.36 36.50
N GLY A 381 -52.97 -19.84 35.96
CA GLY A 381 -53.78 -18.88 36.67
C GLY A 381 -53.49 -17.44 36.33
N ALA A 382 -52.50 -17.17 35.50
CA ALA A 382 -52.13 -15.82 35.07
C ALA A 382 -52.02 -15.81 33.55
N PRO A 383 -52.23 -14.65 32.93
CA PRO A 383 -52.17 -14.59 31.46
C PRO A 383 -50.81 -15.03 30.93
N PHE A 384 -50.83 -15.73 29.81
CA PHE A 384 -49.62 -16.16 29.12
C PHE A 384 -49.27 -15.13 28.06
N LEU A 385 -48.04 -14.63 28.11
CA LEU A 385 -47.58 -13.59 27.19
C LEU A 385 -46.84 -14.24 26.04
N LEU A 386 -47.53 -14.39 24.90
CA LEU A 386 -46.91 -14.88 23.68
C LEU A 386 -46.33 -13.70 22.92
N GLN A 387 -45.03 -13.74 22.66
CA GLN A 387 -44.32 -12.67 21.98
C GLN A 387 -43.62 -13.24 20.76
N ALA A 388 -43.83 -12.60 19.61
CA ALA A 388 -43.27 -13.07 18.36
C ALA A 388 -42.67 -11.90 17.59
N LEU A 389 -41.73 -12.21 16.72
CA LEU A 389 -41.04 -11.22 15.89
C LEU A 389 -41.32 -11.56 14.43
N VAL A 390 -42.17 -10.76 13.78
CA VAL A 390 -42.52 -10.99 12.38
C VAL A 390 -41.51 -10.20 11.55
N ARG A 391 -40.42 -10.88 11.17
CA ARG A 391 -39.37 -10.27 10.38
C ARG A 391 -39.51 -10.75 8.93
N GLU A 392 -39.57 -9.81 8.00
CA GLU A 392 -39.58 -10.17 6.60
C GLU A 392 -38.31 -10.96 6.27
N MET A 393 -38.48 -12.04 5.50
CA MET A 393 -37.38 -12.97 5.28
C MET A 393 -36.20 -12.27 4.62
N SER A 394 -35.03 -12.34 5.25
CA SER A 394 -33.83 -11.66 4.81
C SER A 394 -34.09 -10.17 4.61
N GLY A 395 -34.70 -9.55 5.62
CA GLY A 395 -35.03 -8.15 5.53
C GLY A 395 -35.31 -7.56 6.89
N SER A 396 -35.73 -6.29 6.88
CA SER A 396 -36.05 -5.58 8.10
C SER A 396 -37.34 -6.11 8.72
N PRO A 397 -37.53 -5.87 10.02
CA PRO A 397 -38.78 -6.31 10.65
C PRO A 397 -40.00 -5.70 9.99
N ALA A 398 -41.06 -6.49 9.87
CA ALA A 398 -42.28 -6.07 9.20
C ALA A 398 -43.27 -5.49 10.21
N SER A 399 -44.04 -4.50 9.76
CA SER A 399 -45.02 -3.82 10.59
C SER A 399 -46.40 -3.96 9.99
N GLY A 400 -47.40 -4.12 10.85
CA GLY A 400 -48.78 -4.23 10.40
C GLY A 400 -49.17 -5.56 9.81
N ILE A 401 -48.40 -6.61 10.09
CA ILE A 401 -48.68 -7.94 9.54
C ILE A 401 -49.52 -8.73 10.53
N PRO A 402 -50.67 -9.25 10.12
CA PRO A 402 -51.53 -9.99 11.07
C PRO A 402 -50.87 -11.27 11.55
N VAL A 403 -51.16 -11.62 12.80
CA VAL A 403 -50.66 -12.83 13.43
C VAL A 403 -51.83 -13.59 14.04
N LYS A 404 -51.99 -14.85 13.66
CA LYS A 404 -53.04 -15.70 14.17
C LYS A 404 -52.43 -16.83 14.99
N VAL A 405 -52.90 -16.98 16.23
CA VAL A 405 -52.39 -18.01 17.13
C VAL A 405 -53.58 -18.80 17.67
N SER A 406 -53.46 -20.13 17.64
CA SER A 406 -54.46 -21.04 18.18
C SER A 406 -53.89 -21.69 19.43
N ALA A 407 -54.48 -21.38 20.58
CA ALA A 407 -54.03 -21.91 21.86
C ALA A 407 -54.95 -23.06 22.26
N THR A 408 -54.37 -24.25 22.41
CA THR A 408 -55.12 -25.45 22.78
C THR A 408 -54.71 -25.84 24.20
N VAL A 409 -55.52 -25.43 25.18
CA VAL A 409 -55.26 -25.80 26.56
C VAL A 409 -55.57 -27.28 26.73
N SER A 410 -54.55 -28.07 27.08
CA SER A 410 -54.74 -29.50 27.23
C SER A 410 -55.60 -29.80 28.46
N SER A 411 -56.11 -31.02 28.50
CA SER A 411 -57.12 -31.48 29.45
C SER A 411 -56.72 -31.24 30.90
N PRO A 412 -57.40 -30.34 31.61
CA PRO A 412 -57.25 -30.24 33.07
C PRO A 412 -58.17 -31.15 33.86
N GLY A 413 -58.83 -32.10 33.19
CA GLY A 413 -59.89 -32.88 33.79
C GLY A 413 -61.11 -32.90 32.89
N SER A 414 -61.19 -31.91 32.01
CA SER A 414 -62.25 -31.78 31.03
C SER A 414 -61.67 -31.82 29.62
N VAL A 415 -62.52 -31.60 28.63
CA VAL A 415 -62.11 -31.61 27.22
C VAL A 415 -61.23 -30.40 26.94
N PRO A 416 -60.26 -30.51 26.04
CA PRO A 416 -59.44 -29.35 25.69
C PRO A 416 -60.24 -28.29 24.96
N GLU A 417 -59.83 -27.04 25.13
CA GLU A 417 -60.47 -25.90 24.50
C GLU A 417 -59.47 -25.15 23.64
N VAL A 418 -59.95 -24.65 22.50
CA VAL A 418 -59.11 -23.94 21.54
C VAL A 418 -59.41 -22.45 21.65
N GLN A 419 -58.39 -21.64 21.86
CA GLN A 419 -58.52 -20.20 21.99
C GLN A 419 -57.84 -19.53 20.80
N ASP A 420 -58.60 -18.70 20.08
CA ASP A 420 -58.12 -18.07 18.85
C ASP A 420 -58.05 -16.56 19.08
N ILE A 421 -56.83 -16.03 19.08
CA ILE A 421 -56.58 -14.60 19.22
C ILE A 421 -55.85 -14.11 17.99
N GLN A 422 -56.27 -12.97 17.47
CA GLN A 422 -55.61 -12.32 16.33
C GLN A 422 -55.15 -10.93 16.74
N GLN A 423 -53.93 -10.58 16.35
CA GLN A 423 -53.38 -9.26 16.64
C GLN A 423 -52.33 -8.92 15.60
N ASN A 424 -52.39 -7.69 15.08
CA ASN A 424 -51.41 -7.21 14.12
C ASN A 424 -50.13 -6.79 14.82
N THR A 425 -49.07 -6.63 14.04
CA THR A 425 -47.79 -6.19 14.57
C THR A 425 -47.82 -4.69 14.80
N ASP A 426 -47.62 -4.27 16.06
CA ASP A 426 -47.67 -2.85 16.38
C ASP A 426 -46.54 -2.09 15.69
N GLY A 427 -45.34 -2.65 15.69
CA GLY A 427 -44.20 -1.99 15.08
C GLY A 427 -42.91 -2.73 15.28
N SER A 428 -42.04 -2.74 14.27
CA SER A 428 -40.77 -3.46 14.31
C SER A 428 -40.98 -4.95 14.55
N GLY A 429 -42.13 -5.48 14.13
CA GLY A 429 -42.42 -6.89 14.27
C GLY A 429 -42.83 -7.33 15.66
N GLN A 430 -43.07 -6.41 16.58
CA GLN A 430 -43.40 -6.77 17.94
C GLN A 430 -44.89 -7.02 18.07
N VAL A 431 -45.26 -8.22 18.49
CA VAL A 431 -46.65 -8.58 18.77
C VAL A 431 -46.71 -9.25 20.13
N SER A 432 -47.59 -8.75 21.00
CA SER A 432 -47.79 -9.30 22.33
C SER A 432 -49.24 -9.75 22.45
N ILE A 433 -49.44 -11.05 22.60
CA ILE A 433 -50.77 -11.65 22.60
C ILE A 433 -50.99 -12.28 23.97
N PRO A 434 -51.74 -11.62 24.86
CA PRO A 434 -51.94 -12.16 26.20
C PRO A 434 -53.08 -13.17 26.29
N ILE A 435 -52.80 -14.42 25.97
CA ILE A 435 -53.81 -15.47 26.11
C ILE A 435 -54.00 -15.81 27.58
N ILE A 436 -55.23 -16.18 27.93
CA ILE A 436 -55.58 -16.49 29.31
C ILE A 436 -55.44 -17.99 29.52
N ILE A 437 -54.75 -18.37 30.59
CA ILE A 437 -54.48 -19.76 30.93
C ILE A 437 -55.32 -20.14 32.13
N PRO A 438 -56.16 -21.18 32.05
CA PRO A 438 -56.96 -21.60 33.20
C PRO A 438 -56.13 -22.39 34.20
N GLN A 439 -56.71 -22.59 35.37
CA GLN A 439 -56.02 -23.30 36.44
C GLN A 439 -55.96 -24.79 36.15
N THR A 440 -55.00 -25.46 36.80
CA THR A 440 -54.80 -26.90 36.69
C THR A 440 -54.55 -27.35 35.25
N ILE A 441 -53.96 -26.48 34.45
CA ILE A 441 -53.68 -26.80 33.05
C ILE A 441 -52.58 -27.86 32.98
N SER A 442 -52.83 -28.91 32.21
CA SER A 442 -51.82 -29.97 32.05
C SER A 442 -50.64 -29.48 31.20
N GLU A 443 -50.92 -28.84 30.07
CA GLU A 443 -49.91 -28.38 29.14
C GLU A 443 -50.59 -27.53 28.08
N LEU A 444 -49.81 -26.68 27.43
CA LEU A 444 -50.35 -25.70 26.49
C LEU A 444 -49.70 -25.88 25.11
N GLN A 445 -50.53 -25.88 24.08
CA GLN A 445 -50.08 -26.05 22.70
C GLN A 445 -50.43 -24.79 21.91
N LEU A 446 -49.45 -24.24 21.21
CA LEU A 446 -49.61 -23.01 20.46
C LEU A 446 -49.21 -23.22 19.01
N SER A 447 -49.98 -22.64 18.10
CA SER A 447 -49.71 -22.69 16.67
C SER A 447 -49.80 -21.26 16.14
N VAL A 448 -48.65 -20.62 15.93
CA VAL A 448 -48.57 -19.22 15.53
C VAL A 448 -48.40 -19.15 14.02
N SER A 449 -49.27 -18.39 13.36
CA SER A 449 -49.22 -18.19 11.92
C SER A 449 -49.29 -16.70 11.63
N ALA A 450 -48.37 -16.21 10.81
CA ALA A 450 -48.30 -14.79 10.48
C ALA A 450 -48.22 -14.60 8.97
N GLY A 451 -48.94 -13.59 8.48
CA GLY A 451 -48.92 -13.25 7.07
C GLY A 451 -49.98 -14.00 6.27
N SER A 452 -50.31 -13.43 5.12
CA SER A 452 -51.29 -14.02 4.20
C SER A 452 -51.18 -13.36 2.84
N PRO A 453 -51.15 -14.13 1.74
CA PRO A 453 -51.13 -15.60 1.67
C PRO A 453 -49.76 -16.18 1.95
N HIS A 454 -49.63 -17.51 1.99
CA HIS A 454 -48.39 -18.21 2.25
C HIS A 454 -47.82 -17.79 3.60
N PRO A 455 -48.48 -18.13 4.70
CA PRO A 455 -48.02 -17.67 6.01
C PRO A 455 -46.79 -18.44 6.49
N ALA A 456 -46.13 -17.86 7.48
CA ALA A 456 -45.02 -18.51 8.16
C ALA A 456 -45.56 -19.23 9.38
N ILE A 457 -45.36 -20.55 9.45
CA ILE A 457 -45.93 -21.39 10.48
C ILE A 457 -44.85 -21.67 11.52
N ALA A 458 -45.15 -21.34 12.77
CA ALA A 458 -44.27 -21.64 13.89
C ALA A 458 -45.11 -22.25 15.02
N ARG A 459 -44.69 -23.41 15.50
CA ARG A 459 -45.41 -24.16 16.52
C ARG A 459 -44.53 -24.31 17.75
N LEU A 460 -45.09 -24.01 18.92
CA LEU A 460 -44.39 -24.19 20.18
C LEU A 460 -45.33 -24.82 21.19
N THR A 461 -44.80 -25.73 21.98
CA THR A 461 -45.56 -26.38 23.06
C THR A 461 -44.82 -26.20 24.37
N VAL A 462 -45.56 -25.87 25.41
CA VAL A 462 -45.00 -25.63 26.74
C VAL A 462 -45.71 -26.52 27.74
N ALA A 463 -44.95 -27.07 28.68
CA ALA A 463 -45.50 -27.90 29.74
C ALA A 463 -46.07 -27.00 30.85
N ALA A 464 -46.41 -27.59 31.99
CA ALA A 464 -46.95 -26.88 33.12
C ALA A 464 -46.17 -27.25 34.37
N PRO A 465 -46.14 -26.36 35.38
CA PRO A 465 -45.45 -26.70 36.61
C PRO A 465 -46.12 -27.87 37.30
N PRO A 466 -45.35 -28.66 38.06
CA PRO A 466 -45.95 -29.80 38.76
C PRO A 466 -47.04 -29.35 39.72
N SER A 467 -48.11 -30.15 39.79
CA SER A 467 -49.24 -29.83 40.64
C SER A 467 -48.87 -30.00 42.11
N GLY A 468 -49.62 -29.31 42.97
CA GLY A 468 -49.37 -29.38 44.40
C GLY A 468 -48.16 -28.61 44.87
N GLY A 469 -47.70 -27.63 44.10
CA GLY A 469 -46.54 -26.85 44.49
C GLY A 469 -46.86 -25.90 45.63
N PRO A 470 -45.81 -25.39 46.28
CA PRO A 470 -46.04 -24.45 47.39
C PRO A 470 -46.73 -23.17 47.00
N GLY A 471 -46.66 -22.79 45.74
CA GLY A 471 -47.29 -21.57 45.28
C GLY A 471 -46.69 -21.11 43.96
N PHE A 472 -47.06 -19.91 43.56
CA PHE A 472 -46.57 -19.33 42.32
C PHE A 472 -46.49 -17.82 42.45
N LEU A 473 -45.64 -17.23 41.60
CA LEU A 473 -45.47 -15.79 41.51
C LEU A 473 -45.59 -15.38 40.05
N SER A 474 -46.36 -14.31 39.81
CA SER A 474 -46.62 -13.82 38.46
C SER A 474 -46.09 -12.40 38.34
N ILE A 475 -45.31 -12.16 37.29
CA ILE A 475 -44.80 -10.83 36.97
C ILE A 475 -45.50 -10.37 35.70
N GLU A 476 -46.31 -9.33 35.81
CA GLU A 476 -47.06 -8.79 34.68
C GLU A 476 -46.46 -7.45 34.29
N ARG A 477 -46.22 -7.27 32.99
CA ARG A 477 -45.62 -6.06 32.47
C ARG A 477 -46.65 -5.34 31.59
N PRO A 478 -47.34 -4.33 32.11
CA PRO A 478 -48.43 -3.71 31.35
C PRO A 478 -48.00 -3.12 30.01
N ASP A 479 -46.81 -2.52 29.95
CA ASP A 479 -46.33 -1.88 28.73
C ASP A 479 -45.38 -2.84 28.03
N SER A 480 -45.81 -3.36 26.89
CA SER A 480 -45.01 -4.33 26.14
C SER A 480 -43.91 -3.67 25.31
N ARG A 481 -43.99 -2.36 25.09
CA ARG A 481 -42.95 -1.66 24.33
C ARG A 481 -41.66 -1.66 25.13
N PRO A 482 -40.53 -1.99 24.49
CA PRO A 482 -39.25 -2.02 25.22
C PRO A 482 -38.93 -0.66 25.82
N PRO A 483 -38.43 -0.63 27.06
CA PRO A 483 -38.12 0.66 27.68
C PRO A 483 -36.90 1.30 27.04
N ARG A 484 -36.91 2.63 27.03
CA ARG A 484 -35.80 3.41 26.52
C ARG A 484 -34.79 3.68 27.63
N VAL A 485 -33.64 4.24 27.25
CA VAL A 485 -32.64 4.63 28.23
C VAL A 485 -33.17 5.79 29.07
N GLY A 486 -33.13 5.64 30.39
CA GLY A 486 -33.64 6.64 31.29
C GLY A 486 -35.14 6.62 31.49
N ASP A 487 -35.84 5.64 30.95
CA ASP A 487 -37.29 5.53 31.08
C ASP A 487 -37.63 4.54 32.17
N THR A 488 -38.46 4.97 33.12
CA THR A 488 -38.83 4.12 34.25
C THR A 488 -39.74 2.99 33.80
N LEU A 489 -39.46 1.79 34.30
CA LEU A 489 -40.25 0.60 33.98
C LEU A 489 -40.91 0.09 35.26
N ASN A 490 -42.20 -0.21 35.18
CA ASN A 490 -42.97 -0.67 36.33
C ASN A 490 -43.57 -2.04 36.04
N LEU A 491 -43.44 -2.95 37.00
CA LEU A 491 -43.95 -4.31 36.89
C LEU A 491 -44.92 -4.59 38.03
N ASN A 492 -45.84 -5.53 37.79
CA ASN A 492 -46.84 -5.92 38.76
C ASN A 492 -46.56 -7.34 39.23
N LEU A 493 -46.47 -7.52 40.54
CA LEU A 493 -46.17 -8.82 41.16
C LEU A 493 -47.38 -9.30 41.93
N ARG A 494 -47.78 -10.55 41.68
CA ARG A 494 -48.96 -11.13 42.32
C ARG A 494 -48.67 -12.58 42.69
N ALA A 495 -48.85 -12.90 43.98
CA ALA A 495 -48.76 -14.29 44.42
C ALA A 495 -50.02 -15.05 43.99
N VAL A 496 -49.84 -16.29 43.55
CA VAL A 496 -50.93 -17.10 43.03
C VAL A 496 -50.86 -18.49 43.67
N GLY A 497 -52.01 -18.96 44.17
CA GLY A 497 -52.15 -20.34 44.61
C GLY A 497 -51.73 -20.63 46.03
N SER A 498 -51.65 -19.62 46.90
CA SER A 498 -51.29 -19.87 48.29
C SER A 498 -51.81 -18.73 49.16
N GLY A 499 -51.89 -19.00 50.46
CA GLY A 499 -52.31 -17.98 51.39
C GLY A 499 -51.27 -16.90 51.58
N ALA A 500 -51.75 -15.74 52.03
CA ALA A 500 -50.90 -14.57 52.22
C ALA A 500 -50.22 -14.60 53.59
N THR A 501 -49.54 -15.70 53.90
CA THR A 501 -48.79 -15.79 55.15
C THR A 501 -47.62 -14.83 55.15
N PHE A 502 -46.94 -14.69 54.01
CA PHE A 502 -45.82 -13.77 53.91
C PHE A 502 -46.30 -12.32 53.97
N SER A 503 -45.38 -11.44 54.38
CA SER A 503 -45.66 -10.02 54.48
C SER A 503 -45.01 -9.19 53.38
N HIS A 504 -43.89 -9.65 52.82
CA HIS A 504 -43.23 -8.96 51.73
C HIS A 504 -42.69 -9.98 50.74
N TYR A 505 -42.37 -9.50 49.54
CA TYR A 505 -41.57 -10.23 48.58
C TYR A 505 -40.36 -9.39 48.21
N TYR A 506 -39.36 -10.04 47.65
CA TYR A 506 -38.08 -9.41 47.38
C TYR A 506 -37.71 -9.57 45.91
N TYR A 507 -37.07 -8.54 45.36
CA TYR A 507 -36.73 -8.51 43.94
C TYR A 507 -35.33 -7.96 43.78
N MET A 508 -34.71 -8.32 42.64
CA MET A 508 -33.36 -7.89 42.32
C MET A 508 -33.25 -7.68 40.82
N ILE A 509 -32.31 -6.84 40.42
CA ILE A 509 -32.08 -6.52 39.01
C ILE A 509 -30.66 -6.95 38.66
N LEU A 510 -30.52 -7.70 37.56
CA LEU A 510 -29.24 -8.23 37.12
C LEU A 510 -28.88 -7.63 35.78
N SER A 511 -27.69 -7.03 35.70
CA SER A 511 -27.19 -6.51 34.44
C SER A 511 -25.71 -6.84 34.32
N ARG A 512 -25.31 -7.31 33.14
CA ARG A 512 -23.94 -7.73 32.87
C ARG A 512 -23.45 -8.79 33.87
N GLY A 513 -24.37 -9.66 34.30
CA GLY A 513 -24.01 -10.77 35.15
C GLY A 513 -23.73 -10.43 36.59
N GLN A 514 -24.06 -9.22 37.04
CA GLN A 514 -23.82 -8.79 38.41
C GLN A 514 -25.10 -8.24 39.01
N ILE A 515 -25.37 -8.59 40.27
CA ILE A 515 -26.52 -8.04 40.99
C ILE A 515 -26.26 -6.57 41.27
N VAL A 516 -27.09 -5.70 40.70
CA VAL A 516 -26.91 -4.26 40.81
C VAL A 516 -27.87 -3.64 41.82
N PHE A 517 -29.08 -4.18 41.95
CA PHE A 517 -30.08 -3.58 42.83
C PHE A 517 -30.77 -4.66 43.65
N MET A 518 -31.13 -4.31 44.89
CA MET A 518 -31.88 -5.17 45.78
C MET A 518 -32.80 -4.31 46.62
N ASN A 519 -34.04 -4.74 46.79
CA ASN A 519 -35.02 -3.97 47.55
C ASN A 519 -36.13 -4.89 48.02
N ARG A 520 -37.01 -4.33 48.85
CA ARG A 520 -38.16 -5.04 49.39
C ARG A 520 -39.40 -4.16 49.24
N GLU A 521 -40.49 -4.78 48.78
CA GLU A 521 -41.77 -4.09 48.62
C GLU A 521 -42.84 -4.79 49.46
N PRO A 522 -43.59 -4.06 50.27
CA PRO A 522 -44.61 -4.71 51.10
C PRO A 522 -45.73 -5.30 50.26
N LYS A 523 -46.34 -6.37 50.79
CA LYS A 523 -47.43 -7.03 50.09
C LYS A 523 -48.70 -6.19 50.19
N ARG A 524 -49.32 -5.94 49.03
CA ARG A 524 -50.53 -5.14 48.95
C ARG A 524 -51.45 -5.79 47.93
N THR A 525 -52.45 -5.04 47.47
CA THR A 525 -53.35 -5.49 46.42
C THR A 525 -53.04 -4.78 45.12
N LEU A 526 -52.89 -5.55 44.04
CA LEU A 526 -52.52 -5.03 42.72
C LEU A 526 -51.28 -4.15 42.82
N THR A 527 -50.19 -4.75 43.29
CA THR A 527 -48.98 -4.03 43.64
C THR A 527 -48.12 -3.75 42.41
N SER A 528 -47.21 -2.80 42.57
CA SER A 528 -46.34 -2.36 41.49
C SER A 528 -44.91 -2.25 42.01
N VAL A 529 -43.95 -2.61 41.16
CA VAL A 529 -42.52 -2.45 41.45
C VAL A 529 -41.93 -1.60 40.34
N SER A 530 -41.26 -0.52 40.72
CA SER A 530 -40.71 0.44 39.76
C SER A 530 -39.21 0.27 39.66
N VAL A 531 -38.72 0.11 38.43
CA VAL A 531 -37.30 -0.03 38.15
C VAL A 531 -36.90 1.09 37.20
N PHE A 532 -35.86 1.84 37.58
CA PHE A 532 -35.35 2.92 36.76
C PHE A 532 -34.30 2.36 35.81
N VAL A 533 -34.58 2.43 34.51
CA VAL A 533 -33.70 1.84 33.50
C VAL A 533 -32.54 2.80 33.30
N ASP A 534 -31.42 2.53 33.98
CA ASP A 534 -30.20 3.29 33.74
C ASP A 534 -29.56 2.86 32.43
N HIS A 535 -28.61 3.66 31.95
CA HIS A 535 -27.95 3.34 30.70
C HIS A 535 -27.14 2.06 30.82
N HIS A 536 -26.48 1.86 31.95
CA HIS A 536 -25.65 0.68 32.14
C HIS A 536 -26.45 -0.61 32.22
N LEU A 537 -27.77 -0.52 32.40
CA LEU A 537 -28.62 -1.70 32.38
C LEU A 537 -28.87 -2.23 30.98
N ALA A 538 -28.57 -1.43 29.95
CA ALA A 538 -28.76 -1.85 28.57
C ALA A 538 -27.70 -2.89 28.19
N PRO A 539 -27.98 -3.72 27.17
CA PRO A 539 -29.19 -3.80 26.35
C PRO A 539 -30.20 -4.82 26.86
N SER A 540 -29.93 -5.46 28.00
CA SER A 540 -30.82 -6.48 28.53
C SER A 540 -30.50 -6.70 30.00
N PHE A 541 -31.52 -6.62 30.85
CA PHE A 541 -31.35 -6.88 32.27
C PHE A 541 -32.42 -7.85 32.74
N TYR A 542 -32.08 -8.67 33.73
CA TYR A 542 -32.99 -9.65 34.28
C TYR A 542 -33.63 -9.10 35.55
N PHE A 543 -34.95 -9.20 35.63
CA PHE A 543 -35.69 -8.87 36.83
C PHE A 543 -36.10 -10.17 37.52
N VAL A 544 -35.60 -10.39 38.73
CA VAL A 544 -35.87 -11.60 39.48
C VAL A 544 -36.61 -11.23 40.76
N ALA A 545 -37.79 -11.82 40.94
CA ALA A 545 -38.61 -11.56 42.11
C ALA A 545 -39.04 -12.88 42.73
N PHE A 546 -39.13 -12.90 44.05
CA PHE A 546 -39.45 -14.13 44.76
C PHE A 546 -40.06 -13.80 46.11
N TYR A 547 -40.91 -14.69 46.61
CA TYR A 547 -41.42 -14.63 47.97
C TYR A 547 -41.31 -16.03 48.57
N TYR A 548 -41.75 -16.15 49.83
CA TYR A 548 -41.60 -17.38 50.60
C TYR A 548 -42.94 -17.77 51.20
N HIS A 549 -43.41 -18.97 50.85
CA HIS A 549 -44.62 -19.56 51.40
C HIS A 549 -44.18 -20.60 52.42
N GLY A 550 -44.07 -20.18 53.67
CA GLY A 550 -43.54 -21.05 54.70
C GLY A 550 -42.03 -21.15 54.63
N ASP A 551 -41.52 -22.28 54.14
CA ASP A 551 -40.09 -22.49 53.99
C ASP A 551 -39.72 -22.96 52.58
N HIS A 552 -40.61 -22.76 51.61
CA HIS A 552 -40.37 -23.21 50.24
C HIS A 552 -40.29 -21.99 49.32
N PRO A 553 -39.15 -21.78 48.64
CA PRO A 553 -39.04 -20.62 47.74
C PRO A 553 -39.79 -20.82 46.44
N VAL A 554 -40.47 -19.77 46.00
CA VAL A 554 -41.09 -19.72 44.69
C VAL A 554 -40.68 -18.40 44.05
N ALA A 555 -40.28 -18.46 42.78
CA ALA A 555 -39.71 -17.31 42.11
C ALA A 555 -40.12 -17.30 40.65
N ASN A 556 -39.97 -16.12 40.04
CA ASN A 556 -40.22 -15.94 38.61
C ASN A 556 -39.34 -14.82 38.13
N SER A 557 -38.61 -15.05 37.04
CA SER A 557 -37.69 -14.09 36.48
C SER A 557 -38.19 -13.63 35.12
N LEU A 558 -38.26 -12.31 34.92
CA LEU A 558 -38.66 -11.72 33.66
C LEU A 558 -37.47 -11.01 33.04
N ARG A 559 -37.21 -11.28 31.77
CA ARG A 559 -36.14 -10.63 31.03
C ARG A 559 -36.68 -9.44 30.28
N VAL A 560 -36.06 -8.28 30.46
CA VAL A 560 -36.44 -7.04 29.80
C VAL A 560 -35.27 -6.56 28.96
N ASP A 561 -35.53 -6.31 27.69
CA ASP A 561 -34.51 -5.77 26.79
C ASP A 561 -34.69 -4.28 26.64
N VAL A 562 -33.59 -3.56 26.43
CA VAL A 562 -33.58 -2.11 26.32
C VAL A 562 -33.16 -1.74 24.90
N GLN A 563 -33.99 -0.97 24.22
CA GLN A 563 -33.75 -0.58 22.85
C GLN A 563 -33.26 0.86 22.79
N ALA A 564 -33.03 1.35 21.56
CA ALA A 564 -32.57 2.71 21.30
C ALA A 564 -31.27 3.01 22.05
N GLY A 565 -30.35 2.05 22.03
CA GLY A 565 -29.08 2.23 22.72
C GLY A 565 -28.29 3.40 22.15
N ALA A 566 -27.72 4.21 23.05
CA ALA A 566 -26.90 5.34 22.68
C ALA A 566 -25.78 5.49 23.69
N CYS A 567 -24.75 6.24 23.31
CA CYS A 567 -23.59 6.40 24.18
C CYS A 567 -23.95 7.18 25.44
N GLU A 568 -23.17 6.96 26.49
CA GLU A 568 -23.36 7.75 27.71
C GLU A 568 -23.12 9.22 27.44
N GLY A 569 -22.05 9.53 26.71
CA GLY A 569 -21.79 10.85 26.17
C GLY A 569 -22.21 10.95 24.73
N LYS A 570 -21.43 11.70 23.95
CA LYS A 570 -21.71 11.79 22.52
C LYS A 570 -20.44 12.21 21.79
N LEU A 571 -20.32 11.76 20.54
CA LEU A 571 -19.27 12.20 19.63
C LEU A 571 -19.92 12.43 18.28
N GLU A 572 -19.72 13.63 17.73
CA GLU A 572 -20.35 14.02 16.47
C GLU A 572 -19.29 14.55 15.51
N LEU A 573 -19.23 13.97 14.32
CA LEU A 573 -18.39 14.46 13.25
C LEU A 573 -19.26 15.12 12.20
N SER A 574 -18.85 16.30 11.74
CA SER A 574 -19.57 17.00 10.68
C SER A 574 -18.55 17.75 9.83
N VAL A 575 -18.89 17.92 8.55
CA VAL A 575 -18.04 18.61 7.60
C VAL A 575 -18.77 19.86 7.15
N ASP A 576 -18.10 21.01 7.27
CA ASP A 576 -18.72 22.28 6.94
C ASP A 576 -19.08 22.34 5.46
N GLY A 577 -20.31 22.78 5.17
CA GLY A 577 -20.77 22.87 3.80
C GLY A 577 -21.17 21.52 3.23
N ALA A 578 -21.54 21.56 1.96
CA ALA A 578 -21.93 20.34 1.25
C ALA A 578 -20.73 19.45 0.99
N LYS A 579 -21.01 18.17 0.79
CA LYS A 579 -19.96 17.17 0.54
C LYS A 579 -19.67 17.11 -0.97
N GLN A 580 -19.12 18.21 -1.47
CA GLN A 580 -18.65 18.31 -2.86
C GLN A 580 -17.36 19.13 -2.84
N TYR A 581 -16.23 18.44 -2.76
CA TYR A 581 -14.93 19.06 -2.66
C TYR A 581 -14.09 18.75 -3.91
N ARG A 582 -12.95 19.40 -3.98
CA ARG A 582 -11.98 19.20 -5.05
C ARG A 582 -10.68 18.72 -4.44
N ASN A 583 -9.93 17.91 -5.20
CA ASN A 583 -8.69 17.33 -4.69
C ASN A 583 -7.72 18.41 -4.23
N GLY A 584 -7.12 18.18 -3.06
CA GLY A 584 -6.14 19.09 -2.51
C GLY A 584 -6.70 20.26 -1.73
N GLU A 585 -8.02 20.38 -1.64
CA GLU A 585 -8.63 21.50 -0.93
C GLU A 585 -8.63 21.25 0.58
N SER A 586 -9.04 22.27 1.32
CA SER A 586 -9.04 22.21 2.78
C SER A 586 -10.40 21.78 3.30
N VAL A 587 -10.40 21.02 4.39
CA VAL A 587 -11.62 20.54 5.03
C VAL A 587 -11.57 20.93 6.50
N LYS A 588 -12.64 21.57 6.97
CA LYS A 588 -12.75 21.96 8.38
C LYS A 588 -13.64 20.93 9.08
N LEU A 589 -13.04 19.77 9.38
CA LEU A 589 -13.76 18.73 10.10
C LEU A 589 -14.12 19.19 11.50
N HIS A 590 -15.35 18.90 11.92
CA HIS A 590 -15.89 19.35 13.20
C HIS A 590 -16.07 18.17 14.14
N LEU A 591 -15.53 18.29 15.34
CA LEU A 591 -15.69 17.30 16.39
C LEU A 591 -16.44 17.93 17.56
N GLU A 592 -17.46 17.24 18.05
CA GLU A 592 -18.25 17.73 19.19
C GLU A 592 -18.42 16.61 20.20
N THR A 593 -18.13 16.90 21.46
CA THR A 593 -18.34 15.95 22.55
C THR A 593 -18.67 16.74 23.80
N ASP A 594 -18.86 16.02 24.91
CA ASP A 594 -19.30 16.64 26.17
C ASP A 594 -18.25 16.56 27.27
N SER A 595 -17.05 16.06 26.98
CA SER A 595 -16.00 15.97 27.99
C SER A 595 -14.66 15.78 27.29
N LEU A 596 -13.60 15.84 28.07
CA LEU A 596 -12.26 15.59 27.55
C LEU A 596 -12.17 14.13 27.13
N ALA A 597 -12.00 13.89 25.83
CA ALA A 597 -12.01 12.54 25.28
C ALA A 597 -10.83 12.33 24.36
N LEU A 598 -10.22 11.15 24.46
CA LEU A 598 -9.17 10.73 23.53
C LEU A 598 -9.82 10.30 22.22
N VAL A 599 -10.29 11.28 21.46
CA VAL A 599 -11.00 11.01 20.21
C VAL A 599 -10.04 10.33 19.23
N ALA A 600 -10.48 9.21 18.68
CA ALA A 600 -9.70 8.45 17.72
C ALA A 600 -10.32 8.61 16.34
N LEU A 601 -9.54 9.09 15.39
CA LEU A 601 -10.02 9.42 14.06
C LEU A 601 -9.45 8.47 13.03
N GLY A 602 -10.09 8.43 11.87
CA GLY A 602 -9.63 7.62 10.76
C GLY A 602 -10.40 7.91 9.48
N ALA A 603 -9.67 8.19 8.40
CA ALA A 603 -10.26 8.41 7.09
C ALA A 603 -9.95 7.23 6.20
N LEU A 604 -10.98 6.62 5.65
CA LEU A 604 -10.84 5.38 4.88
C LEU A 604 -11.33 5.62 3.46
N ASP A 605 -10.53 5.18 2.49
CA ASP A 605 -10.96 5.19 1.10
C ASP A 605 -12.08 4.19 0.89
N THR A 606 -13.13 4.61 0.18
CA THR A 606 -14.30 3.76 -0.01
C THR A 606 -13.97 2.53 -0.85
N ALA A 607 -13.02 2.65 -1.79
CA ALA A 607 -12.70 1.55 -2.69
C ALA A 607 -12.25 0.31 -1.93
N LEU A 608 -11.69 0.48 -0.73
CA LEU A 608 -11.28 -0.67 0.08
C LEU A 608 -12.46 -1.59 0.35
N TYR A 609 -13.65 -1.02 0.56
CA TYR A 609 -14.84 -1.83 0.76
C TYR A 609 -15.18 -2.63 -0.50
N ALA A 610 -15.07 -1.99 -1.67
CA ALA A 610 -15.39 -2.67 -2.92
C ALA A 610 -14.40 -3.80 -3.22
N ALA A 611 -13.10 -3.55 -2.99
CA ALA A 611 -12.09 -4.54 -3.33
C ALA A 611 -12.16 -5.76 -2.42
N GLY A 612 -12.56 -5.58 -1.16
CA GLY A 612 -12.64 -6.68 -0.21
C GLY A 612 -13.59 -7.78 -0.65
N SER A 613 -13.15 -9.03 -0.52
CA SER A 613 -14.01 -10.16 -0.87
C SER A 613 -15.25 -10.20 -0.01
N LYS A 614 -15.09 -9.97 1.30
CA LYS A 614 -16.20 -9.92 2.23
C LYS A 614 -16.24 -8.53 2.85
N SER A 615 -17.37 -7.84 2.73
CA SER A 615 -17.50 -6.50 3.26
C SER A 615 -17.57 -6.55 4.78
N HIS A 616 -16.62 -5.90 5.44
CA HIS A 616 -16.54 -5.90 6.89
C HIS A 616 -17.16 -4.61 7.42
N LYS A 617 -18.23 -4.74 8.19
CA LYS A 617 -18.89 -3.57 8.75
C LYS A 617 -17.98 -2.88 9.77
N PRO A 618 -17.96 -1.55 9.79
CA PRO A 618 -17.07 -0.85 10.72
C PRO A 618 -17.60 -0.94 12.15
N LEU A 619 -16.74 -0.51 13.08
CA LEU A 619 -17.12 -0.51 14.48
C LEU A 619 -18.21 0.51 14.73
N ASN A 620 -19.28 0.09 15.41
CA ASN A 620 -20.40 0.96 15.72
C ASN A 620 -20.96 0.56 17.08
N MET A 621 -21.97 1.31 17.53
CA MET A 621 -22.52 1.10 18.87
C MET A 621 -23.11 -0.28 19.05
N GLY A 622 -23.52 -0.94 17.96
CA GLY A 622 -24.05 -2.29 18.09
C GLY A 622 -23.03 -3.25 18.69
N LYS A 623 -21.79 -3.18 18.20
CA LYS A 623 -20.74 -4.07 18.73
C LYS A 623 -20.43 -3.75 20.19
N VAL A 624 -20.43 -2.46 20.55
CA VAL A 624 -20.16 -2.09 21.94
C VAL A 624 -21.26 -2.61 22.86
N PHE A 625 -22.52 -2.45 22.44
CA PHE A 625 -23.62 -2.93 23.27
C PHE A 625 -23.64 -4.45 23.35
N GLU A 626 -23.22 -5.13 22.27
CA GLU A 626 -23.03 -6.57 22.35
C GLU A 626 -21.91 -6.93 23.32
N ALA A 627 -20.86 -6.10 23.37
CA ALA A 627 -19.80 -6.31 24.35
C ALA A 627 -20.32 -6.20 25.76
N MET A 628 -21.24 -5.25 26.01
CA MET A 628 -21.97 -5.27 27.28
C MET A 628 -22.67 -6.59 27.51
N ASN A 629 -23.41 -7.07 26.50
CA ASN A 629 -24.18 -8.30 26.66
C ASN A 629 -23.31 -9.55 26.66
N SER A 630 -22.04 -9.45 26.28
CA SER A 630 -21.17 -10.61 26.30
C SER A 630 -20.91 -11.12 27.71
N TYR A 631 -21.11 -10.28 28.72
CA TYR A 631 -20.93 -10.67 30.11
C TYR A 631 -22.24 -11.13 30.78
N ASP A 632 -23.34 -11.16 30.03
CA ASP A 632 -24.62 -11.55 30.60
C ASP A 632 -24.67 -13.07 30.78
N LEU A 633 -25.11 -13.50 31.95
CA LEU A 633 -25.20 -14.92 32.29
C LEU A 633 -26.59 -15.50 32.10
N GLY A 634 -27.49 -14.75 31.46
CA GLY A 634 -28.86 -15.20 31.34
C GLY A 634 -28.98 -16.45 30.48
N CYS A 635 -30.02 -17.24 30.75
CA CYS A 635 -30.31 -18.47 30.05
C CYS A 635 -31.77 -18.43 29.59
N GLY A 636 -31.99 -17.85 28.40
CA GLY A 636 -33.32 -17.76 27.86
C GLY A 636 -34.08 -16.53 28.32
N PRO A 637 -35.37 -16.48 28.00
CA PRO A 637 -36.18 -15.30 28.36
C PRO A 637 -36.68 -15.33 29.80
N GLY A 638 -36.13 -16.21 30.62
CA GLY A 638 -36.51 -16.29 32.01
C GLY A 638 -37.63 -17.25 32.29
N GLY A 639 -38.01 -17.32 33.55
CA GLY A 639 -39.05 -18.22 34.01
C GLY A 639 -38.51 -19.60 34.34
N GLY A 640 -39.26 -20.31 35.18
CA GLY A 640 -38.87 -21.64 35.57
C GLY A 640 -39.92 -22.27 36.45
N ASP A 641 -39.91 -23.61 36.47
CA ASP A 641 -40.87 -24.35 37.27
C ASP A 641 -40.65 -24.13 38.77
N SER A 642 -39.39 -24.12 39.20
CA SER A 642 -39.05 -23.96 40.60
C SER A 642 -38.16 -22.73 40.79
N ALA A 643 -38.01 -22.32 42.05
CA ALA A 643 -37.18 -21.17 42.35
C ALA A 643 -35.73 -21.40 41.95
N LEU A 644 -35.21 -22.61 42.20
CA LEU A 644 -33.85 -22.93 41.81
C LEU A 644 -33.67 -22.82 40.30
N GLN A 645 -34.64 -23.32 39.53
CA GLN A 645 -34.56 -23.21 38.08
C GLN A 645 -34.61 -21.75 37.63
N VAL A 646 -35.47 -20.95 38.27
CA VAL A 646 -35.56 -19.54 37.92
C VAL A 646 -34.22 -18.84 38.17
N PHE A 647 -33.62 -19.08 39.33
CA PHE A 647 -32.34 -18.46 39.65
C PHE A 647 -31.24 -18.95 38.71
N GLN A 648 -31.24 -20.24 38.37
CA GLN A 648 -30.24 -20.78 37.47
C GLN A 648 -30.35 -20.15 36.08
N ALA A 649 -31.58 -20.03 35.58
CA ALA A 649 -31.78 -19.39 34.27
C ALA A 649 -31.37 -17.92 34.32
N ALA A 650 -31.69 -17.23 35.41
CA ALA A 650 -31.30 -15.84 35.54
C ALA A 650 -29.78 -15.69 35.55
N GLY A 651 -29.08 -16.57 36.25
CA GLY A 651 -27.63 -16.50 36.31
C GLY A 651 -27.11 -16.24 37.71
N LEU A 652 -27.84 -16.74 38.72
CA LEU A 652 -27.48 -16.55 40.11
C LEU A 652 -27.32 -17.89 40.81
N ALA A 653 -26.64 -17.86 41.95
CA ALA A 653 -26.49 -19.01 42.82
C ALA A 653 -27.20 -18.72 44.13
N PHE A 654 -28.15 -19.58 44.50
CA PHE A 654 -29.00 -19.38 45.65
C PHE A 654 -28.83 -20.54 46.62
N SER A 655 -28.65 -20.21 47.91
CA SER A 655 -28.59 -21.20 48.97
C SER A 655 -29.29 -20.65 50.19
N ASP A 656 -30.24 -21.41 50.73
CA ASP A 656 -31.01 -21.02 51.90
C ASP A 656 -30.70 -21.90 53.11
N GLY A 657 -29.68 -22.75 53.02
CA GLY A 657 -29.33 -23.66 54.07
C GLY A 657 -29.88 -25.07 53.91
N ASP A 658 -30.93 -25.24 53.12
CA ASP A 658 -31.50 -26.56 52.85
C ASP A 658 -31.46 -26.92 51.38
N GLN A 659 -31.85 -26.01 50.49
CA GLN A 659 -31.79 -26.24 49.05
C GLN A 659 -30.85 -25.21 48.43
N TRP A 660 -29.87 -25.70 47.67
CA TRP A 660 -28.89 -24.86 47.00
C TRP A 660 -28.74 -25.33 45.57
N THR A 661 -28.67 -24.38 44.65
CA THR A 661 -28.50 -24.72 43.24
C THR A 661 -27.05 -25.15 42.98
N LEU A 662 -26.90 -26.16 42.14
CA LEU A 662 -25.57 -26.65 41.79
C LEU A 662 -24.90 -25.68 40.84
N SER A 663 -23.56 -25.67 40.87
CA SER A 663 -22.81 -24.84 39.95
C SER A 663 -23.11 -25.21 38.51
N ARG A 664 -23.23 -24.19 37.66
CA ARG A 664 -23.58 -24.43 36.27
C ARG A 664 -22.56 -25.33 35.58
N LYS A 665 -23.06 -26.27 34.80
CA LYS A 665 -22.18 -27.22 34.12
C LYS A 665 -21.26 -26.51 33.14
N ARG A 666 -21.80 -25.57 32.37
CA ARG A 666 -21.03 -24.82 31.39
C ARG A 666 -21.50 -23.37 31.38
N LEU A 667 -20.62 -22.48 30.91
CA LEU A 667 -20.98 -21.08 30.81
C LEU A 667 -22.00 -20.84 29.70
N SER A 668 -22.01 -21.69 28.68
CA SER A 668 -22.89 -21.46 27.54
C SER A 668 -24.37 -21.57 27.91
N CYS A 669 -24.70 -22.50 28.82
CA CYS A 669 -26.08 -22.80 29.19
C CYS A 669 -26.90 -23.18 27.97
N PRO A 670 -26.59 -24.30 27.30
CA PRO A 670 -27.34 -24.70 26.09
C PRO A 670 -28.80 -25.04 26.40
N SER B 1464 -6.64 6.36 -43.79
CA SER B 1464 -8.07 6.44 -44.04
C SER B 1464 -8.83 5.37 -43.26
N ARG B 1465 -9.15 4.28 -43.95
CA ARG B 1465 -9.88 3.16 -43.36
C ARG B 1465 -8.95 1.95 -43.26
N VAL B 1466 -8.91 1.34 -42.08
CA VAL B 1466 -8.00 0.24 -41.78
C VAL B 1466 -8.83 -0.98 -41.42
N HIS B 1467 -8.49 -2.12 -42.02
CA HIS B 1467 -9.22 -3.36 -41.84
C HIS B 1467 -8.59 -4.16 -40.71
N TYR B 1468 -9.35 -4.37 -39.64
CA TYR B 1468 -8.90 -5.16 -38.50
C TYR B 1468 -9.21 -6.64 -38.73
N THR B 1469 -8.59 -7.49 -37.92
CA THR B 1469 -8.87 -8.93 -37.96
C THR B 1469 -8.52 -9.51 -36.60
N VAL B 1470 -9.54 -9.85 -35.82
CA VAL B 1470 -9.38 -10.40 -34.48
C VAL B 1470 -9.57 -11.90 -34.57
N CYS B 1471 -8.56 -12.66 -34.13
CA CYS B 1471 -8.63 -14.11 -34.22
C CYS B 1471 -8.47 -14.77 -32.86
N ILE B 1472 -9.16 -15.90 -32.70
CA ILE B 1472 -9.41 -16.51 -31.39
C ILE B 1472 -9.50 -18.01 -31.56
N TRP B 1473 -8.99 -18.73 -30.57
CA TRP B 1473 -9.13 -20.18 -30.48
C TRP B 1473 -8.70 -20.62 -29.09
N ARG B 1474 -9.02 -21.86 -28.75
CA ARG B 1474 -8.64 -22.44 -27.47
C ARG B 1474 -7.88 -23.74 -27.70
N ASN B 1475 -6.92 -24.01 -26.81
CA ASN B 1475 -6.08 -25.20 -26.90
C ASN B 1475 -6.13 -26.08 -25.66
N GLY B 1476 -6.20 -25.48 -24.47
CA GLY B 1476 -6.08 -26.27 -23.25
C GLY B 1476 -7.20 -27.27 -23.06
N LYS B 1477 -8.45 -26.84 -23.32
CA LYS B 1477 -9.66 -27.64 -23.26
C LYS B 1477 -10.05 -28.03 -21.84
N VAL B 1478 -9.27 -27.66 -20.83
CA VAL B 1478 -9.51 -28.05 -19.45
C VAL B 1478 -9.58 -26.80 -18.60
N GLY B 1479 -10.63 -26.71 -17.78
CA GLY B 1479 -10.84 -25.53 -16.96
C GLY B 1479 -11.57 -24.41 -17.65
N LEU B 1480 -11.84 -24.54 -18.95
CA LEU B 1480 -12.56 -23.52 -19.71
C LEU B 1480 -14.06 -23.76 -19.63
N SER B 1481 -14.81 -22.68 -19.82
CA SER B 1481 -16.27 -22.72 -19.74
C SER B 1481 -16.92 -22.45 -21.09
N GLY B 1482 -16.15 -22.51 -22.17
CA GLY B 1482 -16.71 -22.24 -23.47
C GLY B 1482 -16.72 -20.76 -23.78
N MET B 1483 -17.88 -20.13 -23.60
CA MET B 1483 -18.08 -18.72 -23.92
C MET B 1483 -16.96 -17.87 -23.33
N ALA B 1484 -16.49 -16.91 -24.13
CA ALA B 1484 -15.37 -16.06 -23.77
C ALA B 1484 -15.64 -14.64 -24.24
N ILE B 1485 -15.00 -13.68 -23.58
CA ILE B 1485 -15.23 -12.26 -23.83
C ILE B 1485 -14.00 -11.70 -24.53
N ALA B 1486 -14.20 -11.10 -25.70
CA ALA B 1486 -13.13 -10.48 -26.46
C ALA B 1486 -13.10 -8.98 -26.19
N ASP B 1487 -11.91 -8.46 -25.93
CA ASP B 1487 -11.72 -7.05 -25.61
C ASP B 1487 -10.46 -6.60 -26.33
N VAL B 1488 -10.63 -6.08 -27.54
CA VAL B 1488 -9.53 -5.53 -28.32
C VAL B 1488 -9.56 -4.02 -28.21
N THR B 1489 -8.39 -3.43 -28.05
CA THR B 1489 -8.25 -1.98 -28.00
C THR B 1489 -7.62 -1.53 -29.31
N LEU B 1490 -8.32 -0.67 -30.04
CA LEU B 1490 -7.84 -0.19 -31.32
C LEU B 1490 -6.64 0.73 -31.10
N LEU B 1491 -6.14 1.28 -32.21
CA LEU B 1491 -5.03 2.22 -32.13
C LEU B 1491 -5.52 3.53 -31.48
N SER B 1492 -4.60 4.48 -31.35
CA SER B 1492 -4.88 5.68 -30.57
C SER B 1492 -6.01 6.49 -31.17
N GLY B 1493 -6.04 6.63 -32.49
CA GLY B 1493 -7.03 7.48 -33.12
C GLY B 1493 -8.02 6.75 -34.00
N PHE B 1494 -8.50 5.59 -33.55
CA PHE B 1494 -9.39 4.76 -34.36
C PHE B 1494 -10.61 4.36 -33.54
N HIS B 1495 -11.77 4.39 -34.20
CA HIS B 1495 -13.00 3.85 -33.64
C HIS B 1495 -13.65 2.94 -34.67
N ALA B 1496 -14.17 1.80 -34.22
CA ALA B 1496 -14.71 0.81 -35.13
C ALA B 1496 -16.00 1.29 -35.79
N LEU B 1497 -16.26 0.77 -36.98
CA LEU B 1497 -17.49 1.06 -37.69
C LEU B 1497 -18.61 0.17 -37.15
N ARG B 1498 -19.70 0.79 -36.68
CA ARG B 1498 -20.80 0.01 -36.13
C ARG B 1498 -21.54 -0.74 -37.22
N ALA B 1499 -21.56 -0.23 -38.45
CA ALA B 1499 -22.25 -0.91 -39.54
C ALA B 1499 -21.63 -2.27 -39.82
N ASP B 1500 -20.29 -2.33 -39.87
CA ASP B 1500 -19.62 -3.61 -40.10
C ASP B 1500 -19.92 -4.59 -38.99
N LEU B 1501 -19.91 -4.13 -37.73
CA LEU B 1501 -20.13 -5.03 -36.61
C LEU B 1501 -21.57 -5.52 -36.55
N GLU B 1502 -22.53 -4.66 -36.90
CA GLU B 1502 -23.93 -5.10 -36.88
C GLU B 1502 -24.23 -6.04 -38.04
N LYS B 1503 -23.61 -5.80 -39.21
CA LYS B 1503 -23.67 -6.78 -40.29
C LYS B 1503 -23.05 -8.10 -39.85
N LEU B 1504 -21.95 -8.03 -39.10
CA LEU B 1504 -21.27 -9.21 -38.60
C LEU B 1504 -22.16 -10.00 -37.65
N THR B 1505 -22.86 -9.31 -36.74
CA THR B 1505 -23.70 -9.95 -35.75
C THR B 1505 -25.09 -10.32 -36.29
N SER B 1506 -25.48 -9.81 -37.46
CA SER B 1506 -26.77 -10.18 -38.03
C SER B 1506 -26.74 -11.51 -38.75
N LEU B 1507 -25.58 -12.08 -38.99
CA LEU B 1507 -25.46 -13.31 -39.75
C LEU B 1507 -25.77 -14.51 -38.84
N SER B 1508 -26.32 -15.57 -39.43
CA SER B 1508 -26.77 -16.71 -38.63
C SER B 1508 -25.64 -17.33 -37.83
N ASP B 1509 -24.53 -17.67 -38.50
CA ASP B 1509 -23.32 -18.12 -37.81
C ASP B 1509 -22.37 -16.94 -37.64
N ARG B 1510 -22.78 -16.05 -36.74
CA ARG B 1510 -22.06 -14.79 -36.53
C ARG B 1510 -20.77 -14.97 -35.74
N TYR B 1511 -20.66 -16.06 -34.97
CA TYR B 1511 -19.53 -16.38 -34.12
C TYR B 1511 -19.45 -15.53 -32.86
N VAL B 1512 -20.29 -14.48 -32.77
CA VAL B 1512 -20.39 -13.68 -31.56
C VAL B 1512 -21.86 -13.30 -31.35
N SER B 1513 -22.36 -13.51 -30.13
CA SER B 1513 -23.75 -13.23 -29.83
C SER B 1513 -24.02 -11.76 -29.51
N HIS B 1514 -22.99 -10.95 -29.28
CA HIS B 1514 -23.20 -9.58 -28.84
C HIS B 1514 -21.91 -8.80 -29.09
N PHE B 1515 -22.06 -7.48 -29.19
CA PHE B 1515 -20.92 -6.59 -29.37
C PHE B 1515 -21.26 -5.22 -28.79
N GLU B 1516 -20.21 -4.46 -28.48
CA GLU B 1516 -20.35 -3.07 -28.06
C GLU B 1516 -19.01 -2.38 -28.20
N THR B 1517 -18.99 -1.28 -28.95
CA THR B 1517 -17.76 -0.53 -29.21
C THR B 1517 -18.00 0.96 -28.99
N GLU B 1518 -17.04 1.61 -28.33
CA GLU B 1518 -17.04 3.06 -28.18
C GLU B 1518 -15.60 3.54 -28.29
N GLY B 1519 -15.33 4.40 -29.26
CA GLY B 1519 -14.01 4.93 -29.48
C GLY B 1519 -12.97 3.85 -29.71
N PRO B 1520 -11.85 3.93 -29.00
CA PRO B 1520 -10.76 2.98 -29.20
C PRO B 1520 -11.00 1.60 -28.59
N HIS B 1521 -12.23 1.28 -28.18
CA HIS B 1521 -12.53 0.02 -27.53
C HIS B 1521 -13.56 -0.76 -28.35
N VAL B 1522 -13.35 -2.06 -28.46
CA VAL B 1522 -14.29 -2.96 -29.12
C VAL B 1522 -14.48 -4.18 -28.24
N LEU B 1523 -15.74 -4.47 -27.89
CA LEU B 1523 -16.07 -5.62 -27.08
C LEU B 1523 -16.87 -6.61 -27.91
N LEU B 1524 -16.43 -7.86 -27.93
CA LEU B 1524 -17.11 -8.94 -28.65
C LEU B 1524 -17.27 -10.12 -27.72
N TYR B 1525 -18.47 -10.71 -27.75
CA TYR B 1525 -18.79 -11.87 -26.90
C TYR B 1525 -18.78 -13.13 -27.76
N PHE B 1526 -17.72 -13.91 -27.64
CA PHE B 1526 -17.60 -15.18 -28.36
C PHE B 1526 -18.23 -16.28 -27.50
N ASP B 1527 -19.33 -16.84 -27.97
CA ASP B 1527 -20.04 -17.88 -27.24
C ASP B 1527 -19.58 -19.29 -27.60
N SER B 1528 -18.59 -19.42 -28.48
CA SER B 1528 -18.11 -20.74 -28.89
C SER B 1528 -16.68 -20.59 -29.36
N VAL B 1529 -15.72 -21.06 -28.57
CA VAL B 1529 -14.32 -21.05 -28.97
C VAL B 1529 -13.89 -22.48 -29.26
N PRO B 1530 -13.69 -22.85 -30.52
CA PRO B 1530 -13.35 -24.23 -30.86
C PRO B 1530 -11.86 -24.51 -30.92
N THR B 1531 -11.50 -25.74 -31.29
CA THR B 1531 -10.10 -26.12 -31.40
C THR B 1531 -9.39 -25.31 -32.48
N SER B 1532 -9.95 -25.29 -33.69
CA SER B 1532 -9.28 -24.68 -34.82
C SER B 1532 -9.32 -23.16 -34.73
N ARG B 1533 -8.59 -22.51 -35.65
CA ARG B 1533 -8.54 -21.06 -35.69
C ARG B 1533 -9.69 -20.59 -36.57
N GLU B 1534 -10.81 -20.25 -35.92
CA GLU B 1534 -11.88 -19.52 -36.55
C GLU B 1534 -11.79 -18.07 -36.10
N CYS B 1535 -12.02 -17.14 -37.04
CA CYS B 1535 -11.95 -15.75 -36.64
C CYS B 1535 -12.64 -14.88 -37.68
N VAL B 1536 -12.72 -13.59 -37.35
CA VAL B 1536 -13.58 -12.64 -38.06
C VAL B 1536 -12.93 -11.27 -37.95
N GLY B 1537 -13.14 -10.45 -38.98
CA GLY B 1537 -12.53 -9.14 -39.02
C GLY B 1537 -13.56 -8.06 -39.28
N PHE B 1538 -13.22 -6.84 -38.85
CA PHE B 1538 -14.04 -5.67 -39.05
C PHE B 1538 -13.16 -4.51 -39.46
N GLU B 1539 -13.79 -3.43 -39.93
CA GLU B 1539 -13.07 -2.28 -40.45
C GLU B 1539 -13.29 -1.06 -39.57
N ALA B 1540 -12.23 -0.30 -39.34
CA ALA B 1540 -12.26 0.90 -38.51
C ALA B 1540 -11.89 2.11 -39.35
N VAL B 1541 -12.05 3.29 -38.74
CA VAL B 1541 -11.74 4.56 -39.38
C VAL B 1541 -10.87 5.38 -38.44
N GLN B 1542 -10.24 6.41 -39.01
CA GLN B 1542 -9.26 7.22 -38.30
C GLN B 1542 -9.87 8.58 -37.95
N GLU B 1543 -9.69 9.01 -36.70
CA GLU B 1543 -10.10 10.33 -36.26
C GLU B 1543 -8.95 11.32 -36.25
N VAL B 1544 -7.87 10.98 -35.56
CA VAL B 1544 -6.67 11.82 -35.50
C VAL B 1544 -5.47 10.97 -35.87
N PRO B 1545 -4.42 11.55 -36.46
CA PRO B 1545 -3.22 10.77 -36.73
C PRO B 1545 -2.60 10.24 -35.45
N VAL B 1546 -2.03 9.04 -35.53
CA VAL B 1546 -1.44 8.41 -34.35
C VAL B 1546 -0.24 9.23 -33.92
N GLY B 1547 -0.26 9.68 -32.66
CA GLY B 1547 0.76 10.60 -32.18
C GLY B 1547 2.14 9.97 -32.10
N LEU B 1548 2.21 8.66 -31.89
CA LEU B 1548 3.49 7.99 -31.71
C LEU B 1548 3.34 6.52 -32.07
N VAL B 1549 4.36 5.97 -32.73
CA VAL B 1549 4.32 4.58 -33.19
C VAL B 1549 4.45 3.66 -31.98
N GLN B 1550 3.49 2.75 -31.84
CA GLN B 1550 3.40 1.95 -30.63
C GLN B 1550 2.39 0.82 -30.81
N PRO B 1551 2.66 -0.37 -30.28
CA PRO B 1551 1.67 -1.45 -30.32
C PRO B 1551 0.52 -1.20 -29.36
N ALA B 1552 -0.61 -1.82 -29.67
CA ALA B 1552 -1.79 -1.81 -28.81
C ALA B 1552 -1.94 -3.17 -28.14
N SER B 1553 -2.89 -3.24 -27.22
CA SER B 1553 -3.13 -4.46 -26.45
C SER B 1553 -4.56 -4.93 -26.66
N ALA B 1554 -4.73 -6.24 -26.87
CA ALA B 1554 -6.04 -6.86 -26.97
C ALA B 1554 -6.10 -7.99 -25.95
N THR B 1555 -7.15 -8.00 -25.14
CA THR B 1555 -7.29 -8.95 -24.05
C THR B 1555 -8.50 -9.83 -24.30
N LEU B 1556 -8.37 -11.11 -23.96
CA LEU B 1556 -9.46 -12.08 -24.11
C LEU B 1556 -9.77 -12.62 -22.73
N TYR B 1557 -10.99 -12.38 -22.25
CA TYR B 1557 -11.42 -12.80 -20.93
C TYR B 1557 -12.23 -14.08 -21.01
N ASP B 1558 -12.24 -14.84 -19.93
CA ASP B 1558 -13.10 -16.00 -19.79
C ASP B 1558 -14.41 -15.58 -19.11
N TYR B 1559 -15.53 -16.03 -19.67
CA TYR B 1559 -16.83 -15.58 -19.19
C TYR B 1559 -17.07 -15.97 -17.74
N TYR B 1560 -16.74 -17.21 -17.38
CA TYR B 1560 -17.05 -17.70 -16.04
C TYR B 1560 -15.92 -17.45 -15.04
N ASN B 1561 -14.68 -17.45 -15.49
CA ASN B 1561 -13.51 -17.20 -14.63
C ASN B 1561 -12.66 -16.12 -15.28
N PRO B 1562 -13.06 -14.85 -15.14
CA PRO B 1562 -12.32 -13.77 -15.80
C PRO B 1562 -10.86 -13.70 -15.42
N GLU B 1563 -10.49 -14.19 -14.23
CA GLU B 1563 -9.08 -14.23 -13.86
C GLU B 1563 -8.27 -15.15 -14.77
N ARG B 1564 -8.92 -16.05 -15.50
CA ARG B 1564 -8.26 -16.88 -16.50
C ARG B 1564 -8.23 -16.13 -17.83
N ARG B 1565 -7.36 -15.13 -17.88
CA ARG B 1565 -7.23 -14.25 -19.04
C ARG B 1565 -5.77 -14.20 -19.48
N CYS B 1566 -5.56 -13.67 -20.68
CA CYS B 1566 -4.22 -13.35 -21.16
C CYS B 1566 -4.28 -12.41 -22.36
N SER B 1567 -3.58 -11.30 -22.25
CA SER B 1567 -3.59 -10.27 -23.29
C SER B 1567 -2.53 -10.54 -24.33
N VAL B 1568 -2.78 -10.06 -25.55
CA VAL B 1568 -1.84 -10.16 -26.65
C VAL B 1568 -1.55 -8.75 -27.16
N PHE B 1569 -0.28 -8.49 -27.44
CA PHE B 1569 0.13 -7.24 -28.05
C PHE B 1569 0.16 -7.40 -29.56
N TYR B 1570 -0.57 -6.55 -30.26
CA TYR B 1570 -0.61 -6.55 -31.70
C TYR B 1570 -0.10 -5.21 -32.22
N GLY B 1571 0.74 -5.25 -33.24
CA GLY B 1571 1.33 -4.05 -33.78
C GLY B 1571 0.45 -3.38 -34.82
N ALA B 1572 0.98 -2.29 -35.36
CA ALA B 1572 0.36 -1.54 -36.46
C ALA B 1572 0.36 -2.42 -37.71
N PRO B 1573 -0.27 -1.99 -38.81
CA PRO B 1573 -0.28 -2.86 -40.01
C PRO B 1573 1.09 -3.28 -40.49
N SER B 1574 2.11 -2.42 -40.36
CA SER B 1574 3.46 -2.78 -40.78
C SER B 1574 4.49 -2.76 -39.66
N LYS B 1575 4.18 -2.17 -38.51
CA LYS B 1575 5.16 -2.03 -37.44
C LYS B 1575 5.27 -3.37 -36.67
N SER B 1576 6.05 -3.36 -35.60
CA SER B 1576 6.39 -4.58 -34.87
C SER B 1576 5.44 -4.78 -33.68
N ARG B 1577 5.47 -5.99 -33.13
CA ARG B 1577 4.57 -6.34 -32.04
C ARG B 1577 5.00 -5.70 -30.72
N LEU B 1578 6.30 -5.66 -30.45
CA LEU B 1578 6.80 -5.17 -29.17
C LEU B 1578 7.88 -4.12 -29.41
N LEU B 1579 8.03 -3.25 -28.41
CA LEU B 1579 9.04 -2.20 -28.46
C LEU B 1579 10.43 -2.83 -28.63
N ALA B 1580 11.12 -2.42 -29.68
CA ALA B 1580 12.45 -2.94 -29.92
C ALA B 1580 13.42 -2.46 -28.84
N THR B 1581 14.09 -3.40 -28.19
CA THR B 1581 15.13 -3.11 -27.22
C THR B 1581 16.33 -4.00 -27.48
N LEU B 1582 17.52 -3.39 -27.53
CA LEU B 1582 18.75 -4.14 -27.75
C LEU B 1582 19.09 -4.81 -26.43
N CYS B 1583 18.63 -6.04 -26.25
CA CYS B 1583 18.85 -6.74 -24.99
C CYS B 1583 19.89 -7.83 -25.12
N SER B 1584 20.88 -7.78 -24.24
CA SER B 1584 21.98 -8.74 -24.16
C SER B 1584 22.47 -8.77 -22.73
N ALA B 1585 23.19 -9.85 -22.39
CA ALA B 1585 23.74 -10.06 -21.03
C ALA B 1585 22.58 -9.94 -20.04
N GLU B 1586 22.70 -9.14 -18.98
CA GLU B 1586 21.62 -8.98 -18.01
C GLU B 1586 21.17 -7.53 -17.88
N VAL B 1587 21.59 -6.65 -18.78
CA VAL B 1587 21.14 -5.26 -18.80
C VAL B 1587 20.97 -4.84 -20.26
N CYS B 1588 19.94 -4.04 -20.54
CA CYS B 1588 19.73 -3.67 -21.93
C CYS B 1588 19.15 -2.27 -22.07
N GLN B 1589 19.27 -1.76 -23.30
CA GLN B 1589 19.11 -0.37 -23.67
C GLN B 1589 17.83 -0.18 -24.47
N CYS B 1590 17.27 1.03 -24.38
CA CYS B 1590 16.10 1.38 -25.17
C CYS B 1590 16.51 1.61 -26.63
N ALA B 1591 16.11 0.70 -27.51
CA ALA B 1591 16.46 0.83 -28.92
C ALA B 1591 15.49 1.72 -29.70
N GLU B 1592 14.38 2.12 -29.10
CA GLU B 1592 13.46 3.01 -29.78
C GLU B 1592 14.08 4.38 -29.98
N GLY B 1593 13.88 4.96 -31.16
CA GLY B 1593 14.45 6.26 -31.48
C GLY B 1593 14.24 6.66 -32.92
N LYS B 1594 15.30 7.13 -33.56
CA LYS B 1594 15.25 7.59 -34.95
C LYS B 1594 16.24 6.79 -35.79
N CYS B 1595 16.08 6.89 -37.10
CA CYS B 1595 16.97 6.19 -38.02
C CYS B 1595 18.34 6.85 -38.06
N PRO B 1596 19.41 6.06 -38.19
CA PRO B 1596 20.70 6.64 -38.55
C PRO B 1596 20.64 7.28 -39.93
N ARG B 1597 21.38 8.38 -40.08
CA ARG B 1597 21.28 9.17 -41.30
C ARG B 1597 22.12 8.60 -42.43
N GLN B 1598 23.30 8.05 -42.11
CA GLN B 1598 24.28 7.64 -43.11
C GLN B 1598 24.65 8.84 -44.00
N ARG B 1599 25.30 9.79 -43.35
CA ARG B 1599 25.66 11.04 -44.01
C ARG B 1599 26.58 10.78 -45.20
N ARG B 1600 26.28 11.43 -46.32
CA ARG B 1600 27.08 11.32 -47.54
C ARG B 1600 27.39 12.73 -48.02
N ALA B 1601 28.64 13.16 -47.85
CA ALA B 1601 29.10 14.45 -48.32
C ALA B 1601 30.16 14.34 -49.39
N LEU B 1602 31.15 13.48 -49.20
CA LEU B 1602 32.17 13.27 -50.24
C LEU B 1602 31.59 12.54 -51.44
N GLU B 1603 30.73 11.56 -51.19
CA GLU B 1603 30.11 10.82 -52.30
C GLU B 1603 29.21 11.72 -53.13
N ARG B 1604 28.42 12.57 -52.47
CA ARG B 1604 27.61 13.53 -53.19
C ARG B 1604 28.44 14.65 -53.78
N GLY B 1605 29.66 14.86 -53.30
CA GLY B 1605 30.51 15.92 -53.79
C GLY B 1605 30.38 17.24 -53.06
N LEU B 1606 29.60 17.29 -51.98
CA LEU B 1606 29.42 18.53 -51.23
C LEU B 1606 30.63 18.77 -50.34
N GLN B 1607 31.25 19.95 -50.50
CA GLN B 1607 32.43 20.28 -49.71
C GLN B 1607 32.05 20.47 -48.24
N ASP B 1608 33.01 20.16 -47.37
CA ASP B 1608 32.77 20.27 -45.93
C ASP B 1608 32.63 21.73 -45.53
N GLU B 1609 31.62 22.02 -44.72
CA GLU B 1609 31.31 23.40 -44.32
C GLU B 1609 31.45 23.52 -42.81
N ASP B 1610 32.31 24.45 -42.37
CA ASP B 1610 32.52 24.77 -40.96
C ASP B 1610 32.90 23.54 -40.14
N GLY B 1611 33.53 22.55 -40.78
CA GLY B 1611 33.86 21.33 -40.08
C GLY B 1611 32.63 20.63 -39.54
N TYR B 1612 31.66 20.36 -40.43
CA TYR B 1612 30.41 19.74 -39.99
C TYR B 1612 30.66 18.47 -39.19
N ARG B 1613 31.60 17.64 -39.65
CA ARG B 1613 31.98 16.47 -38.86
C ARG B 1613 32.58 16.90 -37.52
N MET B 1614 33.44 17.92 -37.52
CA MET B 1614 34.04 18.38 -36.27
C MET B 1614 33.00 19.07 -35.38
N LYS B 1615 32.07 19.82 -35.99
CA LYS B 1615 30.99 20.42 -35.22
C LYS B 1615 30.12 19.35 -34.57
N PHE B 1616 29.76 18.31 -35.33
CA PHE B 1616 28.96 17.22 -34.79
C PHE B 1616 29.72 16.46 -33.71
N ALA B 1617 31.04 16.39 -33.84
CA ALA B 1617 31.84 15.67 -32.86
C ALA B 1617 31.99 16.46 -31.56
N CYS B 1618 32.14 17.79 -31.66
CA CYS B 1618 32.56 18.59 -30.51
C CYS B 1618 31.46 19.46 -29.92
N TYR B 1619 30.49 19.92 -30.72
CA TYR B 1619 29.48 20.84 -30.21
C TYR B 1619 28.22 20.10 -29.74
N TYR B 1620 27.50 19.47 -30.67
CA TYR B 1620 26.30 18.73 -30.34
C TYR B 1620 25.86 17.90 -31.54
N PRO B 1621 25.47 16.65 -31.34
CA PRO B 1621 25.57 15.87 -30.11
C PRO B 1621 27.01 15.43 -29.88
N ARG B 1622 27.62 15.80 -28.75
CA ARG B 1622 29.00 15.42 -28.48
C ARG B 1622 29.15 13.91 -28.55
N VAL B 1623 30.23 13.46 -29.20
CA VAL B 1623 30.44 12.04 -29.43
C VAL B 1623 31.37 11.53 -28.34
N GLU B 1624 30.97 10.45 -27.67
CA GLU B 1624 31.85 9.85 -26.68
C GLU B 1624 32.63 8.66 -27.22
N TYR B 1625 32.29 8.17 -28.41
CA TYR B 1625 33.09 7.15 -29.07
C TYR B 1625 33.20 7.49 -30.55
N GLY B 1626 34.37 7.26 -31.13
CA GLY B 1626 34.55 7.43 -32.55
C GLY B 1626 35.62 6.52 -33.13
N PHE B 1627 35.27 5.73 -34.14
CA PHE B 1627 36.22 4.84 -34.78
C PHE B 1627 36.02 4.84 -36.28
N GLN B 1628 37.03 4.34 -36.99
CA GLN B 1628 36.91 3.94 -38.39
C GLN B 1628 36.94 2.42 -38.42
N VAL B 1629 35.87 1.82 -38.94
CA VAL B 1629 35.67 0.38 -38.88
C VAL B 1629 35.51 -0.18 -40.29
N LYS B 1630 36.04 -1.38 -40.50
CA LYS B 1630 35.81 -2.14 -41.72
C LYS B 1630 34.77 -3.21 -41.45
N VAL B 1631 33.71 -3.21 -42.24
CA VAL B 1631 32.58 -4.11 -42.00
C VAL B 1631 32.94 -5.49 -42.50
N LEU B 1632 33.07 -6.45 -41.57
CA LEU B 1632 33.38 -7.82 -41.95
C LEU B 1632 32.18 -8.54 -42.52
N ARG B 1633 30.99 -8.36 -41.93
CA ARG B 1633 29.83 -9.13 -42.31
C ARG B 1633 28.57 -8.36 -41.96
N GLU B 1634 27.46 -8.80 -42.54
CA GLU B 1634 26.13 -8.28 -42.21
C GLU B 1634 25.27 -9.46 -41.80
N ASP B 1635 24.65 -9.36 -40.63
CA ASP B 1635 23.81 -10.42 -40.10
C ASP B 1635 22.60 -9.78 -39.42
N SER B 1636 21.54 -10.57 -39.30
CA SER B 1636 20.29 -10.13 -38.67
C SER B 1636 20.01 -10.98 -37.45
N ARG B 1637 19.85 -10.34 -36.30
CA ARG B 1637 19.48 -11.01 -35.06
C ARG B 1637 18.34 -10.24 -34.40
N ALA B 1638 17.26 -10.97 -34.07
CA ALA B 1638 16.06 -10.39 -33.44
C ALA B 1638 15.59 -9.23 -34.33
N ALA B 1639 15.37 -8.04 -33.78
CA ALA B 1639 14.88 -6.90 -34.55
C ALA B 1639 16.01 -6.03 -35.12
N PHE B 1640 17.27 -6.40 -34.91
CA PHE B 1640 18.40 -5.60 -35.35
C PHE B 1640 19.24 -6.36 -36.38
N ARG B 1641 19.84 -5.60 -37.28
CA ARG B 1641 20.76 -6.12 -38.28
C ARG B 1641 22.19 -5.87 -37.79
N LEU B 1642 22.88 -6.93 -37.40
CA LEU B 1642 24.20 -6.82 -36.79
C LEU B 1642 25.25 -6.70 -37.87
N PHE B 1643 26.08 -5.66 -37.79
CA PHE B 1643 27.25 -5.49 -38.65
C PHE B 1643 28.49 -5.71 -37.80
N GLU B 1644 29.08 -6.89 -37.90
CA GLU B 1644 30.33 -7.16 -37.20
C GLU B 1644 31.46 -6.45 -37.92
N THR B 1645 32.18 -5.59 -37.20
CA THR B 1645 33.17 -4.70 -37.79
C THR B 1645 34.51 -4.85 -37.09
N LYS B 1646 35.57 -4.51 -37.83
CA LYS B 1646 36.93 -4.55 -37.32
C LYS B 1646 37.45 -3.12 -37.19
N ILE B 1647 38.12 -2.84 -36.08
CA ILE B 1647 38.54 -1.48 -35.76
C ILE B 1647 39.82 -1.16 -36.52
N THR B 1648 39.73 -0.23 -37.47
CA THR B 1648 40.93 0.24 -38.16
C THR B 1648 41.73 1.19 -37.28
N GLN B 1649 41.06 2.12 -36.60
CA GLN B 1649 41.72 3.06 -35.71
C GLN B 1649 40.68 3.56 -34.71
N VAL B 1650 41.17 4.01 -33.55
CA VAL B 1650 40.33 4.46 -32.46
C VAL B 1650 40.50 5.97 -32.37
N LEU B 1651 39.54 6.73 -32.92
CA LEU B 1651 39.63 8.18 -32.86
C LEU B 1651 39.41 8.69 -31.44
N HIS B 1652 38.35 8.21 -30.77
CA HIS B 1652 37.97 8.73 -29.47
C HIS B 1652 37.21 7.66 -28.72
N PHE B 1653 37.24 7.74 -27.39
CA PHE B 1653 36.49 6.82 -26.55
C PHE B 1653 36.36 7.36 -25.13
N THR B 1654 35.14 7.38 -24.60
CA THR B 1654 34.93 7.74 -23.20
C THR B 1654 34.89 6.48 -22.33
N LYS B 1655 33.96 5.58 -22.62
CA LYS B 1655 34.00 4.24 -22.07
C LYS B 1655 34.87 3.38 -22.98
N ASP B 1656 35.01 2.09 -22.63
CA ASP B 1656 35.74 1.12 -23.43
C ASP B 1656 37.19 1.60 -23.58
N VAL B 1657 37.90 1.56 -22.45
CA VAL B 1657 39.31 1.97 -22.44
C VAL B 1657 40.17 0.96 -23.16
N LYS B 1658 39.67 -0.24 -23.43
CA LYS B 1658 40.44 -1.30 -24.07
C LYS B 1658 40.28 -1.30 -25.59
N ALA B 1659 39.91 -0.18 -26.18
CA ALA B 1659 39.81 -0.10 -27.63
C ALA B 1659 41.19 -0.12 -28.27
N ALA B 1660 41.30 -0.83 -29.39
CA ALA B 1660 42.56 -0.91 -30.11
C ALA B 1660 42.27 -1.26 -31.55
N ALA B 1661 43.26 -1.00 -32.41
CA ALA B 1661 43.13 -1.35 -33.82
C ALA B 1661 43.08 -2.86 -33.98
N ASN B 1662 42.39 -3.31 -35.03
CA ASN B 1662 42.22 -4.73 -35.33
C ASN B 1662 41.47 -5.44 -34.21
N GLN B 1663 40.33 -4.86 -33.83
CA GLN B 1663 39.47 -5.42 -32.80
C GLN B 1663 38.03 -5.46 -33.32
N MET B 1664 37.28 -6.46 -32.86
CA MET B 1664 35.90 -6.62 -33.31
C MET B 1664 34.95 -5.78 -32.46
N ARG B 1665 33.95 -5.19 -33.12
CA ARG B 1665 32.91 -4.42 -32.46
C ARG B 1665 31.61 -4.67 -33.20
N ASN B 1666 30.53 -4.92 -32.46
CA ASN B 1666 29.23 -5.19 -33.04
C ASN B 1666 28.43 -3.90 -33.11
N PHE B 1667 28.05 -3.49 -34.32
CA PHE B 1667 27.23 -2.32 -34.55
C PHE B 1667 25.86 -2.80 -35.04
N LEU B 1668 24.82 -2.43 -34.31
CA LEU B 1668 23.47 -2.94 -34.57
C LEU B 1668 22.51 -1.78 -34.83
N VAL B 1669 21.65 -1.94 -35.84
CA VAL B 1669 20.61 -0.97 -36.15
C VAL B 1669 19.30 -1.74 -36.31
N ARG B 1670 18.20 -1.07 -36.03
CA ARG B 1670 16.88 -1.70 -36.09
C ARG B 1670 16.56 -2.11 -37.53
N ALA B 1671 15.98 -3.30 -37.67
CA ALA B 1671 15.70 -3.85 -39.00
C ALA B 1671 14.71 -2.99 -39.77
N SER B 1672 13.78 -2.34 -39.05
CA SER B 1672 12.78 -1.52 -39.71
C SER B 1672 13.41 -0.41 -40.55
N CYS B 1673 14.58 0.08 -40.14
CA CYS B 1673 15.26 1.11 -40.90
C CYS B 1673 15.95 0.54 -42.13
N ARG B 1674 16.30 1.42 -43.06
CA ARG B 1674 16.93 1.05 -44.32
C ARG B 1674 18.43 1.24 -44.31
N LEU B 1675 19.03 1.52 -43.17
CA LEU B 1675 20.47 1.74 -43.10
C LEU B 1675 21.23 0.51 -43.56
N ARG B 1676 22.17 0.72 -44.48
CA ARG B 1676 22.95 -0.36 -45.06
C ARG B 1676 24.43 -0.08 -44.88
N LEU B 1677 25.15 -1.04 -44.31
CA LEU B 1677 26.61 -0.99 -44.18
C LEU B 1677 27.18 -2.14 -44.99
N GLU B 1678 27.63 -1.84 -46.20
CA GLU B 1678 28.12 -2.87 -47.10
C GLU B 1678 29.36 -3.54 -46.52
N PRO B 1679 29.41 -4.87 -46.44
CA PRO B 1679 30.60 -5.53 -45.91
C PRO B 1679 31.79 -5.32 -46.84
N GLY B 1680 32.98 -5.32 -46.24
CA GLY B 1680 34.21 -5.11 -46.98
C GLY B 1680 34.57 -3.66 -47.23
N LYS B 1681 33.76 -2.72 -46.76
CA LYS B 1681 34.03 -1.30 -46.90
C LYS B 1681 34.22 -0.68 -45.52
N GLU B 1682 34.96 0.41 -45.47
CA GLU B 1682 35.26 1.10 -44.23
C GLU B 1682 34.32 2.30 -44.06
N TYR B 1683 33.87 2.53 -42.83
CA TYR B 1683 33.07 3.69 -42.49
C TYR B 1683 33.59 4.32 -41.21
N LEU B 1684 33.31 5.61 -41.07
CA LEU B 1684 33.62 6.37 -39.86
C LEU B 1684 32.35 6.49 -39.03
N ILE B 1685 32.35 5.89 -37.84
CA ILE B 1685 31.18 5.87 -36.97
C ILE B 1685 31.52 6.60 -35.67
N MET B 1686 30.66 7.54 -35.30
CA MET B 1686 30.80 8.32 -34.07
C MET B 1686 29.42 8.47 -33.46
N GLY B 1687 29.36 8.60 -32.13
CA GLY B 1687 28.08 8.79 -31.47
C GLY B 1687 28.17 8.63 -29.97
N LEU B 1688 27.05 8.22 -29.38
CA LEU B 1688 26.96 8.00 -27.94
C LEU B 1688 27.14 6.52 -27.62
N ASP B 1689 27.56 6.25 -26.39
CA ASP B 1689 27.89 4.88 -25.99
C ASP B 1689 26.64 4.03 -25.86
N GLY B 1690 26.88 2.72 -25.67
CA GLY B 1690 25.83 1.80 -25.31
C GLY B 1690 26.24 1.02 -24.07
N ALA B 1691 25.25 0.42 -23.43
CA ALA B 1691 25.50 -0.33 -22.20
C ALA B 1691 25.03 -1.77 -22.35
N THR B 1692 25.41 -2.40 -23.47
CA THR B 1692 24.95 -3.75 -23.78
C THR B 1692 26.00 -4.82 -23.59
N TYR B 1693 27.29 -4.48 -23.76
CA TYR B 1693 28.44 -5.31 -23.42
C TYR B 1693 28.63 -6.52 -24.33
N ASP B 1694 27.75 -6.75 -25.31
CA ASP B 1694 27.91 -7.74 -26.37
C ASP B 1694 27.89 -9.18 -25.87
N LEU B 1695 27.77 -9.41 -24.56
CA LEU B 1695 27.76 -10.72 -23.92
C LEU B 1695 29.12 -11.42 -24.03
N GLU B 1696 30.09 -10.83 -24.73
CA GLU B 1696 31.43 -11.39 -24.84
C GLU B 1696 32.46 -10.64 -23.99
N GLY B 1697 32.23 -9.35 -23.72
CA GLY B 1697 33.13 -8.58 -22.90
C GLY B 1697 33.38 -7.19 -23.44
N HIS B 1698 33.40 -7.06 -24.77
CA HIS B 1698 33.59 -5.78 -25.44
C HIS B 1698 32.27 -5.02 -25.52
N PRO B 1699 32.28 -3.72 -25.29
CA PRO B 1699 31.05 -2.94 -25.47
C PRO B 1699 30.55 -3.04 -26.91
N GLN B 1700 29.24 -3.15 -27.05
CA GLN B 1700 28.60 -3.26 -28.36
C GLN B 1700 27.76 -2.02 -28.59
N TYR B 1701 27.98 -1.35 -29.72
CA TYR B 1701 27.38 -0.06 -29.99
C TYR B 1701 26.14 -0.20 -30.87
N LEU B 1702 25.19 0.70 -30.66
CA LEU B 1702 23.95 0.77 -31.44
C LEU B 1702 23.96 2.03 -32.29
N LEU B 1703 23.39 1.93 -33.49
CA LEU B 1703 23.29 3.05 -34.41
C LEU B 1703 21.88 3.63 -34.37
N ASP B 1704 21.79 4.92 -34.07
CA ASP B 1704 20.51 5.62 -34.00
C ASP B 1704 20.74 7.07 -34.40
N SER B 1705 19.82 7.94 -34.01
CA SER B 1705 20.07 9.37 -34.09
C SER B 1705 21.25 9.74 -33.19
N ASN B 1706 21.81 10.91 -33.44
CA ASN B 1706 23.01 11.41 -32.78
C ASN B 1706 24.24 10.58 -33.11
N SER B 1707 24.18 9.75 -34.14
CA SER B 1707 25.31 8.93 -34.57
C SER B 1707 25.71 9.32 -35.99
N TRP B 1708 27.02 9.54 -36.19
CA TRP B 1708 27.56 9.99 -37.47
C TRP B 1708 28.18 8.80 -38.18
N ILE B 1709 27.61 8.42 -39.32
CA ILE B 1709 28.13 7.33 -40.15
C ILE B 1709 28.44 7.91 -41.52
N GLU B 1710 29.70 7.77 -41.93
CA GLU B 1710 30.16 8.27 -43.23
C GLU B 1710 30.99 7.19 -43.91
N GLU B 1711 30.83 7.09 -45.24
CA GLU B 1711 31.55 6.10 -46.01
C GLU B 1711 32.96 6.60 -46.30
N MET B 1712 33.94 5.73 -46.13
CA MET B 1712 35.34 6.12 -46.17
C MET B 1712 35.80 6.29 -47.62
N PRO B 1713 36.80 7.14 -47.86
CA PRO B 1713 37.31 7.29 -49.22
C PRO B 1713 37.99 6.01 -49.70
N SER B 1714 37.65 5.61 -50.92
CA SER B 1714 38.16 4.40 -51.55
C SER B 1714 39.18 4.77 -52.60
N GLU B 1715 39.63 3.76 -53.35
CA GLU B 1715 40.67 4.00 -54.35
C GLU B 1715 40.15 4.82 -55.53
N ARG B 1716 38.84 4.79 -55.79
CA ARG B 1716 38.34 5.38 -57.02
C ARG B 1716 37.29 6.47 -56.81
N LEU B 1717 36.40 6.33 -55.83
CA LEU B 1717 35.37 7.37 -55.67
C LEU B 1717 35.97 8.68 -55.17
N CYS B 1718 37.06 8.61 -54.42
CA CYS B 1718 37.79 9.83 -54.08
C CYS B 1718 38.61 10.34 -55.27
N ARG B 1719 38.88 9.47 -56.26
CA ARG B 1719 39.61 9.90 -57.45
C ARG B 1719 38.79 10.87 -58.31
N SER B 1720 37.46 10.76 -58.26
CA SER B 1720 36.62 11.59 -59.12
C SER B 1720 36.80 13.07 -58.77
N THR B 1721 36.62 13.91 -59.79
CA THR B 1721 37.07 15.29 -59.79
C THR B 1721 36.60 16.09 -58.57
N ARG B 1722 35.29 16.25 -58.39
CA ARG B 1722 34.77 17.04 -57.28
C ARG B 1722 35.06 16.43 -55.93
N GLN B 1723 35.51 15.18 -55.88
CA GLN B 1723 35.67 14.48 -54.63
C GLN B 1723 37.08 14.53 -54.03
N ARG B 1724 38.07 15.08 -54.74
CA ARG B 1724 39.40 15.20 -54.14
C ARG B 1724 39.34 16.03 -52.86
N ALA B 1725 38.75 17.22 -52.95
CA ALA B 1725 38.71 18.10 -51.81
C ALA B 1725 37.94 17.47 -50.65
N ALA B 1726 36.82 16.81 -50.95
CA ALA B 1726 36.00 16.23 -49.90
C ALA B 1726 36.73 15.08 -49.20
N CYS B 1727 37.28 14.13 -49.96
CA CYS B 1727 37.95 13.00 -49.34
C CYS B 1727 39.19 13.44 -48.59
N ALA B 1728 39.94 14.40 -49.15
CA ALA B 1728 41.13 14.91 -48.47
C ALA B 1728 40.75 15.59 -47.16
N GLN B 1729 39.66 16.37 -47.17
CA GLN B 1729 39.23 17.03 -45.94
C GLN B 1729 38.78 16.03 -44.89
N LEU B 1730 38.09 14.96 -45.31
CA LEU B 1730 37.67 13.95 -44.35
C LEU B 1730 38.87 13.26 -43.73
N ASN B 1731 39.88 12.92 -44.56
CA ASN B 1731 41.09 12.32 -43.99
C ASN B 1731 41.84 13.29 -43.10
N ASP B 1732 41.78 14.59 -43.42
CA ASP B 1732 42.42 15.59 -42.58
C ASP B 1732 41.75 15.62 -41.21
N PHE B 1733 40.41 15.61 -41.19
CA PHE B 1733 39.68 15.43 -39.95
C PHE B 1733 40.12 14.14 -39.24
N LEU B 1734 40.22 13.05 -39.99
CA LEU B 1734 40.66 11.78 -39.41
C LEU B 1734 41.93 11.97 -38.59
N GLN B 1735 42.98 12.47 -39.24
CA GLN B 1735 44.28 12.49 -38.56
C GLN B 1735 44.29 13.52 -37.43
N GLU B 1736 43.64 14.68 -37.63
CA GLU B 1736 43.69 15.70 -36.57
C GLU B 1736 42.88 15.26 -35.35
N TYR B 1737 41.69 14.68 -35.57
CA TYR B 1737 40.83 14.32 -34.46
C TYR B 1737 41.36 13.09 -33.73
N GLY B 1738 41.87 12.11 -34.46
CA GLY B 1738 42.48 10.96 -33.82
C GLY B 1738 43.76 11.33 -33.08
N THR B 1739 44.55 12.23 -33.66
CA THR B 1739 45.86 12.54 -33.08
C THR B 1739 45.75 13.61 -31.99
N GLN B 1740 45.11 14.74 -32.30
CA GLN B 1740 45.11 15.86 -31.37
C GLN B 1740 43.92 15.82 -30.42
N GLY B 1741 42.70 15.85 -30.95
CA GLY B 1741 41.51 15.74 -30.13
C GLY B 1741 40.52 16.83 -30.48
N CYS B 1742 39.58 17.05 -29.56
CA CYS B 1742 38.52 18.05 -29.77
C CYS B 1742 39.07 19.48 -29.76
N GLN B 1743 40.26 19.70 -29.21
CA GLN B 1743 40.92 21.00 -29.16
C GLN B 1743 40.15 22.01 -28.29
N VAL B 1744 39.19 21.54 -27.51
CA VAL B 1744 38.40 22.43 -26.66
C VAL B 1744 38.57 22.02 -25.20
N LEU C 758 -4.49 14.35 -43.54
CA LEU C 758 -5.72 15.07 -43.82
C LEU C 758 -6.33 15.64 -42.55
N GLU C 759 -6.35 14.82 -41.49
CA GLU C 759 -6.91 15.25 -40.22
C GLU C 759 -6.12 16.42 -39.65
N ILE C 760 -6.83 17.42 -39.14
CA ILE C 760 -6.21 18.63 -38.64
C ILE C 760 -5.61 18.36 -37.27
N LEU C 761 -4.36 18.77 -37.08
CA LEU C 761 -3.66 18.64 -35.81
C LEU C 761 -3.20 20.00 -35.31
N GLN C 762 -3.38 20.22 -34.02
CA GLN C 762 -2.91 21.44 -33.37
C GLN C 762 -1.59 21.18 -32.67
N GLU C 763 -0.65 22.11 -32.84
CA GLU C 763 0.70 21.95 -32.31
C GLU C 763 1.13 23.20 -31.57
N GLU C 764 1.61 23.03 -30.34
CA GLU C 764 2.20 24.07 -29.50
C GLU C 764 1.24 25.21 -29.19
N ASP C 765 -0.02 25.10 -29.58
CA ASP C 765 -1.06 26.02 -29.12
C ASP C 765 -1.75 25.52 -27.86
N LEU C 766 -1.11 24.62 -27.12
CA LEU C 766 -1.67 23.95 -25.98
C LEU C 766 -1.36 24.72 -24.70
N ILE C 767 -1.75 24.15 -23.57
CA ILE C 767 -1.34 24.69 -22.28
C ILE C 767 0.16 24.47 -22.12
N ASP C 768 0.79 25.34 -21.33
CA ASP C 768 2.24 25.35 -21.22
C ASP C 768 2.81 24.12 -20.52
N GLU C 769 1.97 23.29 -19.91
CA GLU C 769 2.30 22.06 -19.19
C GLU C 769 2.92 22.38 -17.83
N ASP C 770 3.32 23.61 -17.57
CA ASP C 770 3.91 23.96 -16.28
C ASP C 770 2.86 24.38 -15.26
N ASP C 771 1.74 24.96 -15.70
CA ASP C 771 0.70 25.37 -14.78
C ASP C 771 -0.14 24.20 -14.28
N ILE C 772 -0.21 23.11 -15.04
CA ILE C 772 -1.03 21.96 -14.70
C ILE C 772 -0.57 21.39 -13.35
N PRO C 773 -1.46 21.26 -12.36
CA PRO C 773 -1.05 20.78 -11.04
C PRO C 773 -1.04 19.25 -11.00
N VAL C 774 0.13 18.68 -10.75
CA VAL C 774 0.25 17.23 -10.70
C VAL C 774 -0.42 16.70 -9.44
N ARG C 775 -0.92 15.46 -9.53
CA ARG C 775 -1.54 14.77 -8.40
C ARG C 775 -0.65 13.59 -8.04
N SER C 776 -0.15 13.57 -6.80
CA SER C 776 0.80 12.55 -6.38
C SER C 776 0.45 11.86 -5.07
N PHE C 777 -0.37 12.46 -4.22
CA PHE C 777 -0.72 11.87 -2.93
C PHE C 777 -1.96 11.00 -3.12
N PHE C 778 -1.78 9.68 -3.04
CA PHE C 778 -2.87 8.72 -3.19
C PHE C 778 -2.83 7.73 -2.04
N PRO C 779 -3.15 8.17 -0.83
CA PRO C 779 -3.10 7.26 0.32
C PRO C 779 -4.36 6.42 0.42
N GLU C 780 -4.16 5.15 0.79
CA GLU C 780 -5.32 4.29 1.04
C GLU C 780 -6.10 4.76 2.25
N ASN C 781 -5.39 5.18 3.31
CA ASN C 781 -6.03 5.73 4.48
C ASN C 781 -5.15 6.85 5.03
N TRP C 782 -5.79 7.85 5.62
CA TRP C 782 -5.10 8.97 6.25
C TRP C 782 -5.87 9.36 7.51
N LEU C 783 -5.40 10.43 8.15
CA LEU C 783 -6.02 10.95 9.38
C LEU C 783 -6.10 9.86 10.44
N TRP C 784 -4.96 9.25 10.74
CA TRP C 784 -4.87 8.19 11.72
C TRP C 784 -4.58 8.71 13.12
N ARG C 785 -4.52 10.03 13.29
CA ARG C 785 -4.12 10.62 14.56
C ARG C 785 -5.20 10.42 15.63
N VAL C 786 -4.77 10.55 16.88
CA VAL C 786 -5.66 10.51 18.04
C VAL C 786 -5.60 11.88 18.71
N GLU C 787 -6.77 12.49 18.91
CA GLU C 787 -6.85 13.86 19.38
C GLU C 787 -7.58 13.94 20.71
N THR C 788 -7.19 14.90 21.53
CA THR C 788 -7.83 15.19 22.80
C THR C 788 -8.75 16.38 22.60
N VAL C 789 -10.05 16.13 22.54
CA VAL C 789 -11.04 17.17 22.29
C VAL C 789 -11.63 17.62 23.62
N ASP C 790 -11.49 18.89 23.93
CA ASP C 790 -12.09 19.47 25.14
C ASP C 790 -13.46 20.06 24.82
N ARG C 791 -14.37 19.17 24.42
CA ARG C 791 -15.78 19.42 24.08
C ARG C 791 -15.92 20.16 22.75
N PHE C 792 -14.84 20.61 22.13
CA PHE C 792 -14.89 21.26 20.82
C PHE C 792 -13.51 21.36 20.20
N GLN C 793 -13.38 20.93 18.94
CA GLN C 793 -12.14 21.10 18.22
C GLN C 793 -12.44 21.11 16.72
N ILE C 794 -11.66 21.90 15.99
CA ILE C 794 -11.78 22.00 14.54
C ILE C 794 -10.44 21.61 13.94
N LEU C 795 -10.47 20.66 13.00
CA LEU C 795 -9.27 20.19 12.33
C LEU C 795 -9.27 20.69 10.89
N THR C 796 -8.13 21.22 10.46
CA THR C 796 -7.96 21.71 9.10
C THR C 796 -7.26 20.62 8.29
N LEU C 797 -8.05 19.70 7.75
CA LEU C 797 -7.52 18.59 6.97
C LEU C 797 -7.25 19.02 5.54
N TRP C 798 -6.15 18.54 4.98
CA TRP C 798 -5.79 18.78 3.59
C TRP C 798 -6.13 17.53 2.80
N LEU C 799 -7.09 17.65 1.90
CA LEU C 799 -7.60 16.49 1.19
C LEU C 799 -6.52 15.90 0.28
N PRO C 800 -6.38 14.58 0.23
CA PRO C 800 -5.45 13.98 -0.73
C PRO C 800 -6.01 14.08 -2.15
N ASP C 801 -5.12 13.81 -3.11
CA ASP C 801 -5.45 13.99 -4.52
C ASP C 801 -6.28 12.85 -5.11
N SER C 802 -6.44 11.75 -4.38
CA SER C 802 -7.25 10.65 -4.89
C SER C 802 -8.71 11.07 -5.04
N LEU C 803 -9.33 10.66 -6.14
CA LEU C 803 -10.71 11.05 -6.45
C LEU C 803 -11.65 9.90 -6.11
N THR C 804 -11.99 9.80 -4.82
CA THR C 804 -12.95 8.84 -4.32
C THR C 804 -13.82 9.53 -3.28
N THR C 805 -14.53 8.74 -2.47
CA THR C 805 -15.25 9.26 -1.32
C THR C 805 -14.63 8.71 -0.04
N TRP C 806 -14.33 9.61 0.89
CA TRP C 806 -13.64 9.25 2.12
C TRP C 806 -14.67 9.11 3.25
N GLU C 807 -14.73 7.93 3.84
CA GLU C 807 -15.63 7.67 4.97
C GLU C 807 -14.81 7.86 6.25
N ILE C 808 -14.95 9.03 6.86
CA ILE C 808 -14.13 9.39 8.01
C ILE C 808 -14.76 8.79 9.26
N HIS C 809 -14.08 7.80 9.85
CA HIS C 809 -14.57 7.16 11.05
C HIS C 809 -14.31 8.05 12.27
N GLY C 810 -14.78 7.58 13.43
CA GLY C 810 -14.55 8.31 14.66
C GLY C 810 -14.91 7.52 15.90
N LEU C 811 -14.02 7.52 16.89
CA LEU C 811 -14.24 6.85 18.17
C LEU C 811 -13.84 7.79 19.29
N SER C 812 -14.62 7.79 20.37
CA SER C 812 -14.36 8.66 21.51
C SER C 812 -14.11 7.81 22.75
N LEU C 813 -13.09 8.19 23.51
CA LEU C 813 -12.73 7.53 24.75
C LEU C 813 -12.46 8.60 25.80
N SER C 814 -13.36 8.71 26.78
CA SER C 814 -13.29 9.75 27.80
C SER C 814 -13.32 9.13 29.18
N LYS C 815 -12.70 9.83 30.14
CA LYS C 815 -12.60 9.32 31.50
C LYS C 815 -13.90 9.41 32.27
N THR C 816 -14.85 10.23 31.83
CA THR C 816 -16.10 10.44 32.56
C THR C 816 -17.33 9.95 31.83
N LYS C 817 -17.35 9.98 30.50
CA LYS C 817 -18.52 9.58 29.73
C LYS C 817 -18.33 8.26 29.00
N GLY C 818 -17.41 7.43 29.48
CA GLY C 818 -17.24 6.11 28.90
C GLY C 818 -16.73 6.18 27.47
N LEU C 819 -17.40 5.45 26.58
CA LEU C 819 -16.97 5.29 25.20
C LEU C 819 -18.14 5.50 24.26
N CYS C 820 -17.87 6.19 23.15
CA CYS C 820 -18.86 6.39 22.09
C CYS C 820 -18.18 6.29 20.74
N VAL C 821 -18.94 5.85 19.74
CA VAL C 821 -18.48 5.77 18.37
C VAL C 821 -19.39 6.65 17.52
N ALA C 822 -18.80 7.60 16.83
CA ALA C 822 -19.57 8.56 16.04
C ALA C 822 -19.95 7.97 14.69
N THR C 823 -20.99 8.55 14.10
CA THR C 823 -21.43 8.13 12.78
C THR C 823 -20.39 8.56 11.74
N PRO C 824 -19.95 7.65 10.87
CA PRO C 824 -18.98 8.04 9.84
C PRO C 824 -19.52 9.12 8.93
N VAL C 825 -18.63 9.99 8.47
CA VAL C 825 -18.97 11.11 7.61
C VAL C 825 -18.45 10.82 6.22
N GLN C 826 -19.36 10.68 5.25
CA GLN C 826 -18.95 10.49 3.86
C GLN C 826 -18.50 11.83 3.29
N LEU C 827 -17.32 11.84 2.67
CA LEU C 827 -16.74 13.04 2.11
C LEU C 827 -16.32 12.76 0.67
N ARG C 828 -16.77 13.61 -0.25
CA ARG C 828 -16.64 13.37 -1.69
C ARG C 828 -15.72 14.41 -2.30
N VAL C 829 -14.79 13.95 -3.13
CA VAL C 829 -13.89 14.83 -3.89
C VAL C 829 -14.07 14.50 -5.37
N PHE C 830 -14.23 15.54 -6.19
CA PHE C 830 -14.51 15.37 -7.61
C PHE C 830 -13.89 16.54 -8.37
N ARG C 831 -13.26 16.23 -9.50
CA ARG C 831 -12.55 17.24 -10.29
C ARG C 831 -13.27 17.65 -11.56
N GLU C 832 -14.13 16.79 -12.11
CA GLU C 832 -14.94 16.96 -13.31
C GLU C 832 -14.13 16.79 -14.59
N PHE C 833 -12.80 16.72 -14.52
CA PHE C 833 -11.97 16.30 -15.65
C PHE C 833 -10.61 15.89 -15.13
N HIS C 834 -10.25 14.62 -15.29
CA HIS C 834 -8.99 14.13 -14.75
C HIS C 834 -8.48 12.99 -15.60
N LEU C 835 -7.17 12.75 -15.49
CA LEU C 835 -6.51 11.63 -16.15
C LEU C 835 -6.34 10.53 -15.10
N HIS C 836 -7.32 9.65 -15.03
CA HIS C 836 -7.25 8.52 -14.09
C HIS C 836 -6.31 7.47 -14.64
N LEU C 837 -5.31 7.10 -13.84
CA LEU C 837 -4.32 6.10 -14.24
C LEU C 837 -4.24 5.05 -13.14
N ARG C 838 -4.32 3.79 -13.53
CA ARG C 838 -4.28 2.66 -12.61
C ARG C 838 -3.12 1.76 -13.02
N LEU C 839 -2.03 1.82 -12.26
CA LEU C 839 -0.85 1.04 -12.60
C LEU C 839 -1.12 -0.46 -12.47
N PRO C 840 -0.51 -1.28 -13.32
CA PRO C 840 -0.71 -2.73 -13.21
C PRO C 840 -0.23 -3.26 -11.86
N MET C 841 -0.90 -4.31 -11.40
CA MET C 841 -0.56 -4.89 -10.11
C MET C 841 0.88 -5.41 -10.08
N SER C 842 1.28 -6.12 -11.13
CA SER C 842 2.61 -6.69 -11.23
C SER C 842 3.32 -6.15 -12.46
N VAL C 843 4.51 -5.61 -12.28
CA VAL C 843 5.34 -5.10 -13.36
C VAL C 843 6.76 -5.64 -13.15
N ARG C 844 7.14 -6.63 -13.95
CA ARG C 844 8.49 -7.17 -13.88
C ARG C 844 9.42 -6.38 -14.78
N ARG C 845 10.69 -6.35 -14.39
CA ARG C 845 11.71 -5.69 -15.19
C ARG C 845 11.90 -6.43 -16.51
N PHE C 846 12.19 -5.66 -17.56
CA PHE C 846 12.38 -6.13 -18.93
C PHE C 846 11.13 -6.71 -19.54
N GLU C 847 9.98 -6.53 -18.90
CA GLU C 847 8.70 -7.08 -19.36
C GLU C 847 7.82 -5.94 -19.83
N GLN C 848 7.34 -6.04 -21.06
CA GLN C 848 6.56 -4.96 -21.65
C GLN C 848 5.19 -4.87 -20.99
N LEU C 849 4.85 -3.69 -20.49
CA LEU C 849 3.53 -3.40 -19.97
C LEU C 849 2.96 -2.19 -20.69
N GLU C 850 1.64 -2.09 -20.70
CA GLU C 850 0.93 -1.06 -21.45
C GLU C 850 0.13 -0.22 -20.46
N LEU C 851 0.69 0.94 -20.07
CA LEU C 851 0.00 1.84 -19.17
C LEU C 851 -1.29 2.34 -19.80
N ARG C 852 -2.33 2.49 -18.98
CA ARG C 852 -3.66 2.86 -19.46
C ARG C 852 -4.19 4.08 -18.70
N PRO C 853 -3.69 5.27 -19.01
CA PRO C 853 -4.33 6.48 -18.49
C PRO C 853 -5.65 6.74 -19.22
N VAL C 854 -6.71 6.96 -18.45
CA VAL C 854 -8.06 7.18 -18.97
C VAL C 854 -8.47 8.59 -18.64
N LEU C 855 -8.90 9.34 -19.66
CA LEU C 855 -9.31 10.73 -19.50
C LEU C 855 -10.82 10.79 -19.46
N TYR C 856 -11.37 11.09 -18.29
CA TYR C 856 -12.81 11.21 -18.09
C TYR C 856 -13.21 12.66 -18.31
N ASN C 857 -13.97 12.91 -19.38
CA ASN C 857 -14.42 14.26 -19.72
C ASN C 857 -15.89 14.37 -19.32
N TYR C 858 -16.15 15.00 -18.17
CA TYR C 858 -17.50 15.16 -17.67
C TYR C 858 -18.08 16.53 -17.99
N LEU C 859 -17.35 17.39 -18.70
CA LEU C 859 -17.87 18.70 -19.07
C LEU C 859 -18.89 18.56 -20.20
N ASP C 860 -19.39 19.71 -20.66
CA ASP C 860 -20.41 19.76 -21.69
C ASP C 860 -19.86 20.21 -23.04
N LYS C 861 -18.55 20.11 -23.24
CA LYS C 861 -17.91 20.56 -24.47
C LYS C 861 -16.92 19.52 -24.95
N ASN C 862 -16.72 19.49 -26.27
CA ASN C 862 -15.69 18.63 -26.84
C ASN C 862 -14.32 19.10 -26.38
N LEU C 863 -13.43 18.17 -26.07
CA LEU C 863 -12.11 18.51 -25.57
C LEU C 863 -11.05 17.77 -26.37
N THR C 864 -10.02 18.50 -26.79
CA THR C 864 -8.87 17.93 -27.48
C THR C 864 -7.67 18.02 -26.55
N VAL C 865 -7.05 16.88 -26.27
CA VAL C 865 -5.99 16.79 -25.28
C VAL C 865 -4.81 16.02 -25.88
N SER C 866 -3.60 16.51 -25.62
CA SER C 866 -2.37 15.83 -26.00
C SER C 866 -1.83 15.13 -24.76
N VAL C 867 -1.78 13.81 -24.81
CA VAL C 867 -1.35 12.99 -23.67
C VAL C 867 0.07 12.51 -23.93
N HIS C 868 0.93 12.64 -22.92
CA HIS C 868 2.30 12.20 -23.03
C HIS C 868 2.80 11.75 -21.67
N VAL C 869 3.84 10.93 -21.68
CA VAL C 869 4.50 10.45 -20.47
C VAL C 869 5.87 11.10 -20.41
N SER C 870 6.20 11.70 -19.27
CA SER C 870 7.46 12.39 -19.11
C SER C 870 8.61 11.38 -19.23
N PRO C 871 9.58 11.62 -20.13
CA PRO C 871 10.68 10.66 -20.29
C PRO C 871 11.52 10.58 -19.03
N VAL C 872 11.73 9.36 -18.54
CA VAL C 872 12.48 9.13 -17.31
C VAL C 872 13.46 8.00 -17.54
N GLU C 873 14.59 8.06 -16.86
CA GLU C 873 15.59 7.00 -16.93
C GLU C 873 15.04 5.72 -16.33
N GLY C 874 15.37 4.59 -16.96
CA GLY C 874 14.87 3.30 -16.54
C GLY C 874 13.61 2.84 -17.26
N LEU C 875 13.02 3.69 -18.09
CA LEU C 875 11.83 3.35 -18.87
C LEU C 875 12.15 3.49 -20.35
N CYS C 876 11.87 2.44 -21.12
CA CYS C 876 11.97 2.48 -22.57
C CYS C 876 10.56 2.68 -23.12
N LEU C 877 10.24 3.92 -23.48
CA LEU C 877 8.94 4.24 -24.02
C LEU C 877 8.99 4.17 -25.55
N ALA C 878 7.92 4.58 -26.20
CA ALA C 878 7.83 4.55 -27.66
C ALA C 878 8.45 5.82 -28.23
N GLY C 879 9.52 5.66 -28.99
CA GLY C 879 10.16 6.79 -29.64
C GLY C 879 10.93 7.71 -28.72
N GLY C 880 11.38 7.19 -27.57
CA GLY C 880 12.16 7.98 -26.64
C GLY C 880 11.37 8.71 -25.58
N GLY C 881 10.04 8.70 -25.66
CA GLY C 881 9.21 9.33 -24.67
C GLY C 881 8.92 10.80 -24.90
N GLY C 882 9.50 11.41 -25.94
CA GLY C 882 9.26 12.80 -26.22
C GLY C 882 7.96 13.08 -26.96
N LEU C 883 7.45 12.10 -27.70
CA LEU C 883 6.23 12.32 -28.47
C LEU C 883 5.02 12.37 -27.56
N ALA C 884 4.05 13.21 -27.92
CA ALA C 884 2.80 13.34 -27.19
C ALA C 884 1.67 12.79 -28.05
N GLN C 885 0.89 11.88 -27.48
CA GLN C 885 -0.20 11.26 -28.22
C GLN C 885 -1.42 12.15 -28.20
N GLN C 886 -2.02 12.34 -29.38
CA GLN C 886 -3.18 13.21 -29.55
C GLN C 886 -4.45 12.38 -29.47
N VAL C 887 -5.34 12.74 -28.54
CA VAL C 887 -6.64 12.11 -28.40
C VAL C 887 -7.68 13.18 -28.15
N LEU C 888 -8.93 12.88 -28.49
CA LEU C 888 -10.04 13.80 -28.27
C LEU C 888 -11.13 13.09 -27.47
N VAL C 889 -11.60 13.73 -26.41
CA VAL C 889 -12.58 13.17 -25.50
C VAL C 889 -13.90 13.94 -25.69
N PRO C 890 -14.93 13.31 -26.25
CA PRO C 890 -16.22 13.99 -26.36
C PRO C 890 -16.84 14.26 -24.99
N ALA C 891 -17.67 15.29 -24.93
CA ALA C 891 -18.30 15.70 -23.69
C ALA C 891 -19.13 14.57 -23.10
N GLY C 892 -19.04 14.38 -21.79
CA GLY C 892 -19.80 13.35 -21.12
C GLY C 892 -19.35 11.95 -21.40
N SER C 893 -18.10 11.76 -21.83
CA SER C 893 -17.60 10.45 -22.19
C SER C 893 -16.17 10.32 -21.67
N ALA C 894 -15.48 9.30 -22.15
CA ALA C 894 -14.09 9.05 -21.77
C ALA C 894 -13.38 8.41 -22.95
N ARG C 895 -12.05 8.56 -22.97
CA ARG C 895 -11.20 7.92 -23.95
C ARG C 895 -9.96 7.38 -23.27
N PRO C 896 -9.51 6.19 -23.63
CA PRO C 896 -8.22 5.69 -23.13
C PRO C 896 -7.08 5.98 -24.09
N VAL C 897 -5.90 6.12 -23.51
CA VAL C 897 -4.65 6.26 -24.27
C VAL C 897 -3.71 5.16 -23.83
N ALA C 898 -3.10 4.48 -24.80
CA ALA C 898 -2.25 3.33 -24.54
C ALA C 898 -0.79 3.74 -24.68
N PHE C 899 -0.03 3.58 -23.59
CA PHE C 899 1.42 3.78 -23.61
C PHE C 899 2.10 2.47 -23.30
N SER C 900 2.96 2.02 -24.21
CA SER C 900 3.70 0.78 -24.06
C SER C 900 5.09 1.07 -23.53
N VAL C 901 5.46 0.41 -22.44
CA VAL C 901 6.71 0.69 -21.73
C VAL C 901 7.42 -0.62 -21.44
N VAL C 902 8.73 -0.63 -21.68
CA VAL C 902 9.58 -1.75 -21.28
C VAL C 902 10.52 -1.26 -20.19
N PRO C 903 10.21 -1.49 -18.91
CA PRO C 903 11.02 -0.94 -17.83
C PRO C 903 12.31 -1.72 -17.64
N THR C 904 13.45 -1.03 -17.77
CA THR C 904 14.76 -1.59 -17.52
C THR C 904 15.40 -1.05 -16.25
N ALA C 905 14.63 -0.34 -15.42
CA ALA C 905 15.20 0.34 -14.26
C ALA C 905 15.67 -0.64 -13.21
N ALA C 906 14.90 -1.69 -12.94
CA ALA C 906 15.10 -2.65 -11.85
C ALA C 906 14.87 -2.05 -10.48
N ALA C 907 14.29 -0.84 -10.42
CA ALA C 907 14.05 -0.17 -9.15
C ALA C 907 12.89 0.79 -9.32
N ALA C 908 12.34 1.24 -8.19
CA ALA C 908 11.23 2.17 -8.21
C ALA C 908 11.61 3.46 -8.92
N VAL C 909 10.69 3.97 -9.72
CA VAL C 909 10.95 5.15 -10.54
C VAL C 909 9.64 5.93 -10.68
N SER C 910 9.77 7.25 -10.83
CA SER C 910 8.63 8.15 -10.86
C SER C 910 8.30 8.52 -12.31
N LEU C 911 7.10 8.15 -12.76
CA LEU C 911 6.58 8.61 -14.03
C LEU C 911 5.54 9.70 -13.79
N LYS C 912 5.34 10.55 -14.79
CA LYS C 912 4.40 11.68 -14.69
C LYS C 912 3.67 11.83 -16.02
N VAL C 913 2.51 11.18 -16.13
CA VAL C 913 1.68 11.31 -17.32
C VAL C 913 0.92 12.63 -17.24
N VAL C 914 0.89 13.36 -18.35
CA VAL C 914 0.32 14.70 -18.40
C VAL C 914 -0.65 14.79 -19.56
N ALA C 915 -1.81 15.39 -19.33
CA ALA C 915 -2.80 15.66 -20.35
C ALA C 915 -2.90 17.17 -20.54
N ARG C 916 -2.78 17.62 -21.78
CA ARG C 916 -2.76 19.04 -22.10
C ARG C 916 -3.85 19.35 -23.10
N GLY C 917 -4.84 20.14 -22.69
CA GLY C 917 -5.88 20.58 -23.59
C GLY C 917 -5.43 21.77 -24.43
N SER C 918 -6.31 22.19 -25.33
CA SER C 918 -6.01 23.31 -26.19
C SER C 918 -6.18 24.63 -25.44
N PHE C 919 -5.59 25.69 -25.99
CA PHE C 919 -5.71 27.01 -25.38
C PHE C 919 -7.14 27.53 -25.46
N GLU C 920 -7.93 27.03 -26.41
CA GLU C 920 -9.33 27.43 -26.48
C GLU C 920 -10.10 26.95 -25.26
N PHE C 921 -9.80 25.74 -24.79
CA PHE C 921 -10.44 25.17 -23.60
C PHE C 921 -9.35 24.84 -22.59
N PRO C 922 -9.06 25.72 -21.64
CA PRO C 922 -7.92 25.53 -20.72
C PRO C 922 -8.16 24.51 -19.62
N VAL C 923 -7.93 23.24 -19.96
CA VAL C 923 -8.04 22.14 -19.00
C VAL C 923 -6.77 21.31 -19.07
N GLY C 924 -6.65 20.39 -18.13
CA GLY C 924 -5.52 19.48 -18.11
C GLY C 924 -5.36 18.85 -16.75
N ASP C 925 -4.67 17.71 -16.74
CA ASP C 925 -4.38 17.01 -15.50
C ASP C 925 -3.05 16.29 -15.65
N ALA C 926 -2.37 16.11 -14.53
CA ALA C 926 -1.10 15.41 -14.49
C ALA C 926 -1.06 14.52 -13.26
N VAL C 927 -0.60 13.29 -13.44
CA VAL C 927 -0.56 12.30 -12.37
C VAL C 927 0.86 11.76 -12.27
N SER C 928 1.39 11.71 -11.04
CA SER C 928 2.76 11.27 -10.78
C SER C 928 2.72 10.23 -9.66
N LYS C 929 2.67 8.95 -10.04
CA LYS C 929 2.73 7.85 -9.09
C LYS C 929 4.06 7.13 -9.24
N VAL C 930 4.66 6.77 -8.10
CA VAL C 930 5.89 6.00 -8.13
C VAL C 930 5.58 4.57 -8.56
N LEU C 931 6.28 4.09 -9.57
CA LEU C 931 6.03 2.77 -10.15
C LEU C 931 7.13 1.83 -9.66
N GLN C 932 6.80 1.00 -8.68
CA GLN C 932 7.76 0.04 -8.15
C GLN C 932 8.01 -1.04 -9.19
N ILE C 933 9.26 -1.19 -9.61
CA ILE C 933 9.66 -2.20 -10.59
C ILE C 933 10.23 -3.39 -9.83
N GLU C 934 9.54 -4.52 -9.89
CA GLU C 934 10.10 -5.74 -9.35
C GLU C 934 11.27 -6.19 -10.23
N LYS C 935 12.13 -7.01 -9.65
CA LYS C 935 13.38 -7.36 -10.31
C LYS C 935 13.15 -8.52 -11.28
N GLU C 936 14.18 -8.80 -12.10
CA GLU C 936 14.04 -9.72 -13.22
C GLU C 936 13.65 -11.11 -12.75
N GLY C 937 12.78 -11.77 -13.53
CA GLY C 937 12.34 -13.11 -13.24
C GLY C 937 11.16 -13.15 -12.30
N ALA C 938 10.74 -14.37 -11.98
CA ALA C 938 9.62 -14.62 -11.09
C ALA C 938 10.12 -15.16 -9.76
N ILE C 939 9.23 -15.19 -8.78
CA ILE C 939 9.56 -15.60 -7.43
C ILE C 939 9.41 -17.11 -7.31
N HIS C 940 10.35 -17.75 -6.61
CA HIS C 940 10.29 -19.17 -6.31
C HIS C 940 10.34 -19.36 -4.80
N ARG C 941 9.68 -20.40 -4.32
CA ARG C 941 9.61 -20.71 -2.90
C ARG C 941 10.23 -22.08 -2.66
N GLU C 942 11.14 -22.16 -1.68
CA GLU C 942 11.84 -23.39 -1.35
C GLU C 942 11.63 -23.66 0.14
N GLU C 943 10.54 -24.35 0.47
CA GLU C 943 10.26 -24.73 1.84
C GLU C 943 10.97 -26.04 2.18
N LEU C 944 11.48 -26.12 3.41
CA LEU C 944 12.18 -27.30 3.89
C LEU C 944 11.57 -27.73 5.22
N VAL C 945 11.10 -28.96 5.29
CA VAL C 945 10.36 -29.46 6.45
C VAL C 945 11.26 -30.41 7.24
N TYR C 946 11.35 -30.18 8.55
CA TYR C 946 12.11 -31.04 9.45
C TYR C 946 11.27 -31.28 10.71
N GLU C 947 10.84 -32.52 10.90
CA GLU C 947 10.16 -32.88 12.14
C GLU C 947 11.11 -32.69 13.32
N LEU C 948 10.57 -32.23 14.45
CA LEU C 948 11.39 -31.79 15.58
C LEU C 948 10.98 -32.57 16.82
N ASN C 949 11.73 -33.63 17.13
CA ASN C 949 11.53 -34.41 18.34
C ASN C 949 12.71 -34.20 19.27
N PRO C 950 12.60 -33.31 20.26
CA PRO C 950 13.74 -33.05 21.15
C PRO C 950 14.03 -34.16 22.15
N LEU C 951 13.08 -35.09 22.36
CA LEU C 951 13.34 -36.22 23.25
C LEU C 951 14.46 -37.10 22.72
N ASP C 952 14.41 -37.41 21.43
CA ASP C 952 15.46 -38.20 20.80
C ASP C 952 16.74 -37.37 20.76
N HIS C 953 17.81 -37.90 21.34
CA HIS C 953 19.07 -37.15 21.43
C HIS C 953 19.66 -36.89 20.04
N ARG C 954 19.37 -37.76 19.07
CA ARG C 954 19.87 -37.55 17.72
C ARG C 954 19.29 -36.29 17.09
N GLY C 955 18.06 -35.93 17.47
CA GLY C 955 17.42 -34.72 16.98
C GLY C 955 17.75 -33.45 17.73
N ARG C 956 18.64 -33.53 18.73
CA ARG C 956 18.97 -32.35 19.52
C ARG C 956 19.63 -31.27 18.68
N THR C 957 20.54 -31.67 17.77
CA THR C 957 21.24 -30.73 16.92
C THR C 957 21.04 -31.12 15.46
N LEU C 958 20.54 -30.18 14.66
CA LEU C 958 20.31 -30.38 13.24
C LEU C 958 20.81 -29.15 12.50
N GLU C 959 21.25 -29.36 11.25
CA GLU C 959 21.68 -28.26 10.40
C GLU C 959 20.95 -28.34 9.07
N ILE C 960 20.43 -27.21 8.61
CA ILE C 960 19.79 -27.12 7.30
C ILE C 960 20.87 -26.84 6.26
N PRO C 961 20.93 -27.61 5.17
CA PRO C 961 21.94 -27.36 4.14
C PRO C 961 21.81 -25.96 3.57
N GLY C 962 22.96 -25.37 3.24
CA GLY C 962 22.95 -24.09 2.58
C GLY C 962 22.39 -24.17 1.18
N ASN C 963 21.91 -23.03 0.69
CA ASN C 963 21.24 -22.97 -0.60
C ASN C 963 22.26 -22.69 -1.69
N SER C 964 22.32 -23.58 -2.69
CA SER C 964 23.12 -23.39 -3.89
C SER C 964 22.20 -23.69 -5.07
N ASP C 965 21.46 -22.68 -5.53
CA ASP C 965 20.48 -22.87 -6.58
C ASP C 965 21.03 -22.30 -7.88
N PRO C 966 21.16 -23.11 -8.94
CA PRO C 966 21.74 -22.59 -10.19
C PRO C 966 20.93 -21.48 -10.84
N ASN C 967 19.60 -21.57 -10.79
CA ASN C 967 18.74 -20.62 -11.49
C ASN C 967 18.39 -19.40 -10.64
N MET C 968 18.92 -19.28 -9.43
CA MET C 968 18.68 -18.09 -8.64
C MET C 968 19.28 -16.87 -9.32
N ILE C 969 18.49 -15.81 -9.43
CA ILE C 969 18.86 -14.62 -10.18
C ILE C 969 19.68 -13.71 -9.27
N PRO C 970 20.69 -13.01 -9.78
CA PRO C 970 21.46 -12.09 -8.94
C PRO C 970 20.57 -11.01 -8.34
N ASP C 971 20.88 -10.63 -7.10
CA ASP C 971 20.02 -9.76 -6.29
C ASP C 971 18.64 -10.40 -6.10
N GLY C 972 18.65 -11.66 -5.67
CA GLY C 972 17.48 -12.50 -5.52
C GLY C 972 16.63 -12.25 -4.31
N ASP C 973 16.70 -11.05 -3.71
CA ASP C 973 15.88 -10.64 -2.56
C ASP C 973 15.67 -11.77 -1.55
N PHE C 974 16.77 -12.45 -1.22
CA PHE C 974 16.75 -13.65 -0.39
C PHE C 974 16.21 -13.34 1.00
N ASN C 975 14.98 -13.80 1.27
CA ASN C 975 14.34 -13.63 2.56
C ASN C 975 14.00 -14.99 3.12
N SER C 976 14.39 -15.25 4.36
CA SER C 976 14.14 -16.53 5.02
C SER C 976 13.20 -16.31 6.19
N TYR C 977 12.12 -17.09 6.24
CA TYR C 977 11.17 -17.07 7.33
C TYR C 977 11.08 -18.46 7.93
N VAL C 978 11.14 -18.55 9.25
CA VAL C 978 11.08 -19.83 9.96
C VAL C 978 9.65 -20.04 10.46
N ARG C 979 9.05 -21.15 10.06
CA ARG C 979 7.71 -21.52 10.51
C ARG C 979 7.86 -22.74 11.41
N VAL C 980 7.75 -22.52 12.71
CA VAL C 980 7.95 -23.56 13.71
C VAL C 980 6.65 -23.74 14.48
N THR C 981 6.18 -24.98 14.58
CA THR C 981 4.86 -25.29 15.12
C THR C 981 4.98 -25.80 16.55
N ALA C 982 4.10 -25.30 17.42
CA ALA C 982 4.13 -25.58 18.85
C ALA C 982 3.40 -26.85 19.25
N SER C 983 2.83 -27.58 18.28
CA SER C 983 2.07 -28.79 18.61
C SER C 983 2.97 -29.82 19.28
N ASP C 984 2.41 -30.49 20.29
CA ASP C 984 3.12 -31.54 21.02
C ASP C 984 2.62 -32.92 20.63
N GLY C 1326 7.62 -28.20 24.15
CA GLY C 1326 8.10 -26.88 24.49
C GLY C 1326 9.44 -26.54 23.88
N LEU C 1327 9.47 -26.36 22.57
CA LEU C 1327 10.73 -26.18 21.87
C LEU C 1327 11.41 -24.88 22.28
N ASN C 1328 12.73 -24.93 22.44
CA ASN C 1328 13.59 -23.77 22.52
C ASN C 1328 14.54 -23.71 21.33
N VAL C 1329 13.99 -23.93 20.12
CA VAL C 1329 14.79 -23.95 18.90
C VAL C 1329 15.57 -22.65 18.77
N THR C 1330 16.89 -22.75 18.83
CA THR C 1330 17.78 -21.60 18.67
C THR C 1330 18.54 -21.77 17.36
N LEU C 1331 18.22 -20.91 16.40
CA LEU C 1331 18.80 -20.99 15.06
C LEU C 1331 20.04 -20.10 15.01
N SER C 1332 21.21 -20.72 14.90
CA SER C 1332 22.48 -20.00 14.82
C SER C 1332 23.05 -20.16 13.42
N SER C 1333 23.61 -19.08 12.88
CA SER C 1333 24.01 -19.07 11.48
C SER C 1333 25.12 -18.06 11.24
N THR C 1334 26.19 -18.50 10.61
CA THR C 1334 27.19 -17.58 10.07
C THR C 1334 26.65 -16.93 8.79
N GLY C 1335 26.92 -15.65 8.63
CA GLY C 1335 26.40 -14.90 7.51
C GLY C 1335 27.41 -13.92 6.97
N ARG C 1336 27.27 -13.61 5.67
CA ARG C 1336 28.10 -12.58 5.05
C ARG C 1336 27.89 -11.24 5.72
N ASN C 1337 26.63 -10.87 5.97
CA ASN C 1337 26.34 -9.65 6.70
C ASN C 1337 26.89 -9.73 8.12
N GLY C 1338 26.75 -10.88 8.75
CA GLY C 1338 27.25 -11.07 10.09
C GLY C 1338 26.66 -12.33 10.70
N PHE C 1339 27.09 -12.62 11.92
CA PHE C 1339 26.62 -13.78 12.66
C PHE C 1339 25.45 -13.34 13.54
N LYS C 1340 24.24 -13.73 13.15
CA LYS C 1340 23.03 -13.38 13.88
C LYS C 1340 22.28 -14.64 14.27
N SER C 1341 21.80 -14.68 15.52
CA SER C 1341 20.99 -15.78 16.02
C SER C 1341 19.85 -15.23 16.86
N HIS C 1342 18.62 -15.56 16.47
CA HIS C 1342 17.43 -15.22 17.25
C HIS C 1342 16.79 -16.52 17.72
N ALA C 1343 16.50 -16.59 19.02
CA ALA C 1343 16.00 -17.82 19.65
C ALA C 1343 14.48 -17.78 19.69
N LEU C 1344 13.87 -18.91 19.36
CA LEU C 1344 12.41 -19.05 19.35
C LEU C 1344 11.98 -19.96 20.47
N GLN C 1345 11.12 -19.46 21.36
CA GLN C 1345 10.49 -20.25 22.42
C GLN C 1345 8.99 -20.25 22.07
N LEU C 1346 8.55 -21.33 21.42
CA LEU C 1346 7.18 -21.37 20.91
C LEU C 1346 6.16 -21.62 22.01
N ASN C 1347 6.49 -22.44 23.01
CA ASN C 1347 5.49 -22.89 23.95
C ASN C 1347 5.14 -21.82 24.97
N ASN C 1348 6.14 -21.04 25.41
CA ASN C 1348 5.93 -19.95 26.37
C ASN C 1348 5.20 -20.44 27.61
N ARG C 1349 5.33 -21.72 27.94
CA ARG C 1349 4.62 -22.35 29.06
C ARG C 1349 3.11 -22.23 28.87
N GLN C 1350 2.63 -22.28 27.64
CA GLN C 1350 1.23 -21.97 27.34
C GLN C 1350 0.87 -22.63 26.02
N ILE C 1351 -0.43 -22.88 25.82
CA ILE C 1351 -0.87 -23.50 24.57
C ILE C 1351 -2.14 -22.85 24.04
N ARG C 1352 -1.99 -21.87 23.14
CA ARG C 1352 -3.11 -21.31 22.37
C ARG C 1352 -2.54 -20.92 21.00
N GLY C 1353 -2.64 -21.85 20.05
CA GLY C 1353 -2.18 -21.65 18.68
C GLY C 1353 -0.84 -20.96 18.55
N LEU C 1354 0.13 -21.37 19.37
CA LEU C 1354 1.41 -20.69 19.43
C LEU C 1354 2.41 -21.16 18.38
N GLU C 1355 1.96 -21.72 17.27
CA GLU C 1355 2.83 -21.86 16.11
C GLU C 1355 3.41 -20.50 15.76
N GLU C 1356 4.74 -20.43 15.63
CA GLU C 1356 5.42 -19.15 15.49
C GLU C 1356 6.01 -18.98 14.11
N GLU C 1357 6.21 -17.71 13.74
CA GLU C 1357 6.86 -17.33 12.49
C GLU C 1357 7.65 -16.08 12.77
N LEU C 1358 8.93 -16.07 12.36
CA LEU C 1358 9.83 -14.96 12.61
C LEU C 1358 10.72 -14.79 11.39
N GLN C 1359 10.92 -13.55 10.95
CA GLN C 1359 11.80 -13.29 9.82
C GLN C 1359 13.24 -13.63 10.19
N PHE C 1360 13.94 -14.31 9.29
CA PHE C 1360 15.29 -14.77 9.55
C PHE C 1360 16.23 -14.31 8.45
N SER C 1361 17.30 -13.63 8.85
CA SER C 1361 18.18 -12.88 7.94
C SER C 1361 19.52 -13.61 7.83
N LEU C 1362 19.63 -14.49 6.82
CA LEU C 1362 20.84 -15.26 6.58
C LEU C 1362 21.21 -15.20 5.11
N GLY C 1363 22.51 -15.34 4.83
CA GLY C 1363 22.93 -15.57 3.48
C GLY C 1363 22.87 -17.01 3.04
N SER C 1364 23.72 -17.87 3.63
CA SER C 1364 23.90 -19.23 3.14
C SER C 1364 23.61 -20.29 4.20
N LYS C 1365 24.24 -20.23 5.37
CA LYS C 1365 24.31 -21.35 6.29
C LYS C 1365 23.35 -21.14 7.46
N ILE C 1366 22.93 -22.26 8.07
CA ILE C 1366 21.95 -22.23 9.16
C ILE C 1366 22.11 -23.50 9.99
N ASN C 1367 21.92 -23.35 11.31
CA ASN C 1367 22.06 -24.44 12.27
C ASN C 1367 20.90 -24.39 13.27
N VAL C 1368 20.60 -25.53 13.87
CA VAL C 1368 19.47 -25.68 14.79
C VAL C 1368 19.98 -26.19 16.14
N LYS C 1369 19.43 -25.62 17.23
CA LYS C 1369 19.65 -26.13 18.58
C LYS C 1369 18.28 -26.36 19.21
N VAL C 1370 17.93 -27.62 19.45
CA VAL C 1370 16.58 -27.98 19.87
C VAL C 1370 16.52 -28.04 21.39
N GLY C 1371 15.30 -27.97 21.92
CA GLY C 1371 15.06 -28.14 23.34
C GLY C 1371 13.62 -28.53 23.61
N GLY C 1372 13.32 -28.76 24.88
CA GLY C 1372 11.96 -29.04 25.30
C GLY C 1372 11.50 -30.47 25.04
N ASN C 1373 10.18 -30.62 24.97
CA ASN C 1373 9.54 -31.90 24.70
C ASN C 1373 8.29 -31.67 23.87
N SER C 1374 8.31 -32.13 22.61
CA SER C 1374 7.20 -31.90 21.70
C SER C 1374 7.37 -32.62 20.37
N LYS C 1375 6.37 -32.47 19.49
CA LYS C 1375 6.41 -33.01 18.12
C LYS C 1375 6.40 -31.89 17.08
N GLY C 1376 7.10 -30.80 17.38
CA GLY C 1376 7.03 -29.62 16.52
C GLY C 1376 7.60 -29.87 15.14
N THR C 1377 7.32 -28.93 14.24
CA THR C 1377 7.79 -28.98 12.86
C THR C 1377 8.46 -27.66 12.52
N LEU C 1378 9.63 -27.72 11.90
CA LEU C 1378 10.36 -26.55 11.44
C LEU C 1378 10.26 -26.45 9.93
N LYS C 1379 9.89 -25.27 9.43
CA LYS C 1379 9.76 -25.00 7.99
C LYS C 1379 10.46 -23.69 7.68
N VAL C 1380 11.76 -23.77 7.35
CA VAL C 1380 12.47 -22.60 6.86
C VAL C 1380 12.07 -22.37 5.41
N LEU C 1381 11.57 -21.17 5.12
CA LEU C 1381 11.05 -20.83 3.80
C LEU C 1381 12.02 -19.86 3.13
N ARG C 1382 12.53 -20.25 1.96
CA ARG C 1382 13.47 -19.45 1.20
C ARG C 1382 12.79 -18.96 -0.07
N THR C 1383 12.96 -17.67 -0.37
CA THR C 1383 12.40 -17.08 -1.58
C THR C 1383 13.51 -16.40 -2.38
N TYR C 1384 13.46 -16.54 -3.70
CA TYR C 1384 14.45 -15.94 -4.57
C TYR C 1384 13.89 -15.86 -5.98
N ASN C 1385 14.45 -14.94 -6.77
CA ASN C 1385 14.05 -14.79 -8.16
C ASN C 1385 14.58 -15.94 -9.01
N VAL C 1386 13.80 -16.32 -10.03
CA VAL C 1386 14.15 -17.40 -10.93
C VAL C 1386 13.63 -17.05 -12.32
N LEU C 1387 14.35 -17.52 -13.34
CA LEU C 1387 13.90 -17.38 -14.72
C LEU C 1387 12.98 -18.54 -15.07
N ASP C 1388 11.72 -18.23 -15.34
CA ASP C 1388 10.74 -19.23 -15.77
C ASP C 1388 9.66 -18.51 -16.56
N MET C 1389 8.91 -19.29 -17.34
CA MET C 1389 7.94 -18.77 -18.28
C MET C 1389 6.58 -19.38 -17.99
N LYS C 1390 5.52 -18.58 -18.22
CA LYS C 1390 4.12 -18.92 -17.92
C LYS C 1390 3.97 -19.70 -16.61
N THR C 1393 0.64 -15.56 -22.78
CA THR C 1393 -0.58 -16.08 -23.40
C THR C 1393 -0.94 -17.43 -22.77
N CYS C 1394 -2.24 -17.63 -22.53
CA CYS C 1394 -2.70 -18.84 -21.89
C CYS C 1394 -2.40 -20.07 -22.74
N GLN C 1395 -2.18 -21.20 -22.07
CA GLN C 1395 -2.21 -22.47 -22.77
C GLN C 1395 -3.64 -22.87 -23.13
N ASP C 1396 -4.63 -22.33 -22.42
CA ASP C 1396 -6.03 -22.64 -22.66
C ASP C 1396 -6.63 -21.71 -23.73
N LEU C 1397 -6.69 -20.41 -23.45
CA LEU C 1397 -7.14 -19.44 -24.43
C LEU C 1397 -5.96 -18.91 -25.23
N GLN C 1398 -6.28 -18.46 -26.45
CA GLN C 1398 -5.31 -17.74 -27.28
C GLN C 1398 -6.07 -16.72 -28.12
N ILE C 1399 -5.35 -15.72 -28.58
CA ILE C 1399 -5.96 -14.62 -29.32
C ILE C 1399 -4.88 -13.95 -30.15
N GLU C 1400 -5.25 -13.50 -31.35
CA GLU C 1400 -4.32 -12.83 -32.24
C GLU C 1400 -5.09 -11.80 -33.06
N VAL C 1401 -4.65 -10.55 -33.03
CA VAL C 1401 -5.27 -9.47 -33.78
C VAL C 1401 -4.29 -9.06 -34.88
N THR C 1402 -4.71 -9.21 -36.13
CA THR C 1402 -3.91 -8.85 -37.28
C THR C 1402 -4.55 -7.64 -37.96
N VAL C 1403 -3.74 -6.63 -38.27
CA VAL C 1403 -4.21 -5.38 -38.84
C VAL C 1403 -3.52 -5.15 -40.18
N LYS C 1404 -4.31 -4.75 -41.18
CA LYS C 1404 -3.79 -4.39 -42.49
C LYS C 1404 -4.46 -3.11 -42.93
N GLY C 1405 -3.69 -2.19 -43.49
CA GLY C 1405 -4.21 -0.93 -43.96
C GLY C 1405 -3.16 0.16 -43.87
N HIS C 1406 -3.62 1.39 -44.04
CA HIS C 1406 -2.75 2.57 -44.00
C HIS C 1406 -3.08 3.39 -42.76
N VAL C 1407 -2.07 3.67 -41.94
CA VAL C 1407 -2.20 4.47 -40.73
C VAL C 1407 -1.35 5.72 -40.88
N GLU C 1408 -1.95 6.88 -40.66
CA GLU C 1408 -1.27 8.15 -40.84
C GLU C 1408 -0.65 8.58 -39.51
N TYR C 1409 0.67 8.71 -39.48
CA TYR C 1409 1.36 9.23 -38.32
C TYR C 1409 1.55 10.74 -38.45
N THR C 1410 1.96 11.37 -37.35
CA THR C 1410 1.89 12.83 -37.20
C THR C 1410 3.18 13.52 -37.61
N MET C 1411 3.95 12.93 -38.52
CA MET C 1411 5.19 13.49 -39.08
C MET C 1411 6.30 13.60 -38.04
N GLU C 1412 6.04 13.24 -36.79
CA GLU C 1412 7.07 13.23 -35.76
C GLU C 1412 7.44 11.83 -35.30
N ALA C 1413 6.69 10.81 -35.73
CA ALA C 1413 6.94 9.43 -35.33
C ALA C 1413 7.35 8.56 -36.51
N ASN C 1414 7.57 9.15 -37.68
CA ASN C 1414 8.03 8.40 -38.84
C ASN C 1414 9.54 8.19 -38.75
N GLU C 1415 9.94 6.94 -38.54
CA GLU C 1415 11.36 6.59 -38.35
C GLU C 1415 11.97 6.29 -39.71
N ASP C 1416 12.51 7.32 -40.36
CA ASP C 1416 13.16 7.15 -41.65
C ASP C 1416 14.05 8.36 -41.91
N TYR C 1417 14.76 8.32 -43.03
CA TYR C 1417 15.70 9.38 -43.38
C TYR C 1417 14.96 10.69 -43.60
N GLU C 1418 15.58 11.79 -43.17
CA GLU C 1418 15.06 13.11 -43.50
C GLU C 1418 15.36 13.49 -44.94
N ASP C 1419 16.32 12.82 -45.57
CA ASP C 1419 16.74 12.93 -46.97
C ASP C 1419 17.54 14.20 -47.26
N TYR C 1420 17.69 15.12 -46.30
CA TYR C 1420 18.48 16.33 -46.53
C TYR C 1420 19.27 16.63 -45.25
N GLU C 1421 20.43 15.99 -45.12
CA GLU C 1421 21.37 16.28 -44.03
C GLU C 1421 22.81 16.09 -44.50
N SER D 23 25.15 36.49 -43.35
CA SER D 23 25.31 36.36 -41.91
C SER D 23 24.05 35.77 -41.28
N CYS D 24 24.14 35.42 -40.00
CA CYS D 24 23.01 34.86 -39.29
C CYS D 24 21.96 35.93 -38.99
N PRO D 25 20.69 35.52 -38.88
CA PRO D 25 19.64 36.47 -38.51
C PRO D 25 19.85 37.02 -37.12
N GLN D 26 19.37 38.25 -36.91
CA GLN D 26 19.55 38.95 -35.64
C GLN D 26 18.43 38.71 -34.65
N ASN D 27 17.38 37.99 -35.04
CA ASN D 27 16.23 37.74 -34.15
C ASN D 27 16.58 36.60 -33.19
N VAL D 28 17.51 36.90 -32.30
CA VAL D 28 17.98 35.95 -31.29
C VAL D 28 17.77 36.49 -29.88
N ASN D 29 16.89 37.47 -29.73
CA ASN D 29 16.66 38.08 -28.42
C ASN D 29 15.99 37.11 -27.46
N ILE D 30 16.33 37.22 -26.19
CA ILE D 30 15.68 36.49 -25.11
C ILE D 30 14.84 37.48 -24.30
N SER D 31 13.70 37.00 -23.81
CA SER D 31 12.84 37.83 -22.99
C SER D 31 13.34 37.87 -21.55
N GLY D 32 13.55 39.08 -21.03
CA GLY D 32 13.98 39.24 -19.66
C GLY D 32 15.47 39.08 -19.42
N GLY D 33 16.28 38.99 -20.47
CA GLY D 33 17.71 38.82 -20.30
C GLY D 33 18.47 39.29 -21.52
N THR D 34 19.77 39.10 -21.49
CA THR D 34 20.68 39.52 -22.55
C THR D 34 21.30 38.30 -23.21
N PHE D 35 22.18 38.56 -24.19
CA PHE D 35 22.90 37.50 -24.88
C PHE D 35 24.25 38.03 -25.33
N THR D 36 25.17 37.10 -25.57
CA THR D 36 26.52 37.43 -26.02
C THR D 36 26.92 36.50 -27.16
N LEU D 37 27.85 36.99 -27.97
CA LEU D 37 28.34 36.25 -29.14
C LEU D 37 29.85 36.08 -29.05
N SER D 38 30.33 34.97 -29.60
CA SER D 38 31.76 34.66 -29.56
C SER D 38 32.52 35.34 -30.69
N HIS D 39 32.05 35.18 -31.93
CA HIS D 39 32.71 35.71 -33.12
C HIS D 39 31.71 36.42 -34.01
N GLY D 40 30.85 37.26 -33.41
CA GLY D 40 29.89 38.01 -34.18
C GLY D 40 28.83 37.10 -34.80
N TRP D 41 28.37 37.48 -35.99
CA TRP D 41 27.37 36.74 -36.73
C TRP D 41 27.97 35.82 -37.78
N ALA D 42 29.30 35.67 -37.80
CA ALA D 42 29.93 34.80 -38.76
C ALA D 42 29.57 33.34 -38.50
N PRO D 43 29.55 32.51 -39.53
CA PRO D 43 29.28 31.07 -39.32
C PRO D 43 30.28 30.45 -38.36
N GLY D 44 29.77 29.56 -37.50
CA GLY D 44 30.57 28.95 -36.47
C GLY D 44 30.62 29.70 -35.17
N SER D 45 30.05 30.91 -35.11
CA SER D 45 30.03 31.68 -33.86
C SER D 45 29.04 31.07 -32.88
N LEU D 46 29.39 31.11 -31.60
CA LEU D 46 28.57 30.56 -30.53
C LEU D 46 27.88 31.70 -29.80
N LEU D 47 26.55 31.62 -29.71
CA LEU D 47 25.75 32.62 -28.99
C LEU D 47 25.47 32.12 -27.58
N THR D 48 25.72 32.95 -26.60
CA THR D 48 25.51 32.62 -25.19
C THR D 48 24.32 33.42 -24.66
N TYR D 49 23.41 32.72 -23.99
CA TYR D 49 22.23 33.33 -23.39
C TYR D 49 22.42 33.44 -21.87
N SER D 50 22.05 34.59 -21.33
CA SER D 50 22.15 34.86 -19.91
C SER D 50 20.86 35.47 -19.40
N CYS D 51 20.44 35.05 -18.21
CA CYS D 51 19.25 35.56 -17.55
C CYS D 51 19.58 35.90 -16.11
N PRO D 52 18.83 36.83 -15.50
CA PRO D 52 19.11 37.18 -14.10
C PRO D 52 18.94 35.98 -13.18
N GLN D 53 19.39 36.16 -11.94
CA GLN D 53 19.31 35.08 -10.96
C GLN D 53 17.85 34.74 -10.68
N GLY D 54 17.58 33.45 -10.47
CA GLY D 54 16.23 32.95 -10.35
C GLY D 54 15.60 32.53 -11.65
N LEU D 55 16.27 32.71 -12.78
CA LEU D 55 15.78 32.29 -14.09
C LEU D 55 16.89 31.53 -14.80
N TYR D 56 16.48 30.61 -15.69
CA TYR D 56 17.44 29.83 -16.45
C TYR D 56 17.23 30.07 -17.95
N PRO D 57 18.28 30.34 -18.71
CA PRO D 57 18.12 30.51 -20.16
C PRO D 57 17.66 29.21 -20.82
N SER D 58 16.84 29.36 -21.85
CA SER D 58 16.38 28.23 -22.64
C SER D 58 16.05 28.70 -24.06
N PRO D 59 16.82 28.28 -25.07
CA PRO D 59 17.99 27.39 -25.03
C PRO D 59 19.21 28.04 -24.40
N ALA D 60 20.13 27.24 -23.86
CA ALA D 60 21.32 27.80 -23.21
C ALA D 60 22.21 28.52 -24.21
N SER D 61 22.44 27.92 -25.38
CA SER D 61 23.32 28.50 -26.39
C SER D 61 22.83 28.10 -27.77
N ARG D 62 23.18 28.92 -28.76
CA ARG D 62 22.81 28.68 -30.14
C ARG D 62 24.04 28.66 -31.03
N LEU D 63 23.91 27.98 -32.18
CA LEU D 63 24.97 27.88 -33.17
C LEU D 63 24.52 28.58 -34.45
N CYS D 64 25.40 29.42 -35.00
CA CYS D 64 25.11 30.14 -36.23
C CYS D 64 25.12 29.24 -37.46
N LYS D 65 25.53 27.98 -37.32
N LYS D 65 25.56 27.99 -37.32
CA LYS D 65 25.55 27.02 -38.43
CA LYS D 65 25.57 27.02 -38.41
C LYS D 65 26.53 27.44 -39.50
C LYS D 65 26.51 27.47 -39.52
N SER D 66 26.44 26.82 -40.68
CA SER D 66 27.20 27.25 -41.86
C SER D 66 26.40 28.31 -42.61
N SER D 67 26.19 29.44 -41.94
CA SER D 67 25.40 30.58 -42.39
C SER D 67 23.90 30.27 -42.43
N GLY D 68 23.47 29.15 -41.85
CA GLY D 68 22.07 28.81 -41.77
C GLY D 68 21.39 29.40 -40.55
N GLN D 69 20.12 29.04 -40.40
CA GLN D 69 19.36 29.48 -39.23
C GLN D 69 19.99 28.92 -37.95
N TRP D 70 19.89 29.69 -36.87
CA TRP D 70 20.56 29.35 -35.63
C TRP D 70 20.17 27.96 -35.15
N GLN D 71 21.19 27.15 -34.84
CA GLN D 71 20.98 25.77 -34.42
C GLN D 71 21.00 25.69 -32.89
N THR D 72 20.01 25.02 -32.33
CA THR D 72 19.85 24.90 -30.89
C THR D 72 19.90 23.44 -30.49
N PRO D 73 20.66 23.09 -29.43
CA PRO D 73 20.78 21.71 -28.93
C PRO D 73 19.45 21.12 -28.49
N LYS D 81 11.39 29.99 -29.77
CA LYS D 81 11.67 31.26 -29.10
C LYS D 81 12.38 31.03 -27.77
N ALA D 82 13.35 31.89 -27.48
CA ALA D 82 14.15 31.79 -26.26
C ALA D 82 13.54 32.65 -25.16
N VAL D 83 13.32 32.06 -24.00
CA VAL D 83 12.67 32.72 -22.88
C VAL D 83 13.36 32.33 -21.58
N CYS D 84 13.49 33.29 -20.67
CA CYS D 84 14.07 33.05 -19.35
C CYS D 84 12.99 32.43 -18.46
N LYS D 85 12.86 31.11 -18.56
CA LYS D 85 11.87 30.40 -17.76
C LYS D 85 12.24 30.45 -16.28
N PRO D 86 11.25 30.54 -15.39
CA PRO D 86 11.56 30.69 -13.96
C PRO D 86 12.19 29.44 -13.38
N VAL D 87 13.03 29.66 -12.36
CA VAL D 87 13.57 28.55 -11.59
C VAL D 87 12.45 27.90 -10.78
N ARG D 88 12.48 26.58 -10.69
CA ARG D 88 11.48 25.83 -9.94
C ARG D 88 12.18 24.67 -9.23
N CYS D 89 12.16 24.68 -7.91
CA CYS D 89 12.81 23.64 -7.13
C CYS D 89 12.05 22.32 -7.24
N PRO D 90 12.73 21.20 -7.05
CA PRO D 90 12.04 19.91 -7.06
C PRO D 90 11.03 19.81 -5.92
N ALA D 91 9.93 19.10 -6.20
CA ALA D 91 8.89 18.83 -5.22
C ALA D 91 9.03 17.42 -4.68
N PRO D 92 8.65 17.19 -3.42
CA PRO D 92 8.81 15.86 -2.83
C PRO D 92 7.95 14.81 -3.53
N VAL D 93 8.60 13.86 -4.21
CA VAL D 93 7.85 12.80 -4.88
C VAL D 93 7.14 11.93 -3.84
N SER D 94 7.82 11.61 -2.75
CA SER D 94 7.22 10.86 -1.66
C SER D 94 7.78 11.36 -0.33
N PHE D 95 6.95 11.27 0.70
CA PHE D 95 7.36 11.60 2.06
C PHE D 95 6.85 10.49 2.97
N GLU D 96 7.73 9.55 3.29
CA GLU D 96 7.32 8.34 4.01
C GLU D 96 6.93 8.68 5.44
N ASN D 97 5.77 8.17 5.87
CA ASN D 97 5.25 8.38 7.23
C ASN D 97 5.20 9.87 7.59
N GLY D 98 4.56 10.64 6.73
CA GLY D 98 4.37 12.05 7.02
C GLY D 98 3.63 12.74 5.91
N ILE D 99 3.32 14.01 6.14
CA ILE D 99 2.65 14.87 5.17
C ILE D 99 3.46 16.14 5.02
N TYR D 100 3.32 16.79 3.87
CA TYR D 100 4.02 18.02 3.56
C TYR D 100 3.05 19.02 2.96
N THR D 101 3.00 20.22 3.53
CA THR D 101 2.10 21.27 3.07
C THR D 101 2.90 22.54 2.79
N PRO D 102 2.58 23.27 1.72
CA PRO D 102 1.57 22.95 0.69
C PRO D 102 2.06 21.92 -0.30
N ARG D 103 1.19 21.39 -1.15
CA ARG D 103 1.55 20.40 -2.15
C ARG D 103 1.51 21.04 -3.53
N LEU D 104 2.63 20.98 -4.24
CA LEU D 104 2.73 21.59 -5.56
C LEU D 104 3.53 20.68 -6.48
N GLY D 105 3.33 20.85 -7.79
CA GLY D 105 4.10 20.09 -8.75
C GLY D 105 5.58 20.45 -8.74
N SER D 106 5.88 21.75 -8.64
CA SER D 106 7.26 22.21 -8.56
C SER D 106 7.24 23.59 -7.93
N TYR D 107 7.79 23.72 -6.73
CA TYR D 107 7.71 24.97 -6.00
C TYR D 107 8.49 26.07 -6.73
N PRO D 108 7.95 27.27 -6.82
CA PRO D 108 8.67 28.37 -7.48
C PRO D 108 9.68 28.99 -6.51
N VAL D 109 10.42 29.98 -7.01
CA VAL D 109 11.40 30.66 -6.19
C VAL D 109 10.72 31.36 -5.03
N GLY D 110 11.39 31.38 -3.88
CA GLY D 110 10.86 32.04 -2.70
C GLY D 110 9.80 31.26 -1.97
N GLY D 111 9.36 30.11 -2.48
CA GLY D 111 8.31 29.36 -1.84
C GLY D 111 8.79 28.66 -0.59
N ASN D 112 7.81 28.20 0.19
CA ASN D 112 8.07 27.50 1.44
C ASN D 112 7.31 26.18 1.46
N VAL D 113 7.88 25.21 2.16
CA VAL D 113 7.25 23.93 2.39
C VAL D 113 7.50 23.52 3.84
N SER D 114 6.46 22.99 4.50
CA SER D 114 6.53 22.61 5.90
C SER D 114 6.44 21.10 6.01
N PHE D 115 7.29 20.51 6.84
CA PHE D 115 7.38 19.06 7.01
C PHE D 115 7.15 18.72 8.48
N GLU D 116 5.91 18.35 8.81
CA GLU D 116 5.61 17.72 10.08
C GLU D 116 4.94 16.37 9.80
N CYS D 117 5.25 15.37 10.62
CA CYS D 117 4.87 14.01 10.33
C CYS D 117 4.15 13.39 11.54
N GLU D 118 3.69 12.16 11.35
CA GLU D 118 2.74 11.54 12.26
C GLU D 118 3.36 11.27 13.63
N ASP D 119 2.50 10.89 14.57
CA ASP D 119 2.92 10.64 15.94
C ASP D 119 3.77 9.38 16.03
N GLY D 120 4.62 9.33 17.06
CA GLY D 120 5.57 8.27 17.22
C GLY D 120 6.81 8.39 16.36
N PHE D 121 6.92 9.47 15.57
CA PHE D 121 8.03 9.69 14.66
C PHE D 121 8.60 11.07 14.95
N ILE D 122 9.92 11.12 15.18
CA ILE D 122 10.59 12.36 15.56
C ILE D 122 11.30 12.93 14.34
N LEU D 123 10.95 14.15 13.97
CA LEU D 123 11.46 14.76 12.75
C LEU D 123 12.96 15.05 12.87
N ARG D 124 13.65 14.96 11.73
CA ARG D 124 15.03 15.36 11.60
C ARG D 124 15.16 16.35 10.46
N GLY D 125 16.14 17.23 10.56
CA GLY D 125 16.31 18.26 9.55
C GLY D 125 15.37 19.43 9.75
N SER D 126 15.42 20.34 8.78
CA SER D 126 14.65 21.58 8.88
C SER D 126 13.18 21.32 8.53
N PRO D 127 12.24 21.57 9.45
CA PRO D 127 10.82 21.44 9.08
C PRO D 127 10.40 22.39 7.99
N VAL D 128 10.97 23.59 7.93
CA VAL D 128 10.63 24.59 6.94
C VAL D 128 11.80 24.75 5.99
N ARG D 129 11.56 24.55 4.69
CA ARG D 129 12.59 24.64 3.67
C ARG D 129 12.12 25.61 2.60
N GLN D 130 12.98 26.58 2.26
CA GLN D 130 12.65 27.62 1.30
C GLN D 130 13.48 27.42 0.03
N CYS D 131 12.80 27.43 -1.12
CA CYS D 131 13.46 27.21 -2.39
C CYS D 131 14.32 28.42 -2.75
N ARG D 132 15.64 28.23 -2.70
CA ARG D 132 16.57 29.30 -3.01
C ARG D 132 16.65 29.52 -4.52
N PRO D 133 17.08 30.71 -4.96
CA PRO D 133 17.12 31.00 -6.40
C PRO D 133 18.08 30.11 -7.19
N ASN D 134 18.90 29.29 -6.54
CA ASN D 134 19.82 28.41 -7.24
C ASN D 134 19.20 27.07 -7.60
N GLY D 135 17.90 26.89 -7.35
CA GLY D 135 17.25 25.63 -7.63
C GLY D 135 17.40 24.59 -6.55
N MET D 136 17.87 24.97 -5.36
CA MET D 136 18.06 24.05 -4.25
C MET D 136 17.31 24.55 -3.03
N TRP D 137 16.89 23.61 -2.18
CA TRP D 137 16.29 23.96 -0.92
C TRP D 137 17.37 24.34 0.10
N ASP D 138 16.93 24.78 1.27
CA ASP D 138 17.83 25.10 2.37
C ASP D 138 17.55 24.18 3.54
N GLY D 139 18.61 23.87 4.29
CA GLY D 139 18.50 23.00 5.44
C GLY D 139 18.59 21.53 5.06
N GLU D 140 18.73 20.70 6.09
CA GLU D 140 18.84 19.26 5.88
C GLU D 140 17.50 18.68 5.47
N THR D 141 17.54 17.61 4.69
CA THR D 141 16.32 16.98 4.19
C THR D 141 15.50 16.44 5.36
N ALA D 142 14.19 16.65 5.28
CA ALA D 142 13.30 16.29 6.37
C ALA D 142 12.97 14.81 6.35
N VAL D 143 13.17 14.15 7.48
CA VAL D 143 12.80 12.74 7.66
C VAL D 143 12.60 12.49 9.14
N CYS D 144 11.59 11.70 9.48
CA CYS D 144 11.36 11.27 10.85
C CYS D 144 11.49 9.76 10.95
N ASP D 145 12.22 9.30 11.95
CA ASP D 145 12.47 7.87 12.16
C ASP D 145 12.08 7.49 13.58
N ASN D 146 11.47 6.31 13.71
CA ASN D 146 11.10 5.80 15.03
C ASN D 146 12.27 5.20 15.79
N GLY D 147 13.36 4.83 15.12
CA GLY D 147 14.52 4.29 15.77
C GLY D 147 14.56 2.77 15.90
N ALA D 148 13.51 2.07 15.48
CA ALA D 148 13.54 0.61 15.54
C ALA D 148 14.62 0.03 14.62
N GLY D 149 14.81 0.65 13.46
CA GLY D 149 15.83 0.16 12.54
C GLY D 149 17.23 0.30 13.12
N HIS D 150 18.11 -0.60 12.68
CA HIS D 150 19.48 -0.59 13.16
C HIS D 150 20.20 0.71 12.78
N CYS D 151 19.98 1.17 11.56
CA CYS D 151 20.57 2.41 11.06
C CYS D 151 19.51 3.50 11.02
N PRO D 152 19.93 4.76 11.10
CA PRO D 152 18.96 5.86 10.99
C PRO D 152 18.34 5.90 9.61
N ASN D 153 17.11 6.42 9.55
CA ASN D 153 16.39 6.51 8.30
C ASN D 153 17.12 7.45 7.35
N PRO D 154 17.54 6.97 6.17
CA PRO D 154 18.24 7.88 5.24
C PRO D 154 17.32 8.92 4.63
N GLY D 155 16.04 8.60 4.46
CA GLY D 155 15.07 9.57 4.00
C GLY D 155 15.04 9.69 2.49
N ILE D 156 13.96 10.28 1.99
CA ILE D 156 13.78 10.56 0.58
C ILE D 156 14.08 12.05 0.39
N SER D 157 15.23 12.36 -0.21
CA SER D 157 15.54 13.74 -0.54
C SER D 157 14.53 14.26 -1.56
N LEU D 158 14.21 15.55 -1.44
CA LEU D 158 13.20 16.14 -2.31
C LEU D 158 13.59 16.01 -3.77
N GLY D 159 12.67 15.53 -4.59
CA GLY D 159 12.94 15.26 -5.99
C GLY D 159 13.47 13.87 -6.30
N ALA D 160 13.71 13.05 -5.28
CA ALA D 160 14.25 11.72 -5.45
C ALA D 160 13.25 10.68 -4.94
N VAL D 161 13.57 9.41 -5.22
CA VAL D 161 12.81 8.28 -4.72
C VAL D 161 13.80 7.28 -4.12
N ARG D 162 13.28 6.43 -3.23
CA ARG D 162 14.09 5.41 -2.60
C ARG D 162 13.42 4.05 -2.75
N THR D 163 14.22 3.02 -2.93
CA THR D 163 13.73 1.65 -3.07
C THR D 163 14.27 0.83 -1.90
N GLY D 164 13.38 0.13 -1.21
CA GLY D 164 13.77 -0.64 -0.05
C GLY D 164 13.52 0.10 1.24
N PHE D 165 12.50 -0.32 1.98
CA PHE D 165 12.08 0.35 3.20
C PHE D 165 12.53 -0.39 4.46
N ARG D 166 13.58 -1.20 4.35
CA ARG D 166 14.14 -1.92 5.48
C ARG D 166 15.49 -1.32 5.84
N PHE D 167 15.67 -0.98 7.11
CA PHE D 167 16.90 -0.36 7.61
C PHE D 167 17.73 -1.33 8.45
N GLY D 168 17.67 -2.62 8.14
CA GLY D 168 18.47 -3.59 8.85
C GLY D 168 19.94 -3.47 8.52
N HIS D 169 20.76 -4.09 9.36
CA HIS D 169 22.20 -4.04 9.16
C HIS D 169 22.59 -4.85 7.93
N GLY D 170 23.35 -4.24 7.03
CA GLY D 170 23.70 -4.85 5.77
C GLY D 170 22.70 -4.64 4.66
N ASP D 171 21.58 -3.98 4.93
CA ASP D 171 20.58 -3.74 3.90
C ASP D 171 20.95 -2.53 3.06
N LYS D 172 20.28 -2.39 1.92
CA LYS D 172 20.65 -1.42 0.91
C LYS D 172 19.43 -0.65 0.42
N VAL D 173 19.66 0.59 0.01
CA VAL D 173 18.63 1.43 -0.59
C VAL D 173 19.18 1.99 -1.89
N ARG D 174 18.33 2.05 -2.92
CA ARG D 174 18.71 2.52 -4.23
C ARG D 174 17.88 3.74 -4.60
N TYR D 175 18.55 4.81 -4.99
CA TYR D 175 17.90 6.08 -5.29
C TYR D 175 17.82 6.33 -6.79
N ARG D 176 16.73 6.97 -7.21
CA ARG D 176 16.51 7.32 -8.60
C ARG D 176 15.89 8.70 -8.66
N CYS D 177 16.42 9.56 -9.53
CA CYS D 177 15.84 10.89 -9.71
C CYS D 177 14.55 10.79 -10.52
N SER D 178 13.83 11.92 -10.58
CA SER D 178 12.58 12.01 -11.30
C SER D 178 12.62 13.20 -12.26
N SER D 179 11.79 13.13 -13.29
CA SER D 179 11.66 14.19 -14.30
C SER D 179 13.02 14.36 -14.97
N ASN D 180 13.53 15.59 -15.11
CA ASN D 180 14.79 15.83 -15.81
C ASN D 180 15.93 16.16 -14.86
N LEU D 181 15.83 15.73 -13.60
CA LEU D 181 16.87 16.00 -12.62
C LEU D 181 18.02 15.01 -12.78
N VAL D 182 19.22 15.46 -12.41
CA VAL D 182 20.42 14.64 -12.42
C VAL D 182 20.80 14.32 -10.98
N LEU D 183 21.17 13.07 -10.72
CA LEU D 183 21.47 12.62 -9.37
C LEU D 183 22.91 12.91 -9.02
N THR D 184 23.12 13.71 -7.97
CA THR D 184 24.45 13.99 -7.45
C THR D 184 24.54 13.41 -6.04
N GLY D 185 25.50 12.52 -5.83
CA GLY D 185 25.63 11.85 -4.55
C GLY D 185 25.72 10.35 -4.70
N SER D 186 25.23 9.62 -3.70
CA SER D 186 25.28 8.17 -3.70
C SER D 186 23.99 7.62 -4.29
N SER D 187 24.11 6.85 -5.37
CA SER D 187 22.96 6.17 -5.95
C SER D 187 22.62 4.87 -5.23
N GLU D 188 23.43 4.46 -4.26
CA GLU D 188 23.22 3.21 -3.54
C GLU D 188 23.88 3.34 -2.18
N ARG D 189 23.13 3.16 -1.11
CA ARG D 189 23.63 3.27 0.25
C ARG D 189 23.35 1.98 1.01
N GLU D 190 24.32 1.55 1.81
CA GLU D 190 24.22 0.33 2.59
C GLU D 190 24.37 0.67 4.07
N CYS D 191 23.51 0.09 4.90
CA CYS D 191 23.57 0.30 6.35
C CYS D 191 24.74 -0.47 6.93
N GLN D 192 25.79 0.25 7.32
CA GLN D 192 27.01 -0.37 7.83
C GLN D 192 26.87 -0.70 9.31
N GLY D 193 27.87 -1.41 9.83
CA GLY D 193 27.82 -1.86 11.21
C GLY D 193 27.83 -0.72 12.21
N ASN D 194 28.57 0.34 11.90
CA ASN D 194 28.72 1.47 12.82
C ASN D 194 27.51 2.38 12.86
N GLY D 195 26.39 1.98 12.25
CA GLY D 195 25.18 2.79 12.29
C GLY D 195 25.19 4.00 11.39
N VAL D 196 26.03 4.02 10.35
CA VAL D 196 26.08 5.12 9.40
C VAL D 196 25.97 4.53 8.00
N TRP D 197 25.05 5.06 7.19
CA TRP D 197 24.85 4.53 5.85
C TRP D 197 26.07 4.86 4.98
N SER D 198 26.49 3.87 4.19
CA SER D 198 27.63 4.08 3.30
C SER D 198 27.29 5.11 2.23
N GLY D 199 28.25 5.98 1.95
CA GLY D 199 28.07 7.03 0.96
C GLY D 199 27.34 8.23 1.51
N THR D 200 27.24 9.26 0.67
CA THR D 200 26.61 10.52 1.05
C THR D 200 25.10 10.46 0.81
N GLU D 201 24.42 11.49 1.27
CA GLU D 201 22.99 11.60 1.05
C GLU D 201 22.73 12.15 -0.35
N PRO D 202 22.03 11.41 -1.22
CA PRO D 202 21.83 11.89 -2.59
C PRO D 202 20.99 13.15 -2.62
N ILE D 203 21.28 14.01 -3.59
CA ILE D 203 20.54 15.24 -3.80
C ILE D 203 20.24 15.39 -5.28
N CYS D 204 19.01 15.08 -5.68
CA CYS D 204 18.61 15.29 -7.07
C CYS D 204 18.75 16.76 -7.42
N ARG D 205 19.41 17.05 -8.54
CA ARG D 205 19.74 18.41 -8.92
C ARG D 205 19.33 18.64 -10.37
N GLN D 206 19.09 19.89 -10.68
CA GLN D 206 18.73 20.29 -12.03
C GLN D 206 19.99 20.67 -12.82
N PRO D 207 19.99 20.45 -14.13
CA PRO D 207 21.19 20.76 -14.92
C PRO D 207 21.61 22.21 -14.83
N TYR D 208 20.65 23.13 -14.72
CA TYR D 208 20.91 24.56 -14.61
C TYR D 208 21.26 25.01 -13.19
N SER D 209 21.15 24.14 -12.20
CA SER D 209 21.36 24.52 -10.82
C SER D 209 22.85 24.71 -10.54
N TYR D 210 23.17 25.68 -9.67
CA TYR D 210 24.54 25.92 -9.25
C TYR D 210 24.62 26.07 -7.74
N ASP D 211 25.79 26.44 -7.22
CA ASP D 211 26.02 26.53 -5.79
C ASP D 211 26.52 27.93 -5.43
N PHE D 212 25.92 28.51 -4.39
CA PHE D 212 26.38 29.79 -3.87
C PHE D 212 27.63 29.59 -3.01
N PRO D 213 28.59 30.52 -3.06
CA PRO D 213 29.80 30.37 -2.25
C PRO D 213 29.52 30.23 -0.76
N GLU D 214 28.55 30.98 -0.24
CA GLU D 214 28.26 30.96 1.18
C GLU D 214 27.78 29.58 1.63
N ASP D 215 26.96 28.93 0.80
CA ASP D 215 26.46 27.60 1.14
C ASP D 215 27.60 26.59 1.19
N VAL D 216 28.54 26.66 0.25
CA VAL D 216 29.53 25.61 0.09
C VAL D 216 30.82 25.82 0.86
N ALA D 217 31.07 27.05 1.34
CA ALA D 217 32.27 27.27 2.15
C ALA D 217 32.29 26.42 3.41
N PRO D 218 31.23 26.34 4.23
CA PRO D 218 31.28 25.46 5.41
C PRO D 218 31.47 24.00 5.07
N ALA D 219 30.91 23.52 3.95
CA ALA D 219 31.09 22.12 3.58
C ALA D 219 32.54 21.80 3.30
N LEU D 220 33.20 22.66 2.51
CA LEU D 220 34.62 22.49 2.25
C LEU D 220 35.43 22.59 3.54
N GLY D 221 35.08 23.55 4.41
CA GLY D 221 35.76 23.67 5.68
C GLY D 221 35.67 22.40 6.51
N THR D 222 34.46 21.83 6.59
CA THR D 222 34.26 20.62 7.39
C THR D 222 35.01 19.43 6.79
N SER D 223 34.96 19.27 5.47
CA SER D 223 35.66 18.16 4.83
C SER D 223 37.16 18.26 5.04
N PHE D 224 37.72 19.46 4.86
CA PHE D 224 39.15 19.63 5.10
C PHE D 224 39.48 19.53 6.59
N SER D 225 38.53 19.83 7.47
CA SER D 225 38.74 19.59 8.89
C SER D 225 38.86 18.11 9.19
N HIS D 226 38.02 17.28 8.55
CA HIS D 226 38.20 15.84 8.67
C HIS D 226 39.55 15.40 8.11
N MET D 227 39.98 16.00 7.00
CA MET D 227 41.29 15.68 6.44
C MET D 227 42.43 16.01 7.40
N LEU D 228 42.38 17.18 8.05
CA LEU D 228 43.50 17.61 8.88
C LEU D 228 43.58 16.87 10.20
N GLY D 229 42.49 16.24 10.63
CA GLY D 229 42.49 15.49 11.88
C GLY D 229 43.44 14.31 11.87
N GLY D 251 50.75 12.95 12.04
CA GLY D 251 50.54 12.47 10.69
C GLY D 251 50.92 13.48 9.63
N HIS D 252 51.01 13.03 8.38
CA HIS D 252 51.38 13.87 7.26
C HIS D 252 50.35 13.71 6.15
N LEU D 253 49.97 14.81 5.52
CA LEU D 253 48.93 14.85 4.51
C LEU D 253 49.52 15.20 3.16
N ASN D 254 49.01 14.56 2.11
CA ASN D 254 49.42 14.84 0.74
C ASN D 254 48.27 15.50 0.00
N LEU D 255 48.53 16.67 -0.58
CA LEU D 255 47.52 17.45 -1.27
C LEU D 255 47.94 17.65 -2.72
N TYR D 256 47.06 17.31 -3.65
CA TYR D 256 47.28 17.50 -5.07
C TYR D 256 46.27 18.49 -5.62
N LEU D 257 46.76 19.54 -6.27
CA LEU D 257 45.90 20.55 -6.89
C LEU D 257 45.95 20.38 -8.40
N LEU D 258 44.79 20.14 -9.01
CA LEU D 258 44.69 19.90 -10.45
C LEU D 258 43.98 21.10 -11.07
N LEU D 259 44.63 21.74 -12.03
CA LEU D 259 44.14 22.96 -12.64
C LEU D 259 43.82 22.73 -14.12
N ASP D 260 42.85 23.46 -14.63
CA ASP D 260 42.38 23.30 -16.01
C ASP D 260 42.94 24.42 -16.86
N CYS D 261 43.53 24.06 -18.01
CA CYS D 261 44.16 25.04 -18.88
C CYS D 261 43.82 24.80 -20.35
N SER D 262 42.64 24.24 -20.63
CA SER D 262 42.22 24.00 -21.99
C SER D 262 41.79 25.31 -22.65
N GLN D 263 41.38 25.22 -23.91
CA GLN D 263 40.89 26.41 -24.62
C GLN D 263 39.59 26.89 -24.03
N SER D 264 38.75 25.97 -23.54
CA SER D 264 37.45 26.36 -22.99
C SER D 264 37.60 27.30 -21.82
N VAL D 265 38.54 27.03 -20.92
CA VAL D 265 38.85 27.95 -19.83
C VAL D 265 39.73 29.08 -20.37
N SER D 266 39.36 30.31 -20.06
CA SER D 266 40.05 31.46 -20.63
C SER D 266 41.31 31.77 -19.83
N GLU D 267 42.11 32.69 -20.38
CA GLU D 267 43.35 33.09 -19.72
C GLU D 267 43.07 33.75 -18.37
N ASN D 268 42.08 34.66 -18.33
CA ASN D 268 41.70 35.27 -17.06
C ASN D 268 41.12 34.22 -16.11
N ASP D 269 40.33 33.30 -16.64
CA ASP D 269 39.75 32.25 -15.81
C ASP D 269 40.83 31.39 -15.18
N PHE D 270 41.84 31.02 -15.98
CA PHE D 270 42.98 30.27 -15.43
C PHE D 270 43.77 31.12 -14.44
N LEU D 271 43.85 32.43 -14.65
CA LEU D 271 44.52 33.29 -13.69
C LEU D 271 43.81 33.26 -12.34
N ILE D 272 42.49 33.32 -12.34
CA ILE D 272 41.75 33.24 -11.09
C ILE D 272 41.89 31.85 -10.48
N PHE D 273 41.95 30.81 -11.32
CA PHE D 273 42.23 29.47 -10.81
C PHE D 273 43.55 29.44 -10.06
N LYS D 274 44.60 30.02 -10.66
CA LYS D 274 45.91 30.08 -10.02
C LYS D 274 45.85 30.86 -8.72
N GLU D 275 45.13 31.99 -8.72
CA GLU D 275 44.98 32.78 -7.50
C GLU D 275 44.35 31.96 -6.38
N SER D 276 43.23 31.29 -6.68
CA SER D 276 42.55 30.49 -5.67
C SER D 276 43.44 29.38 -5.16
N ALA D 277 44.19 28.73 -6.07
CA ALA D 277 45.14 27.70 -5.64
C ALA D 277 46.19 28.28 -4.70
N SER D 278 46.67 29.50 -5.01
CA SER D 278 47.71 30.11 -4.18
C SER D 278 47.19 30.40 -2.77
N LEU D 279 45.99 30.97 -2.67
CA LEU D 279 45.43 31.16 -1.32
C LEU D 279 45.21 29.83 -0.62
N MET D 280 44.78 28.81 -1.36
CA MET D 280 44.56 27.50 -0.75
C MET D 280 45.83 26.95 -0.13
N VAL D 281 46.94 26.97 -0.88
CA VAL D 281 48.19 26.43 -0.33
C VAL D 281 48.75 27.35 0.75
N ASP D 282 48.50 28.66 0.64
CA ASP D 282 48.94 29.58 1.69
C ASP D 282 48.27 29.25 3.01
N ARG D 283 46.97 28.96 2.98
CA ARG D 283 46.24 28.70 4.22
C ARG D 283 46.67 27.39 4.88
N ILE D 284 46.84 26.32 4.08
CA ILE D 284 47.14 25.02 4.64
C ILE D 284 48.51 25.03 5.33
N PHE D 285 49.47 25.77 4.77
CA PHE D 285 50.76 25.91 5.40
C PHE D 285 50.70 26.79 6.65
N SER D 286 49.67 27.62 6.78
CA SER D 286 49.53 28.47 7.96
C SER D 286 49.11 27.68 9.19
N PHE D 287 48.62 26.46 9.02
CA PHE D 287 48.16 25.66 10.14
C PHE D 287 49.29 24.89 10.83
N GLU D 288 50.52 25.00 10.32
CA GLU D 288 51.69 24.34 10.91
C GLU D 288 51.48 22.83 11.02
N ILE D 289 50.86 22.25 10.00
CA ILE D 289 50.62 20.81 9.92
C ILE D 289 51.48 20.25 8.81
N ASN D 290 52.12 19.11 9.08
CA ASN D 290 52.98 18.48 8.09
C ASN D 290 52.18 18.09 6.86
N VAL D 291 52.32 18.86 5.79
CA VAL D 291 51.62 18.58 4.53
C VAL D 291 52.58 18.84 3.38
N SER D 292 52.41 18.08 2.30
CA SER D 292 53.13 18.29 1.06
C SER D 292 52.12 18.50 -0.05
N VAL D 293 52.25 19.60 -0.79
CA VAL D 293 51.29 19.99 -1.80
C VAL D 293 51.97 19.90 -3.16
N ALA D 294 51.24 19.39 -4.16
CA ALA D 294 51.72 19.27 -5.52
C ALA D 294 50.79 20.03 -6.45
N ILE D 295 51.37 20.62 -7.50
CA ILE D 295 50.62 21.43 -8.45
C ILE D 295 50.69 20.73 -9.81
N ILE D 296 49.53 20.42 -10.37
CA ILE D 296 49.42 19.82 -11.70
C ILE D 296 48.45 20.66 -12.52
N THR D 297 48.89 21.05 -13.71
CA THR D 297 48.03 21.76 -14.66
C THR D 297 47.89 20.89 -15.90
N PHE D 298 46.68 20.41 -16.16
CA PHE D 298 46.47 19.42 -17.20
C PHE D 298 45.79 20.04 -18.43
N ALA D 299 45.98 19.37 -19.55
CA ALA D 299 45.44 19.74 -20.85
C ALA D 299 45.21 18.45 -21.63
N SER D 300 45.18 18.56 -22.96
CA SER D 300 45.19 17.37 -23.81
C SER D 300 46.25 16.39 -23.34
N GLU D 301 47.42 16.91 -22.96
CA GLU D 301 48.46 16.12 -22.31
C GLU D 301 48.78 16.81 -20.99
N PRO D 302 48.82 16.07 -19.87
CA PRO D 302 49.02 16.72 -18.57
C PRO D 302 50.46 17.17 -18.39
N LYS D 303 50.62 18.29 -17.70
CA LYS D 303 51.94 18.82 -17.38
C LYS D 303 52.08 18.94 -15.87
N VAL D 304 53.24 18.52 -15.37
CA VAL D 304 53.52 18.48 -13.94
C VAL D 304 54.40 19.69 -13.60
N LEU D 305 53.87 20.60 -12.77
CA LEU D 305 54.63 21.75 -12.33
C LEU D 305 55.29 21.54 -10.98
N MET D 306 54.97 20.46 -10.28
CA MET D 306 55.58 20.16 -8.99
C MET D 306 55.17 18.75 -8.61
N SER D 307 55.96 18.13 -7.73
CA SER D 307 55.76 16.74 -7.35
C SER D 307 55.94 16.59 -5.85
N VAL D 308 55.31 15.55 -5.31
CA VAL D 308 55.46 15.24 -3.90
C VAL D 308 56.76 14.49 -3.62
N LEU D 309 57.37 13.90 -4.65
CA LEU D 309 58.67 13.26 -4.48
C LEU D 309 59.74 14.27 -4.10
N ASN D 310 59.73 15.44 -4.74
CA ASN D 310 60.67 16.49 -4.39
C ASN D 310 60.38 17.00 -2.98
N ASP D 311 61.44 17.35 -2.25
CA ASP D 311 61.30 17.83 -0.89
C ASP D 311 60.87 19.30 -0.81
N ASN D 312 60.86 20.00 -1.93
CA ASN D 312 60.44 21.40 -1.93
C ASN D 312 58.95 21.59 -1.72
N SER D 313 58.17 20.50 -1.77
CA SER D 313 56.71 20.60 -1.62
C SER D 313 56.28 21.04 -0.23
N ARG D 314 57.18 21.00 0.76
CA ARG D 314 56.86 21.40 2.12
C ARG D 314 57.29 22.83 2.43
N ASP D 315 57.49 23.66 1.40
CA ASP D 315 57.93 25.03 1.58
C ASP D 315 56.97 25.95 0.86
N MET D 316 56.52 27.00 1.56
CA MET D 316 55.53 27.92 1.02
C MET D 316 56.09 28.69 -0.19
N THR D 317 57.31 29.21 -0.06
CA THR D 317 57.89 30.00 -1.14
C THR D 317 58.09 29.15 -2.39
N GLU D 318 58.56 27.91 -2.23
CA GLU D 318 58.81 27.06 -3.39
C GLU D 318 57.53 26.78 -4.16
N VAL D 319 56.46 26.42 -3.46
CA VAL D 319 55.22 26.07 -4.15
C VAL D 319 54.60 27.30 -4.79
N ILE D 320 54.69 28.46 -4.13
CA ILE D 320 54.15 29.67 -4.75
C ILE D 320 54.96 30.06 -5.98
N SER D 321 56.29 29.91 -5.93
CA SER D 321 57.11 30.22 -7.09
C SER D 321 56.79 29.28 -8.25
N SER D 322 56.59 27.99 -7.94
CA SER D 322 56.22 27.05 -8.99
C SER D 322 54.85 27.39 -9.59
N LEU D 323 53.89 27.75 -8.74
CA LEU D 323 52.55 28.05 -9.22
C LEU D 323 52.53 29.33 -10.07
N GLU D 324 53.27 30.36 -9.64
CA GLU D 324 53.26 31.62 -10.38
C GLU D 324 53.96 31.49 -11.73
N ASN D 325 54.90 30.55 -11.86
CA ASN D 325 55.58 30.34 -13.13
C ASN D 325 54.68 29.69 -14.18
N ALA D 326 53.50 29.22 -13.80
CA ALA D 326 52.57 28.64 -14.76
C ALA D 326 52.11 29.68 -15.77
N ASN D 327 51.89 29.22 -17.00
CA ASN D 327 51.47 30.10 -18.08
C ASN D 327 50.54 29.33 -19.01
N TYR D 328 49.97 30.05 -19.99
CA TYR D 328 49.06 29.46 -20.96
C TYR D 328 49.75 29.01 -22.24
N LYS D 329 50.97 29.49 -22.51
CA LYS D 329 51.64 29.17 -23.76
C LYS D 329 51.94 27.68 -23.85
N ASP D 330 52.35 27.06 -22.74
CA ASP D 330 52.73 25.65 -22.77
C ASP D 330 51.55 24.75 -23.10
N HIS D 331 50.33 25.18 -22.76
CA HIS D 331 49.12 24.44 -23.08
C HIS D 331 48.42 24.97 -24.34
N GLU D 332 49.06 25.89 -25.07
CA GLU D 332 48.43 26.45 -26.26
C GLU D 332 48.49 25.47 -27.43
N ASN D 333 49.59 24.71 -27.54
CA ASN D 333 49.72 23.76 -28.63
C ASN D 333 48.64 22.68 -28.57
N GLY D 334 48.36 22.17 -27.37
CA GLY D 334 47.29 21.21 -27.18
C GLY D 334 46.27 21.69 -26.17
N THR D 335 45.03 21.86 -26.60
CA THR D 335 44.00 22.49 -25.79
C THR D 335 42.85 21.54 -25.49
N GLY D 336 43.18 20.30 -25.12
CA GLY D 336 42.19 19.33 -24.72
C GLY D 336 41.95 19.35 -23.22
N THR D 337 41.01 18.52 -22.78
CA THR D 337 40.67 18.36 -21.36
C THR D 337 40.71 16.87 -21.03
N ASN D 338 41.92 16.35 -20.81
CA ASN D 338 42.12 14.94 -20.51
C ASN D 338 42.28 14.77 -19.01
N THR D 339 41.14 14.79 -18.30
CA THR D 339 41.15 14.64 -16.85
C THR D 339 41.72 13.28 -16.44
N TYR D 340 41.47 12.25 -17.25
CA TYR D 340 42.02 10.93 -16.93
C TYR D 340 43.54 10.95 -16.89
N ALA D 341 44.16 11.71 -17.81
CA ALA D 341 45.61 11.80 -17.81
C ALA D 341 46.14 12.48 -16.55
N ALA D 342 45.45 13.53 -16.09
CA ALA D 342 45.86 14.19 -14.86
C ALA D 342 45.74 13.26 -13.66
N LEU D 343 44.63 12.53 -13.58
CA LEU D 343 44.47 11.57 -12.48
C LEU D 343 45.49 10.45 -12.58
N ASN D 344 45.88 10.07 -13.80
CA ASN D 344 46.92 9.06 -13.98
C ASN D 344 48.27 9.57 -13.53
N SER D 345 48.56 10.86 -13.78
CA SER D 345 49.78 11.45 -13.25
C SER D 345 49.78 11.45 -11.73
N VAL D 346 48.62 11.76 -11.13
CA VAL D 346 48.49 11.66 -9.68
C VAL D 346 48.78 10.24 -9.22
N TYR D 347 48.24 9.24 -9.94
CA TYR D 347 48.47 7.85 -9.57
C TYR D 347 49.94 7.47 -9.72
N LEU D 348 50.62 8.00 -10.73
CA LEU D 348 52.05 7.76 -10.88
C LEU D 348 52.82 8.33 -9.70
N MET D 349 52.42 9.52 -9.23
CA MET D 349 53.01 10.06 -8.01
C MET D 349 52.75 9.14 -6.82
N MET D 350 51.54 8.61 -6.71
CA MET D 350 51.21 7.67 -5.64
C MET D 350 52.15 6.47 -5.69
N ASN D 351 52.36 5.90 -6.88
CA ASN D 351 53.17 4.69 -7.00
C ASN D 351 54.63 4.98 -6.73
N ASN D 352 55.14 6.14 -7.17
CA ASN D 352 56.52 6.48 -6.88
C ASN D 352 56.74 6.69 -5.38
N GLN D 353 55.80 7.37 -4.71
CA GLN D 353 55.90 7.52 -3.26
C GLN D 353 55.81 6.15 -2.58
N MET D 354 54.99 5.26 -3.12
CA MET D 354 54.91 3.88 -2.64
C MET D 354 56.28 3.21 -2.69
N ARG D 355 56.91 3.23 -3.87
CA ARG D 355 58.18 2.55 -4.05
C ARG D 355 59.26 3.14 -3.15
N LEU D 356 59.33 4.48 -3.05
CA LEU D 356 60.41 5.09 -2.29
C LEU D 356 60.18 4.93 -0.79
N LEU D 357 58.93 5.07 -0.34
CA LEU D 357 58.63 4.86 1.07
C LEU D 357 58.72 3.39 1.44
N GLY D 358 57.90 2.55 0.80
CA GLY D 358 57.88 1.14 1.11
C GLY D 358 56.50 0.53 1.23
N MET D 359 56.45 -0.81 1.16
CA MET D 359 55.18 -1.53 1.23
C MET D 359 54.48 -1.34 2.56
N GLU D 360 55.18 -1.60 3.66
CA GLU D 360 54.55 -1.68 4.98
C GLU D 360 55.15 -0.70 5.97
N THR D 361 55.86 0.31 5.50
CA THR D 361 56.42 1.31 6.39
C THR D 361 55.32 2.16 7.01
N MET D 362 55.49 2.49 8.29
CA MET D 362 54.54 3.37 8.97
C MET D 362 54.53 4.75 8.33
N ALA D 363 55.69 5.21 7.86
CA ALA D 363 55.80 6.56 7.31
C ALA D 363 54.84 6.80 6.15
N TRP D 364 54.45 5.74 5.43
CA TRP D 364 53.47 5.91 4.37
C TRP D 364 52.05 5.62 4.84
N GLN D 365 51.87 4.72 5.81
CA GLN D 365 50.53 4.33 6.24
C GLN D 365 49.76 5.54 6.77
N GLU D 366 50.44 6.44 7.46
CA GLU D 366 49.83 7.65 8.00
C GLU D 366 49.79 8.79 6.98
N ILE D 367 49.93 8.50 5.69
CA ILE D 367 49.91 9.52 4.66
C ILE D 367 48.49 9.62 4.11
N ARG D 368 47.87 10.78 4.27
CA ARG D 368 46.53 11.01 3.76
C ARG D 368 46.58 11.85 2.48
N HIS D 369 45.67 11.57 1.57
CA HIS D 369 45.67 12.17 0.24
C HIS D 369 44.37 12.90 0.00
N ALA D 370 44.48 14.17 -0.41
CA ALA D 370 43.34 14.99 -0.77
C ALA D 370 43.60 15.61 -2.14
N ILE D 371 42.63 15.48 -3.04
CA ILE D 371 42.77 15.94 -4.42
C ILE D 371 41.74 17.04 -4.68
N ILE D 372 42.19 18.11 -5.32
CA ILE D 372 41.33 19.24 -5.65
C ILE D 372 41.42 19.45 -7.16
N LEU D 373 40.25 19.53 -7.80
CA LEU D 373 40.17 19.75 -9.25
C LEU D 373 39.36 21.00 -9.51
N LEU D 374 39.99 22.00 -10.11
CA LEU D 374 39.32 23.23 -10.55
C LEU D 374 39.17 23.15 -12.07
N THR D 375 38.10 22.49 -12.51
CA THR D 375 37.88 22.22 -13.92
C THR D 375 36.54 22.78 -14.36
N ASP D 376 36.29 22.71 -15.67
CA ASP D 376 35.01 23.07 -16.24
C ASP D 376 34.16 21.84 -16.57
N GLY D 377 34.60 20.65 -16.17
CA GLY D 377 33.83 19.43 -16.34
C GLY D 377 33.53 19.05 -17.78
N LYS D 378 34.53 19.10 -18.64
CA LYS D 378 34.38 18.78 -20.06
C LYS D 378 35.46 17.80 -20.51
N SER D 379 35.65 16.73 -19.74
CA SER D 379 36.58 15.67 -20.14
C SER D 379 36.17 15.07 -21.48
N ASN D 380 36.98 15.32 -22.52
CA ASN D 380 36.62 14.89 -23.88
C ASN D 380 37.69 14.02 -24.52
N MET D 381 38.67 13.53 -23.77
CA MET D 381 39.67 12.60 -24.29
C MET D 381 40.37 11.92 -23.13
N GLY D 382 41.04 10.82 -23.45
CA GLY D 382 41.72 10.01 -22.47
C GLY D 382 40.87 8.96 -21.78
N GLY D 383 39.58 8.91 -22.08
CA GLY D 383 38.69 7.95 -21.45
C GLY D 383 37.94 8.56 -20.28
N SER D 384 37.22 7.68 -19.58
CA SER D 384 36.44 8.10 -18.42
C SER D 384 37.37 8.43 -17.26
N PRO D 385 37.29 9.63 -16.68
CA PRO D 385 38.14 9.95 -15.54
C PRO D 385 37.91 9.06 -14.33
N LYS D 386 36.74 8.42 -14.24
CA LYS D 386 36.46 7.53 -13.11
C LYS D 386 37.40 6.33 -13.09
N THR D 387 37.92 5.94 -14.25
CA THR D 387 38.79 4.76 -14.30
C THR D 387 40.05 4.95 -13.47
N ALA D 388 40.67 6.13 -13.56
CA ALA D 388 41.86 6.40 -12.76
C ALA D 388 41.55 6.50 -11.27
N VAL D 389 40.36 6.99 -10.92
CA VAL D 389 39.94 7.01 -9.52
C VAL D 389 39.83 5.59 -8.98
N ASP D 390 39.39 4.65 -9.81
CA ASP D 390 39.38 3.25 -9.41
C ASP D 390 40.79 2.75 -9.12
N HIS D 391 41.75 3.12 -9.98
CA HIS D 391 43.14 2.74 -9.74
C HIS D 391 43.66 3.34 -8.44
N ILE D 392 43.33 4.61 -8.18
CA ILE D 392 43.79 5.26 -6.94
C ILE D 392 43.21 4.57 -5.73
N ARG D 393 41.91 4.26 -5.77
CA ARG D 393 41.29 3.57 -4.63
C ARG D 393 41.87 2.18 -4.44
N GLU D 394 42.15 1.48 -5.54
CA GLU D 394 42.74 0.15 -5.44
C GLU D 394 44.13 0.21 -4.83
N ILE D 395 44.96 1.16 -5.29
CA ILE D 395 46.35 1.20 -4.83
C ILE D 395 46.42 1.68 -3.39
N LEU D 396 45.52 2.57 -2.99
CA LEU D 396 45.47 3.04 -1.61
C LEU D 396 44.85 2.04 -0.65
N ASN D 397 44.29 0.94 -1.16
CA ASN D 397 43.58 -0.05 -0.36
C ASN D 397 42.45 0.61 0.44
N ILE D 398 41.55 1.25 -0.29
CA ILE D 398 40.45 1.99 0.32
C ILE D 398 39.38 1.00 0.77
N ASN D 399 38.98 1.12 2.03
CA ASN D 399 37.92 0.29 2.59
C ASN D 399 37.06 1.16 3.50
N GLN D 400 36.22 0.53 4.31
CA GLN D 400 35.37 1.26 5.23
C GLN D 400 36.17 1.96 6.32
N LYS D 401 37.40 1.53 6.58
CA LYS D 401 38.24 2.12 7.60
C LYS D 401 39.23 3.13 7.03
N ARG D 402 39.90 2.78 5.94
CA ARG D 402 40.89 3.67 5.33
C ARG D 402 40.24 4.74 4.45
N ASN D 403 38.92 4.80 4.41
CA ASN D 403 38.23 5.81 3.60
C ASN D 403 38.59 7.23 4.03
N ASP D 404 39.02 7.41 5.27
CA ASP D 404 39.48 8.73 5.72
C ASP D 404 40.74 9.19 5.00
N TYR D 405 41.48 8.28 4.36
CA TYR D 405 42.76 8.59 3.77
C TYR D 405 42.66 9.10 2.33
N LEU D 406 41.45 9.25 1.79
CA LEU D 406 41.30 9.69 0.40
C LEU D 406 40.03 10.51 0.28
N ASP D 407 40.19 11.80 -0.04
CA ASP D 407 39.09 12.67 -0.40
C ASP D 407 39.41 13.33 -1.73
N ILE D 408 38.44 13.33 -2.64
CA ILE D 408 38.59 13.95 -3.95
C ILE D 408 37.56 15.07 -4.06
N TYR D 409 38.05 16.29 -4.27
CA TYR D 409 37.19 17.44 -4.44
C TYR D 409 37.15 17.82 -5.91
N ALA D 410 35.94 17.92 -6.47
CA ALA D 410 35.74 18.22 -7.88
C ALA D 410 34.95 19.52 -7.97
N ILE D 411 35.65 20.64 -7.98
CA ILE D 411 35.01 21.95 -8.03
C ILE D 411 34.83 22.32 -9.50
N GLY D 412 33.60 22.32 -9.96
CA GLY D 412 33.31 22.76 -11.32
C GLY D 412 33.13 24.26 -11.39
N VAL D 413 33.53 24.82 -12.53
CA VAL D 413 33.46 26.26 -12.73
C VAL D 413 32.94 26.52 -14.14
N GLY D 414 32.04 27.50 -14.25
CA GLY D 414 31.44 27.88 -15.51
C GLY D 414 29.93 27.91 -15.42
N LYS D 415 29.33 28.26 -16.55
CA LYS D 415 27.87 28.35 -16.64
C LYS D 415 27.29 27.70 -17.88
N LEU D 416 28.10 27.27 -18.83
CA LEU D 416 27.62 26.74 -20.10
C LEU D 416 27.80 25.23 -20.22
N ASP D 417 29.02 24.73 -20.11
CA ASP D 417 29.33 23.34 -20.42
C ASP D 417 29.72 22.53 -19.19
N VAL D 418 29.19 22.86 -18.03
CA VAL D 418 29.48 22.13 -16.80
C VAL D 418 28.47 21.00 -16.66
N ASP D 419 28.97 19.77 -16.47
CA ASP D 419 28.14 18.57 -16.41
C ASP D 419 28.14 18.03 -14.99
N TRP D 420 26.94 17.90 -14.41
CA TRP D 420 26.82 17.46 -13.02
C TRP D 420 27.29 16.02 -12.85
N ARG D 421 27.01 15.16 -13.83
CA ARG D 421 27.35 13.74 -13.71
C ARG D 421 28.86 13.56 -13.56
N GLU D 422 29.65 14.28 -14.35
CA GLU D 422 31.10 14.14 -14.31
C GLU D 422 31.66 14.59 -12.97
N LEU D 423 31.22 15.75 -12.49
CA LEU D 423 31.70 16.26 -11.20
C LEU D 423 31.30 15.33 -10.06
N ASN D 424 30.07 14.85 -10.07
CA ASN D 424 29.63 13.91 -9.04
C ASN D 424 30.43 12.62 -9.09
N GLU D 425 30.71 12.12 -10.29
CA GLU D 425 31.44 10.86 -10.44
C GLU D 425 32.87 10.99 -9.93
N LEU D 426 33.53 12.12 -10.22
CA LEU D 426 34.90 12.30 -9.76
C LEU D 426 34.98 12.47 -8.25
N GLY D 427 34.15 13.34 -7.69
CA GLY D 427 34.26 13.66 -6.27
C GLY D 427 33.95 12.47 -5.39
N SER D 428 34.56 12.45 -4.22
CA SER D 428 34.33 11.39 -3.26
C SER D 428 32.96 11.55 -2.61
N LYS D 429 32.46 10.45 -2.05
CA LYS D 429 31.11 10.39 -1.49
C LYS D 429 31.20 9.91 -0.06
N LYS D 430 31.00 10.81 0.90
CA LYS D 430 31.05 10.49 2.32
C LYS D 430 29.84 11.09 3.02
N ASP D 431 29.39 10.40 4.07
CA ASP D 431 28.17 10.80 4.76
C ASP D 431 28.33 12.17 5.41
N GLY D 432 27.35 13.04 5.21
CA GLY D 432 27.30 14.33 5.84
C GLY D 432 28.17 15.40 5.19
N GLU D 433 28.85 15.10 4.10
CA GLU D 433 29.74 16.06 3.45
C GLU D 433 29.50 16.06 1.95
N ARG D 434 29.79 17.20 1.32
CA ARG D 434 29.67 17.38 -0.11
C ARG D 434 31.06 17.66 -0.69
N HIS D 435 31.39 16.99 -1.80
CA HIS D 435 32.67 17.18 -2.46
C HIS D 435 32.56 17.72 -3.87
N ALA D 436 31.43 17.55 -4.55
CA ALA D 436 31.26 18.03 -5.91
C ALA D 436 30.52 19.37 -5.88
N PHE D 437 31.12 20.40 -6.48
CA PHE D 437 30.57 21.74 -6.46
C PHE D 437 30.58 22.32 -7.86
N ILE D 438 29.66 23.25 -8.11
CA ILE D 438 29.65 24.05 -9.33
C ILE D 438 29.45 25.50 -8.93
N LEU D 439 30.30 26.37 -9.46
CA LEU D 439 30.24 27.80 -9.21
C LEU D 439 30.09 28.53 -10.54
N GLN D 440 29.13 29.46 -10.60
CA GLN D 440 28.82 30.10 -11.88
C GLN D 440 29.98 30.92 -12.40
N ASP D 441 30.77 31.52 -11.51
CA ASP D 441 31.88 32.39 -11.91
C ASP D 441 33.10 32.08 -11.06
N THR D 442 34.28 32.36 -11.64
CA THR D 442 35.52 32.20 -10.88
C THR D 442 35.65 33.25 -9.78
N LYS D 443 34.94 34.37 -9.92
CA LYS D 443 34.81 35.29 -8.79
C LYS D 443 34.26 34.56 -7.58
N ALA D 444 33.25 33.71 -7.80
CA ALA D 444 32.71 32.89 -6.72
C ALA D 444 33.75 31.90 -6.21
N LEU D 445 34.61 31.40 -7.09
CA LEU D 445 35.66 30.48 -6.68
C LEU D 445 36.62 31.15 -5.71
N HIS D 446 37.10 32.34 -6.09
CA HIS D 446 37.97 33.10 -5.19
C HIS D 446 37.26 33.45 -3.90
N GLN D 447 35.97 33.79 -3.99
CA GLN D 447 35.19 34.13 -2.80
C GLN D 447 35.10 32.95 -1.84
N VAL D 448 34.82 31.76 -2.36
CA VAL D 448 34.66 30.60 -1.47
C VAL D 448 36.00 30.19 -0.88
N PHE D 449 37.07 30.23 -1.67
CA PHE D 449 38.37 29.87 -1.11
C PHE D 449 38.82 30.86 -0.04
N GLU D 450 38.69 32.17 -0.30
CA GLU D 450 39.26 33.13 0.64
C GLU D 450 38.59 33.09 2.01
N HIS D 451 37.40 32.49 2.12
CA HIS D 451 36.77 32.25 3.42
C HIS D 451 36.61 30.76 3.73
N MET D 452 37.40 29.90 3.08
CA MET D 452 37.08 28.47 3.11
C MET D 452 37.36 27.88 4.49
N LEU D 453 38.52 28.19 5.07
CA LEU D 453 38.78 27.80 6.45
C LEU D 453 38.33 28.89 7.42
N ASP D 454 38.59 28.64 8.70
CA ASP D 454 38.14 29.53 9.76
C ASP D 454 39.26 29.80 10.77
C1 NAG E . -10.54 -16.19 23.05
C2 NAG E . -11.71 -16.00 22.08
C3 NAG E . -12.42 -17.33 21.82
C4 NAG E . -11.43 -18.41 21.44
C5 NAG E . -10.41 -18.53 22.57
C6 NAG E . -9.38 -19.61 22.35
C7 NAG E . -13.06 -13.94 21.93
C8 NAG E . -12.47 -13.72 20.55
N2 NAG E . -12.65 -15.04 22.58
O3 NAG E . -13.37 -17.11 20.80
O4 NAG E . -12.15 -19.61 21.26
O5 NAG E . -9.74 -17.29 22.69
O6 NAG E . -8.68 -19.37 21.15
O7 NAG E . -13.86 -13.14 22.40
C1 NAG F . -19.37 17.82 -29.19
C2 NAG F . -20.20 18.94 -29.84
C3 NAG F . -21.54 18.41 -30.35
C4 NAG F . -21.29 17.20 -31.25
C5 NAG F . -20.47 16.17 -30.49
C6 NAG F . -20.17 14.91 -31.26
C7 NAG F . -21.01 20.04 -27.75
C8 NAG F . -21.04 21.38 -27.05
N2 NAG F . -20.40 20.06 -28.94
O3 NAG F . -22.21 19.44 -31.01
O4 NAG F . -22.56 16.70 -31.62
O5 NAG F . -19.24 16.77 -30.11
O6 NAG F . -19.52 15.23 -32.47
O7 NAG F . -21.51 19.05 -27.24
C1 NAG G . 13.64 -22.93 27.44
C2 NAG G . 13.69 -24.10 28.42
C3 NAG G . 13.54 -23.65 29.88
C4 NAG G . 14.35 -22.40 30.19
C5 NAG G . 13.94 -21.33 29.18
C6 NAG G . 14.59 -19.98 29.41
C7 NAG G . 12.38 -26.23 28.65
C8 NAG G . 11.18 -26.94 28.09
N2 NAG G . 12.63 -25.02 28.10
O3 NAG G . 13.91 -24.71 30.72
O4 NAG G . 14.06 -22.02 31.51
O5 NAG G . 14.33 -21.80 27.91
O6 NAG G . 14.21 -19.47 30.67
O7 NAG G . 13.05 -26.74 29.55
MG MG H . 38.18 22.37 -21.50
#